data_6HTH
#
_entry.id   6HTH
#
_cell.length_a   70.520
_cell.length_b   70.555
_cell.length_c   98.232
_cell.angle_alpha   78.36
_cell.angle_beta   75.84
_cell.angle_gamma   85.74
#
_symmetry.space_group_name_H-M   'P 1'
#
loop_
_entity.id
_entity.type
_entity.pdbx_description
1 polymer 'Histone deacetylase'
2 non-polymer 'ZINC ION'
3 non-polymer 'POTASSIUM ION'
4 non-polymer 4-methoxy-~{N}-oxidanyl-3-[(4-phenylphenyl)carbonylamino]benzamide
5 non-polymer GLYCEROL
6 non-polymer DIMETHYLFORMAMIDE
7 water water
#
_entity_poly.entity_id   1
_entity_poly.type   'polypeptide(L)'
_entity_poly.pdbx_seq_one_letter_code
;HMSVGIVYGDQYRQLCCSSPKFGDRYALVMDLINAYKLIPELSRVPPLQWDSPSRMYEAVTAFHSTEYVDALKKLQMLHC
EEKELTADDELLMDSFSLNYDCPGFPSVFDYSLAAVQGSLAAASALICRHCEVVINWGGGWHHAKRSEASGFCYLNDIVL
AIHRLVSSTPPETSPNRQTRVLYVDLDLHHGDGVEEAFWYSPRVVTFSVHHASPGFFPGTGTWNMVDNDKLPIFLNGAGR
GRFSAFNLPLEEGINDLDWSNAIGPILDSLNIVIQPSYVVVQCGADCLATDPHRIFRLTNFYPNLNLDSDCDSECSLSGY
LYAIKKILSWKVPTLILGGGGYNFPDTARLWTRVTALTIEEVKGKKMTISPEIPEHSYFSRYGPDFELDIDYFPHESHNK
TLDSIQKHHRRILEQLRNYADLNKLIYDYDQVYQLYNLTGMGSLVPR
;
_entity_poly.pdbx_strand_id   A,B,C,D
#
loop_
_chem_comp.id
_chem_comp.type
_chem_comp.name
_chem_comp.formula
DMF non-polymer DIMETHYLFORMAMIDE 'C3 H7 N O'
GOL non-polymer GLYCEROL 'C3 H8 O3'
GQN non-polymer 4-methoxy-~{N}-oxidanyl-3-[(4-phenylphenyl)carbonylamino]benzamide 'C21 H18 N2 O4'
K non-polymer 'POTASSIUM ION' 'K 1'
ZN non-polymer 'ZINC ION' 'Zn 2'
#
# COMPACT_ATOMS: atom_id res chain seq x y z
N SER A 3 -24.48 -24.07 -14.53
CA SER A 3 -24.43 -24.19 -15.97
C SER A 3 -23.00 -24.47 -16.45
N VAL A 4 -22.77 -24.63 -17.75
CA VAL A 4 -21.42 -24.53 -18.32
C VAL A 4 -21.24 -23.08 -18.80
N GLY A 5 -20.25 -22.37 -18.21
CA GLY A 5 -19.93 -21.02 -18.65
C GLY A 5 -18.89 -21.03 -19.78
N ILE A 6 -18.88 -19.96 -20.60
CA ILE A 6 -17.83 -19.77 -21.59
C ILE A 6 -17.54 -18.28 -21.73
N VAL A 7 -16.26 -17.92 -21.67
CA VAL A 7 -15.87 -16.50 -21.63
C VAL A 7 -15.86 -15.95 -23.05
N TYR A 8 -16.65 -14.90 -23.29
CA TYR A 8 -16.54 -14.22 -24.60
C TYR A 8 -17.20 -12.83 -24.54
N GLY A 9 -17.02 -12.09 -25.62
CA GLY A 9 -17.57 -10.75 -25.64
C GLY A 9 -17.00 -10.03 -26.81
N ASP A 10 -17.64 -8.96 -27.28
CA ASP A 10 -17.18 -8.30 -28.52
C ASP A 10 -15.79 -7.73 -28.34
N GLN A 11 -15.57 -6.98 -27.27
CA GLN A 11 -14.24 -6.43 -27.06
C GLN A 11 -13.25 -7.54 -26.80
N TYR A 12 -13.67 -8.55 -26.05
CA TYR A 12 -12.76 -9.60 -25.70
C TYR A 12 -12.28 -10.30 -26.97
N ARG A 13 -13.20 -10.51 -27.91
CA ARG A 13 -12.85 -11.17 -29.15
C ARG A 13 -11.88 -10.33 -29.96
N GLN A 14 -12.19 -9.03 -30.12
CA GLN A 14 -11.26 -8.15 -30.83
C GLN A 14 -9.87 -8.16 -30.17
N LEU A 15 -9.79 -8.14 -28.83
CA LEU A 15 -8.46 -8.10 -28.21
C LEU A 15 -7.73 -9.44 -28.32
N CYS A 16 -8.44 -10.56 -28.09
CA CYS A 16 -7.77 -11.85 -28.25
C CYS A 16 -7.31 -12.10 -29.67
N CYS A 17 -7.82 -11.37 -30.68
CA CYS A 17 -7.38 -11.54 -32.07
C CYS A 17 -6.41 -10.45 -32.54
N SER A 18 -5.81 -9.70 -31.61
CA SER A 18 -5.01 -8.56 -32.01
C SER A 18 -3.51 -8.84 -31.98
N SER A 19 -3.11 -10.09 -31.81
CA SER A 19 -1.65 -10.26 -31.73
C SER A 19 -1.07 -10.89 -32.99
N PRO A 20 0.18 -10.56 -33.29
CA PRO A 20 0.81 -11.10 -34.53
C PRO A 20 1.04 -12.61 -34.52
N LYS A 21 1.24 -13.25 -33.37
CA LYS A 21 1.48 -14.70 -33.31
C LYS A 21 0.18 -15.50 -33.51
N PHE A 22 -0.90 -15.14 -32.81
CA PHE A 22 -2.09 -15.97 -32.85
C PHE A 22 -3.18 -15.43 -33.77
N GLY A 23 -3.00 -14.23 -34.33
CA GLY A 23 -3.94 -13.65 -35.29
C GLY A 23 -5.39 -13.93 -34.90
N ASP A 24 -6.19 -14.57 -35.77
CA ASP A 24 -7.62 -14.70 -35.51
C ASP A 24 -8.03 -16.08 -35.00
N ARG A 25 -7.07 -16.89 -34.51
CA ARG A 25 -7.39 -18.19 -33.93
C ARG A 25 -8.62 -18.19 -33.04
N TYR A 26 -8.74 -17.19 -32.17
CA TYR A 26 -9.78 -17.21 -31.13
C TYR A 26 -11.18 -17.05 -31.74
N ALA A 27 -11.28 -16.17 -32.73
CA ALA A 27 -12.48 -16.01 -33.55
C ALA A 27 -12.85 -17.29 -34.30
N LEU A 28 -11.87 -17.98 -34.91
CA LEU A 28 -12.19 -19.30 -35.52
C LEU A 28 -12.76 -20.27 -34.49
N VAL A 29 -12.13 -20.28 -33.32
CA VAL A 29 -12.62 -21.16 -32.27
C VAL A 29 -14.07 -20.81 -31.91
N MET A 30 -14.31 -19.54 -31.56
CA MET A 30 -15.67 -19.20 -31.08
C MET A 30 -16.70 -19.25 -32.21
N ASP A 31 -16.31 -18.93 -33.44
CA ASP A 31 -17.24 -19.07 -34.57
C ASP A 31 -17.47 -20.53 -34.96
N LEU A 32 -16.50 -21.41 -34.80
CA LEU A 32 -16.82 -22.82 -34.97
C LEU A 32 -17.79 -23.32 -33.87
N ILE A 33 -17.59 -22.91 -32.61
CA ILE A 33 -18.50 -23.26 -31.50
C ILE A 33 -19.91 -22.75 -31.78
N ASN A 34 -20.00 -21.56 -32.39
CA ASN A 34 -21.30 -20.97 -32.70
C ASN A 34 -21.96 -21.67 -33.92
N ALA A 35 -21.14 -22.09 -34.91
CA ALA A 35 -21.64 -22.75 -36.12
C ALA A 35 -22.27 -24.08 -35.79
N TYR A 36 -21.76 -24.76 -34.77
CA TYR A 36 -22.35 -26.01 -34.31
C TYR A 36 -23.46 -25.80 -33.27
N LYS A 37 -24.00 -24.58 -33.14
CA LYS A 37 -25.15 -24.30 -32.26
C LYS A 37 -24.88 -24.68 -30.81
N LEU A 38 -23.61 -24.68 -30.37
CA LEU A 38 -23.32 -24.90 -28.96
C LEU A 38 -23.53 -23.66 -28.10
N ILE A 39 -23.64 -22.48 -28.68
CA ILE A 39 -23.62 -21.24 -27.87
C ILE A 39 -24.91 -21.16 -27.02
N PRO A 40 -26.10 -21.49 -27.52
CA PRO A 40 -27.30 -21.39 -26.65
C PRO A 40 -27.30 -22.34 -25.44
N GLU A 41 -26.42 -23.33 -25.37
CA GLU A 41 -26.27 -24.24 -24.24
C GLU A 41 -25.36 -23.69 -23.13
N LEU A 42 -24.68 -22.56 -23.35
CA LEU A 42 -23.57 -22.11 -22.50
C LEU A 42 -23.98 -20.81 -21.85
N SER A 43 -23.62 -20.64 -20.60
CA SER A 43 -23.78 -19.33 -19.99
C SER A 43 -22.66 -18.40 -20.46
N ARG A 44 -22.98 -17.22 -20.98
CA ARG A 44 -21.89 -16.31 -21.35
C ARG A 44 -21.26 -15.70 -20.09
N VAL A 45 -19.94 -15.84 -19.90
CA VAL A 45 -19.25 -15.24 -18.77
C VAL A 45 -18.51 -14.00 -19.29
N PRO A 46 -18.88 -12.79 -18.85
CA PRO A 46 -18.19 -11.60 -19.35
C PRO A 46 -16.86 -11.43 -18.64
N PRO A 47 -15.81 -11.01 -19.36
CA PRO A 47 -14.51 -10.72 -18.70
C PRO A 47 -14.64 -9.65 -17.64
N LEU A 48 -13.80 -9.78 -16.61
CA LEU A 48 -13.85 -8.90 -15.45
C LEU A 48 -13.35 -7.54 -15.87
N GLN A 49 -13.99 -6.49 -15.35
CA GLN A 49 -13.41 -5.17 -15.50
C GLN A 49 -13.30 -4.53 -14.11
N TRP A 50 -12.42 -3.55 -13.99
CA TRP A 50 -12.11 -2.96 -12.70
C TRP A 50 -12.66 -1.53 -12.58
N ASP A 51 -12.79 -1.05 -11.32
CA ASP A 51 -13.29 0.31 -11.12
C ASP A 51 -12.20 1.36 -11.19
N SER A 52 -10.94 0.97 -11.32
CA SER A 52 -9.87 1.96 -11.30
C SER A 52 -8.58 1.31 -11.77
N PRO A 53 -7.61 2.12 -12.24
CA PRO A 53 -6.25 1.60 -12.43
C PRO A 53 -5.69 0.91 -11.21
N SER A 54 -5.97 1.41 -10.01
CA SER A 54 -5.40 0.85 -8.78
C SER A 54 -5.90 -0.56 -8.54
N ARG A 55 -7.20 -0.80 -8.71
CA ARG A 55 -7.74 -2.13 -8.58
C ARG A 55 -7.17 -3.08 -9.65
N MET A 56 -7.04 -2.61 -10.87
CA MET A 56 -6.47 -3.51 -11.88
C MET A 56 -5.05 -3.87 -11.47
N TYR A 57 -4.28 -2.86 -11.05
CA TYR A 57 -2.91 -3.04 -10.60
C TYR A 57 -2.82 -4.01 -9.42
N GLU A 58 -3.70 -3.87 -8.44
CA GLU A 58 -3.66 -4.79 -7.32
C GLU A 58 -4.00 -6.22 -7.78
N ALA A 59 -4.92 -6.39 -8.75
CA ALA A 59 -5.25 -7.73 -9.21
C ALA A 59 -4.06 -8.38 -9.91
N VAL A 60 -3.39 -7.64 -10.81
CA VAL A 60 -2.31 -8.27 -11.59
C VAL A 60 -1.05 -8.48 -10.74
N THR A 61 -0.75 -7.54 -9.82
CA THR A 61 0.41 -7.68 -8.96
C THR A 61 0.18 -8.59 -7.77
N ALA A 62 -0.95 -9.32 -7.71
CA ALA A 62 -1.05 -10.50 -6.85
C ALA A 62 -0.01 -11.55 -7.20
N PHE A 63 0.48 -11.55 -8.46
CA PHE A 63 1.53 -12.44 -8.89
C PHE A 63 2.69 -11.67 -9.51
N HIS A 64 2.37 -10.75 -10.42
CA HIS A 64 3.43 -10.12 -11.19
C HIS A 64 3.97 -8.93 -10.42
N SER A 65 5.23 -8.58 -10.67
CA SER A 65 5.81 -7.43 -9.96
C SER A 65 5.31 -6.13 -10.58
N THR A 66 5.21 -5.08 -9.73
CA THR A 66 4.75 -3.79 -10.22
C THR A 66 5.65 -3.26 -11.33
N GLU A 67 6.98 -3.42 -11.19
CA GLU A 67 7.85 -2.90 -12.22
C GLU A 67 7.67 -3.65 -13.53
N TYR A 68 7.44 -4.97 -13.48
CA TYR A 68 7.15 -5.70 -14.72
C TYR A 68 5.85 -5.20 -15.35
N VAL A 69 4.84 -4.95 -14.52
CA VAL A 69 3.61 -4.46 -15.07
C VAL A 69 3.80 -3.09 -15.69
N ASP A 70 4.55 -2.18 -15.01
CA ASP A 70 4.86 -0.88 -15.60
C ASP A 70 5.58 -1.02 -16.92
N ALA A 71 6.53 -1.99 -17.02
CA ALA A 71 7.30 -2.19 -18.25
C ALA A 71 6.40 -2.62 -19.37
N LEU A 72 5.43 -3.51 -19.09
CA LEU A 72 4.55 -3.98 -20.15
C LEU A 72 3.59 -2.88 -20.66
N LYS A 73 3.06 -2.06 -19.76
CA LYS A 73 2.24 -0.91 -20.18
C LYS A 73 3.04 0.09 -21.02
N LYS A 74 4.27 0.43 -20.58
CA LYS A 74 5.11 1.34 -21.34
C LYS A 74 5.44 0.79 -22.72
N LEU A 75 5.58 -0.54 -22.84
CA LEU A 75 5.91 -1.16 -24.12
C LEU A 75 4.77 -0.98 -25.11
N GLN A 76 3.54 -1.21 -24.68
CA GLN A 76 2.40 -0.93 -25.53
C GLN A 76 2.40 0.52 -26.02
N MET A 77 2.56 1.46 -25.10
CA MET A 77 2.56 2.87 -25.50
C MET A 77 3.69 3.17 -26.48
N LEU A 78 4.87 2.58 -26.24
CA LEU A 78 6.00 2.72 -27.17
C LEU A 78 5.65 2.20 -28.54
N HIS A 79 4.96 1.07 -28.61
CA HIS A 79 4.51 0.53 -29.89
C HIS A 79 3.31 1.26 -30.47
N CYS A 80 2.68 2.18 -29.73
CA CYS A 80 1.61 2.95 -30.35
C CYS A 80 2.13 4.17 -31.10
N GLU A 81 3.41 4.51 -30.89
CA GLU A 81 4.21 5.25 -31.86
C GLU A 81 4.78 4.27 -32.90
N GLU A 82 5.46 4.83 -33.90
CA GLU A 82 6.39 4.05 -34.69
C GLU A 82 7.83 4.46 -34.43
N LYS A 83 8.05 5.65 -33.85
CA LYS A 83 9.30 6.00 -33.22
C LYS A 83 9.80 4.80 -32.43
N GLU A 84 10.86 4.15 -32.92
CA GLU A 84 11.38 2.95 -32.31
C GLU A 84 12.08 3.26 -30.97
N LEU A 85 12.51 2.20 -30.29
CA LEU A 85 12.91 2.30 -28.89
C LEU A 85 14.27 2.99 -28.74
N THR A 86 14.46 3.68 -27.63
CA THR A 86 15.82 4.14 -27.32
C THR A 86 16.63 3.00 -26.72
N ALA A 87 17.95 3.22 -26.62
CA ALA A 87 18.82 2.25 -25.96
C ALA A 87 18.36 1.98 -24.53
N ASP A 88 17.96 3.02 -23.79
CA ASP A 88 17.55 2.76 -22.40
C ASP A 88 16.24 1.97 -22.34
N ASP A 89 15.27 2.27 -23.21
CA ASP A 89 14.03 1.51 -23.17
C ASP A 89 14.27 0.06 -23.61
N GLU A 90 15.16 -0.18 -24.59
CA GLU A 90 15.47 -1.55 -24.98
C GLU A 90 16.12 -2.33 -23.84
N LEU A 91 17.05 -1.70 -23.10
CA LEU A 91 17.60 -2.29 -21.89
C LEU A 91 16.50 -2.66 -20.90
N LEU A 92 15.63 -1.70 -20.62
CA LEU A 92 14.53 -1.92 -19.72
C LEU A 92 13.67 -3.11 -20.19
N MET A 93 13.30 -3.13 -21.48
CA MET A 93 12.47 -4.25 -21.93
C MET A 93 13.22 -5.59 -21.82
N ASP A 94 14.49 -5.58 -22.22
CA ASP A 94 15.33 -6.77 -22.12
C ASP A 94 15.34 -7.34 -20.70
N SER A 95 15.38 -6.47 -19.70
CA SER A 95 15.42 -6.97 -18.33
C SER A 95 14.14 -7.72 -17.91
N PHE A 96 13.04 -7.65 -18.68
CA PHE A 96 11.85 -8.45 -18.45
C PHE A 96 11.58 -9.48 -19.57
N SER A 97 12.57 -9.74 -20.44
CA SER A 97 12.45 -10.66 -21.60
C SER A 97 11.29 -10.25 -22.50
N LEU A 98 11.01 -8.96 -22.52
CA LEU A 98 10.06 -8.37 -23.46
C LEU A 98 10.85 -8.11 -24.75
N ASN A 99 11.16 -9.21 -25.43
CA ASN A 99 12.01 -9.20 -26.62
C ASN A 99 11.87 -10.56 -27.30
N TYR A 100 12.41 -10.63 -28.52
CA TYR A 100 12.53 -11.88 -29.28
C TYR A 100 11.18 -12.56 -29.44
N ASP A 101 10.98 -13.69 -28.76
CA ASP A 101 9.72 -14.43 -28.81
C ASP A 101 8.54 -13.67 -28.20
N CYS A 102 8.80 -12.68 -27.33
CA CYS A 102 7.78 -11.87 -26.68
C CYS A 102 7.97 -10.39 -26.98
N PRO A 103 7.88 -9.98 -28.25
CA PRO A 103 8.12 -8.57 -28.59
C PRO A 103 6.91 -7.72 -28.26
N GLY A 104 7.08 -6.41 -28.39
CA GLY A 104 5.97 -5.50 -28.28
C GLY A 104 5.13 -5.45 -29.54
N PHE A 105 3.88 -5.06 -29.38
CA PHE A 105 3.02 -4.69 -30.49
C PHE A 105 1.95 -3.76 -29.93
N PRO A 106 1.17 -3.09 -30.79
CA PRO A 106 0.30 -1.99 -30.30
C PRO A 106 -0.67 -2.31 -29.17
N SER A 107 -1.22 -3.51 -29.11
CA SER A 107 -2.19 -3.84 -28.06
C SER A 107 -1.63 -4.79 -26.98
N VAL A 108 -0.32 -5.05 -26.96
CA VAL A 108 0.29 -6.11 -26.16
C VAL A 108 -0.17 -6.10 -24.69
N PHE A 109 -0.32 -4.91 -24.09
CA PHE A 109 -0.74 -4.92 -22.69
C PHE A 109 -2.23 -5.20 -22.57
N ASP A 110 -3.07 -4.50 -23.35
CA ASP A 110 -4.51 -4.74 -23.34
C ASP A 110 -4.82 -6.18 -23.69
N TYR A 111 -4.11 -6.70 -24.70
CA TYR A 111 -4.23 -8.07 -25.21
C TYR A 111 -3.90 -9.09 -24.13
N SER A 112 -2.86 -8.80 -23.36
CA SER A 112 -2.40 -9.67 -22.29
C SER A 112 -3.37 -9.64 -21.13
N LEU A 113 -3.80 -8.41 -20.76
CA LEU A 113 -4.78 -8.18 -19.71
C LEU A 113 -6.10 -8.84 -20.03
N ALA A 114 -6.48 -8.86 -21.30
CA ALA A 114 -7.77 -9.46 -21.65
C ALA A 114 -7.88 -10.88 -21.11
N ALA A 115 -6.85 -11.71 -21.32
CA ALA A 115 -6.97 -13.12 -20.90
C ALA A 115 -7.05 -13.23 -19.39
N VAL A 116 -6.31 -12.38 -18.66
CA VAL A 116 -6.48 -12.24 -17.20
C VAL A 116 -7.94 -11.89 -16.81
N GLN A 117 -8.49 -10.82 -17.37
CA GLN A 117 -9.91 -10.51 -17.16
C GLN A 117 -10.79 -11.71 -17.46
N GLY A 118 -10.45 -12.46 -18.48
CA GLY A 118 -11.32 -13.60 -18.78
C GLY A 118 -11.20 -14.67 -17.73
N SER A 119 -10.00 -15.06 -17.39
CA SER A 119 -9.82 -16.15 -16.46
C SER A 119 -10.20 -15.76 -15.01
N LEU A 120 -10.09 -14.47 -14.64
CA LEU A 120 -10.54 -14.05 -13.31
C LEU A 120 -12.06 -14.03 -13.20
N ALA A 121 -12.77 -13.70 -14.29
CA ALA A 121 -14.23 -13.88 -14.30
C ALA A 121 -14.60 -15.35 -14.26
N ALA A 122 -13.89 -16.19 -15.01
CA ALA A 122 -14.16 -17.63 -14.96
C ALA A 122 -14.10 -18.17 -13.52
N ALA A 123 -13.02 -17.83 -12.81
CA ALA A 123 -12.86 -18.23 -11.42
C ALA A 123 -14.01 -17.70 -10.56
N SER A 124 -14.44 -16.46 -10.81
CA SER A 124 -15.51 -15.89 -9.98
C SER A 124 -16.82 -16.63 -10.17
N ALA A 125 -17.11 -17.04 -11.40
CA ALA A 125 -18.37 -17.73 -11.67
C ALA A 125 -18.38 -19.10 -10.99
N LEU A 126 -17.23 -19.78 -10.97
CA LEU A 126 -17.08 -21.00 -10.17
C LEU A 126 -17.24 -20.72 -8.68
N ILE A 127 -16.60 -19.68 -8.17
CA ILE A 127 -16.62 -19.46 -6.72
C ILE A 127 -18.04 -19.12 -6.27
N CYS A 128 -18.70 -18.23 -6.97
CA CYS A 128 -20.07 -17.81 -6.67
CA CYS A 128 -20.06 -17.82 -6.61
C CYS A 128 -21.10 -18.86 -7.02
N ARG A 129 -20.69 -20.04 -7.51
CA ARG A 129 -21.58 -21.16 -7.78
C ARG A 129 -22.47 -20.96 -9.00
N HIS A 130 -22.21 -19.94 -9.82
CA HIS A 130 -23.00 -19.73 -11.03
C HIS A 130 -22.81 -20.92 -11.99
N CYS A 131 -21.57 -21.29 -12.24
CA CYS A 131 -21.25 -22.33 -13.18
C CYS A 131 -20.51 -23.44 -12.46
N GLU A 132 -20.80 -24.68 -12.88
CA GLU A 132 -20.04 -25.87 -12.50
C GLU A 132 -18.68 -25.97 -13.22
N VAL A 133 -18.63 -25.52 -14.47
CA VAL A 133 -17.47 -25.58 -15.36
C VAL A 133 -17.53 -24.29 -16.18
N VAL A 134 -16.37 -23.67 -16.37
CA VAL A 134 -16.28 -22.46 -17.21
C VAL A 134 -15.12 -22.67 -18.14
N ILE A 135 -15.28 -22.21 -19.38
CA ILE A 135 -14.33 -22.39 -20.48
C ILE A 135 -13.85 -21.01 -20.86
N ASN A 136 -12.55 -20.86 -20.95
CA ASN A 136 -11.99 -19.64 -21.51
C ASN A 136 -10.96 -20.09 -22.51
N TRP A 137 -11.33 -20.07 -23.79
CA TRP A 137 -10.38 -20.37 -24.83
C TRP A 137 -9.50 -19.17 -25.20
N GLY A 138 -9.70 -18.02 -24.58
CA GLY A 138 -8.68 -17.02 -24.73
C GLY A 138 -7.63 -17.02 -23.65
N GLY A 139 -7.66 -18.02 -22.76
CA GLY A 139 -6.77 -18.11 -21.62
C GLY A 139 -5.79 -19.27 -21.76
N GLY A 140 -4.99 -19.48 -20.72
CA GLY A 140 -4.07 -20.61 -20.70
C GLY A 140 -2.62 -20.24 -20.98
N TRP A 141 -2.16 -19.05 -20.53
CA TRP A 141 -0.82 -18.49 -20.83
C TRP A 141 0.17 -18.87 -19.71
N HIS A 142 0.50 -20.18 -19.72
CA HIS A 142 1.11 -20.82 -18.56
C HIS A 142 2.63 -20.57 -18.42
N HIS A 143 3.29 -19.87 -19.35
CA HIS A 143 4.75 -19.66 -19.25
C HIS A 143 5.16 -18.35 -18.59
N ALA A 144 4.23 -17.40 -18.41
CA ALA A 144 4.63 -16.09 -17.94
C ALA A 144 5.08 -16.20 -16.49
N LYS A 145 6.13 -15.48 -16.15
CA LYS A 145 6.67 -15.45 -14.77
C LYS A 145 6.38 -14.12 -14.08
N ARG A 146 6.72 -14.08 -12.78
CA ARG A 146 6.49 -12.87 -11.96
C ARG A 146 6.97 -11.59 -12.65
N SER A 147 8.21 -11.60 -13.17
CA SER A 147 8.78 -10.44 -13.87
C SER A 147 9.36 -10.83 -15.24
N GLU A 148 8.72 -11.73 -15.98
CA GLU A 148 9.36 -12.10 -17.24
C GLU A 148 8.29 -12.63 -18.15
N ALA A 149 8.25 -12.10 -19.37
CA ALA A 149 7.52 -12.69 -20.48
C ALA A 149 8.32 -13.93 -20.95
N SER A 150 7.60 -14.92 -21.46
CA SER A 150 8.17 -16.18 -21.90
C SER A 150 7.20 -16.92 -22.81
N GLY A 151 7.69 -17.38 -23.95
CA GLY A 151 6.86 -18.21 -24.80
C GLY A 151 5.55 -17.57 -25.21
N PHE A 152 5.63 -16.31 -25.63
CA PHE A 152 4.48 -15.46 -25.98
C PHE A 152 3.40 -15.41 -24.87
N CYS A 153 3.73 -15.78 -23.66
CA CYS A 153 2.91 -15.47 -22.49
C CYS A 153 3.46 -14.22 -21.83
N TYR A 154 2.63 -13.19 -21.67
CA TYR A 154 3.10 -11.95 -21.05
C TYR A 154 2.57 -11.79 -19.65
N LEU A 155 1.33 -12.22 -19.38
CA LEU A 155 0.75 -12.21 -18.05
C LEU A 155 0.20 -13.59 -17.75
N ASN A 156 0.41 -14.06 -16.53
CA ASN A 156 -0.02 -15.45 -16.30
C ASN A 156 -1.47 -15.47 -15.83
N ASP A 157 -2.43 -15.59 -16.77
CA ASP A 157 -3.82 -15.60 -16.34
C ASP A 157 -4.16 -16.80 -15.45
N ILE A 158 -3.47 -17.95 -15.63
CA ILE A 158 -3.77 -19.16 -14.87
C ILE A 158 -3.38 -18.97 -13.40
N VAL A 159 -2.18 -18.47 -13.17
CA VAL A 159 -1.77 -18.22 -11.78
C VAL A 159 -2.79 -17.33 -11.10
N LEU A 160 -3.05 -16.17 -11.71
CA LEU A 160 -4.02 -15.25 -11.12
C LEU A 160 -5.38 -15.93 -10.86
N ALA A 161 -5.90 -16.70 -11.82
CA ALA A 161 -7.19 -17.31 -11.57
C ALA A 161 -7.11 -18.32 -10.43
N ILE A 162 -6.06 -19.14 -10.41
CA ILE A 162 -5.91 -20.10 -9.33
C ILE A 162 -5.78 -19.38 -8.00
N HIS A 163 -5.00 -18.31 -7.98
CA HIS A 163 -4.86 -17.52 -6.75
C HIS A 163 -6.22 -17.00 -6.26
N ARG A 164 -7.07 -16.48 -7.17
CA ARG A 164 -8.43 -16.14 -6.77
C ARG A 164 -9.19 -17.35 -6.24
N LEU A 165 -9.04 -18.53 -6.85
CA LEU A 165 -9.77 -19.68 -6.34
C LEU A 165 -9.33 -20.03 -4.91
N VAL A 166 -8.00 -20.14 -4.69
CA VAL A 166 -7.54 -20.60 -3.37
C VAL A 166 -7.84 -19.58 -2.30
N SER A 167 -7.80 -18.30 -2.66
CA SER A 167 -8.05 -17.28 -1.65
C SER A 167 -9.54 -16.98 -1.57
N SER A 168 -10.37 -17.97 -1.88
CA SER A 168 -11.80 -17.86 -1.62
C SER A 168 -12.10 -18.58 -0.31
N GLN A 178 -10.48 -26.23 3.88
CA GLN A 178 -9.22 -25.84 3.21
C GLN A 178 -9.25 -26.01 1.67
N THR A 179 -9.28 -24.89 0.94
CA THR A 179 -9.34 -24.92 -0.52
C THR A 179 -8.04 -25.50 -1.12
N ARG A 180 -8.17 -26.59 -1.88
CA ARG A 180 -7.07 -27.15 -2.65
CA ARG A 180 -7.08 -27.16 -2.65
C ARG A 180 -7.42 -27.06 -4.13
N VAL A 181 -6.44 -26.69 -4.93
CA VAL A 181 -6.61 -26.62 -6.36
C VAL A 181 -5.67 -27.62 -6.98
N LEU A 182 -6.22 -28.48 -7.86
CA LEU A 182 -5.40 -29.32 -8.76
C LEU A 182 -5.32 -28.68 -10.15
N TYR A 183 -4.12 -28.27 -10.55
CA TYR A 183 -3.86 -27.78 -11.90
C TYR A 183 -3.32 -28.90 -12.80
N VAL A 184 -3.98 -29.12 -13.96
CA VAL A 184 -3.65 -30.20 -14.91
C VAL A 184 -3.35 -29.54 -16.25
N ASP A 185 -2.15 -29.77 -16.75
CA ASP A 185 -1.61 -28.98 -17.88
C ASP A 185 -1.36 -29.95 -19.03
N LEU A 186 -2.23 -29.91 -20.02
CA LEU A 186 -2.20 -30.89 -21.09
C LEU A 186 -1.43 -30.40 -22.32
N ASP A 187 -0.88 -29.19 -22.25
CA ASP A 187 -0.17 -28.59 -23.35
C ASP A 187 1.07 -29.45 -23.72
N LEU A 188 1.50 -29.36 -24.99
CA LEU A 188 2.77 -29.97 -25.42
C LEU A 188 3.96 -29.54 -24.55
N HIS A 189 3.91 -28.34 -24.03
CA HIS A 189 5.04 -27.69 -23.40
C HIS A 189 4.83 -27.75 -21.88
N HIS A 190 5.91 -27.97 -21.15
CA HIS A 190 5.86 -27.89 -19.70
C HIS A 190 5.22 -26.58 -19.21
N GLY A 191 4.32 -26.67 -18.23
CA GLY A 191 3.73 -25.46 -17.68
C GLY A 191 4.60 -24.88 -16.58
N ASP A 192 5.71 -24.25 -16.94
CA ASP A 192 6.72 -23.86 -15.96
C ASP A 192 6.30 -22.66 -15.12
N GLY A 193 5.66 -21.64 -15.72
CA GLY A 193 5.25 -20.50 -14.91
C GLY A 193 4.25 -20.85 -13.82
N VAL A 194 3.28 -21.72 -14.15
CA VAL A 194 2.30 -22.06 -13.11
C VAL A 194 2.94 -22.92 -12.02
N GLU A 195 3.75 -23.90 -12.44
CA GLU A 195 4.54 -24.69 -11.47
C GLU A 195 5.37 -23.82 -10.55
N GLU A 196 6.12 -22.87 -11.13
CA GLU A 196 7.00 -22.01 -10.33
C GLU A 196 6.20 -21.12 -9.40
N ALA A 197 5.06 -20.59 -9.86
CA ALA A 197 4.24 -19.73 -8.99
C ALA A 197 3.88 -20.44 -7.69
N PHE A 198 3.66 -21.74 -7.77
CA PHE A 198 3.10 -22.48 -6.65
C PHE A 198 4.09 -23.51 -6.11
N TRP A 199 5.36 -23.38 -6.48
CA TRP A 199 6.49 -24.18 -6.01
C TRP A 199 6.46 -24.43 -4.50
N TYR A 200 6.04 -23.41 -3.76
CA TYR A 200 6.09 -23.44 -2.29
C TYR A 200 4.71 -23.64 -1.67
N SER A 201 3.72 -24.08 -2.46
CA SER A 201 2.31 -24.06 -2.04
CA SER A 201 2.31 -24.06 -2.07
C SER A 201 1.74 -25.45 -2.10
N PRO A 202 1.50 -26.09 -0.95
CA PRO A 202 0.85 -27.42 -0.98
C PRO A 202 -0.61 -27.41 -1.45
N ARG A 203 -1.35 -26.31 -1.35
CA ARG A 203 -2.77 -26.36 -1.66
CA ARG A 203 -2.77 -26.39 -1.67
C ARG A 203 -3.06 -26.17 -3.15
N VAL A 204 -2.03 -26.08 -3.98
CA VAL A 204 -2.15 -25.92 -5.41
C VAL A 204 -1.20 -26.97 -5.95
N VAL A 205 -1.73 -28.13 -6.31
CA VAL A 205 -0.92 -29.21 -6.84
C VAL A 205 -0.90 -29.12 -8.35
N THR A 206 0.29 -29.09 -8.96
CA THR A 206 0.40 -28.90 -10.40
C THR A 206 0.83 -30.21 -11.04
N PHE A 207 0.27 -30.52 -12.20
CA PHE A 207 0.54 -31.78 -12.89
C PHE A 207 0.62 -31.42 -14.36
N SER A 208 1.80 -31.56 -14.97
CA SER A 208 2.04 -31.21 -16.37
C SER A 208 2.53 -32.47 -17.05
N VAL A 209 1.90 -32.81 -18.16
CA VAL A 209 2.37 -33.84 -19.06
C VAL A 209 2.79 -33.09 -20.31
N HIS A 210 3.88 -33.50 -20.92
CA HIS A 210 4.47 -32.63 -21.93
C HIS A 210 5.58 -33.38 -22.64
N HIS A 211 5.97 -32.89 -23.81
CA HIS A 211 7.25 -33.33 -24.36
C HIS A 211 8.37 -32.63 -23.63
N ALA A 212 9.45 -33.37 -23.34
CA ALA A 212 10.68 -32.69 -22.95
C ALA A 212 11.87 -33.38 -23.60
N SER A 213 12.86 -32.61 -24.03
CA SER A 213 14.05 -33.25 -24.62
C SER A 213 15.12 -32.19 -24.68
N PRO A 214 16.38 -32.53 -24.94
CA PRO A 214 17.44 -31.51 -24.91
C PRO A 214 17.21 -30.42 -25.94
N GLY A 215 17.20 -29.15 -25.44
CA GLY A 215 16.98 -27.98 -26.31
C GLY A 215 15.53 -27.53 -26.53
N PHE A 216 14.54 -28.29 -26.05
CA PHE A 216 13.13 -28.09 -26.37
C PHE A 216 12.54 -27.19 -25.31
N PHE A 217 11.83 -26.16 -25.76
CA PHE A 217 11.26 -25.15 -24.88
C PHE A 217 10.27 -25.79 -23.91
N PRO A 218 10.22 -25.30 -22.64
CA PRO A 218 11.16 -24.32 -22.01
C PRO A 218 12.34 -24.94 -21.31
N GLY A 219 12.37 -26.26 -21.21
CA GLY A 219 13.54 -26.95 -20.73
C GLY A 219 13.31 -27.65 -19.40
N THR A 220 12.21 -27.34 -18.75
CA THR A 220 11.92 -27.87 -17.42
C THR A 220 10.93 -29.04 -17.52
N GLY A 221 10.45 -29.50 -16.35
CA GLY A 221 9.52 -30.62 -16.33
C GLY A 221 10.14 -31.98 -16.59
N THR A 222 11.42 -32.16 -16.24
CA THR A 222 12.13 -33.39 -16.51
C THR A 222 13.34 -33.47 -15.60
N TRP A 223 14.21 -34.45 -15.84
CA TRP A 223 15.28 -34.73 -14.89
C TRP A 223 16.17 -33.51 -14.74
N ASN A 224 16.81 -33.37 -13.58
CA ASN A 224 17.55 -32.16 -13.29
C ASN A 224 18.89 -32.43 -12.58
N PRO A 232 20.70 -37.68 -11.53
CA PRO A 232 19.67 -36.65 -11.77
C PRO A 232 18.28 -37.10 -11.33
N ILE A 233 17.50 -36.21 -10.68
CA ILE A 233 16.16 -36.54 -10.20
C ILE A 233 15.20 -35.40 -10.53
N PHE A 234 13.90 -35.63 -10.34
CA PHE A 234 12.89 -34.59 -10.52
C PHE A 234 12.84 -33.65 -9.32
N LEU A 235 12.93 -32.35 -9.56
CA LEU A 235 12.57 -31.41 -8.51
C LEU A 235 11.04 -31.37 -8.42
N ASN A 236 10.49 -31.18 -7.24
CA ASN A 236 9.04 -31.29 -7.18
C ASN A 236 8.39 -30.39 -6.14
N GLY A 237 9.00 -29.27 -5.81
CA GLY A 237 8.45 -28.38 -4.79
C GLY A 237 9.49 -28.05 -3.71
N ALA A 238 9.28 -27.01 -2.90
CA ALA A 238 10.18 -26.75 -1.77
C ALA A 238 9.39 -26.15 -0.63
N GLY A 239 9.96 -26.25 0.58
CA GLY A 239 9.23 -25.85 1.78
C GLY A 239 7.99 -26.70 1.98
N ARG A 240 6.87 -26.06 2.34
CA ARG A 240 5.68 -26.87 2.54
C ARG A 240 5.12 -27.36 1.22
N GLY A 241 5.62 -26.83 0.10
CA GLY A 241 5.31 -27.24 -1.24
C GLY A 241 6.03 -28.50 -1.68
N ARG A 242 6.86 -29.09 -0.83
CA ARG A 242 7.63 -30.26 -1.33
C ARG A 242 6.66 -31.32 -1.80
N PHE A 243 6.97 -31.95 -2.94
CA PHE A 243 6.19 -33.03 -3.53
C PHE A 243 4.88 -32.60 -4.17
N SER A 244 4.58 -31.29 -4.23
CA SER A 244 3.31 -30.80 -4.77
C SER A 244 3.37 -30.40 -6.23
N ALA A 245 4.53 -30.51 -6.90
CA ALA A 245 4.64 -30.26 -8.34
C ALA A 245 4.95 -31.59 -9.05
N PHE A 246 4.03 -32.07 -9.94
CA PHE A 246 4.13 -33.33 -10.68
C PHE A 246 4.41 -33.11 -12.17
N ASN A 247 5.31 -33.91 -12.73
CA ASN A 247 5.69 -33.78 -14.13
C ASN A 247 5.78 -35.18 -14.72
N LEU A 248 5.19 -35.36 -15.90
CA LEU A 248 5.28 -36.57 -16.71
C LEU A 248 5.77 -36.17 -18.10
N PRO A 249 7.08 -36.21 -18.34
CA PRO A 249 7.58 -35.89 -19.68
C PRO A 249 7.53 -37.11 -20.59
N LEU A 250 7.02 -36.93 -21.81
CA LEU A 250 6.85 -38.07 -22.72
C LEU A 250 7.70 -37.88 -23.96
N GLU A 251 8.07 -39.00 -24.56
CA GLU A 251 8.88 -38.98 -25.78
C GLU A 251 8.06 -38.51 -27.00
N GLU A 252 8.77 -38.07 -28.03
CA GLU A 252 8.09 -37.65 -29.23
C GLU A 252 7.44 -38.82 -29.92
N GLY A 253 6.33 -38.53 -30.63
CA GLY A 253 5.61 -39.49 -31.43
C GLY A 253 4.46 -40.22 -30.75
N ILE A 254 4.06 -39.85 -29.52
CA ILE A 254 3.10 -40.66 -28.78
C ILE A 254 1.69 -40.47 -29.34
N ASN A 255 0.91 -41.54 -29.31
CA ASN A 255 -0.42 -41.51 -29.89
C ASN A 255 -1.44 -41.36 -28.78
N ASP A 256 -2.73 -41.28 -29.16
CA ASP A 256 -3.81 -41.05 -28.18
C ASP A 256 -3.86 -42.11 -27.08
N LEU A 257 -3.81 -43.40 -27.46
CA LEU A 257 -3.97 -44.47 -26.47
C LEU A 257 -2.79 -44.53 -25.48
N ASP A 258 -1.54 -44.42 -25.97
CA ASP A 258 -0.39 -44.45 -25.04
C ASP A 258 -0.35 -43.21 -24.16
N TRP A 259 -0.67 -42.03 -24.71
CA TRP A 259 -0.74 -40.85 -23.85
C TRP A 259 -1.85 -41.01 -22.82
N SER A 260 -2.97 -41.64 -23.21
CA SER A 260 -4.14 -41.79 -22.34
C SER A 260 -3.83 -42.70 -21.16
N ASN A 261 -3.20 -43.85 -21.43
CA ASN A 261 -2.77 -44.79 -20.39
C ASN A 261 -1.68 -44.18 -19.48
N ALA A 262 -0.86 -43.26 -20.00
CA ALA A 262 0.17 -42.66 -19.15
C ALA A 262 -0.41 -41.68 -18.15
N ILE A 263 -1.46 -40.94 -18.53
CA ILE A 263 -1.92 -39.85 -17.71
C ILE A 263 -3.12 -40.25 -16.84
N GLY A 264 -3.93 -41.22 -17.33
CA GLY A 264 -5.21 -41.54 -16.71
C GLY A 264 -5.16 -42.03 -15.27
N PRO A 265 -4.30 -42.98 -15.00
CA PRO A 265 -4.16 -43.39 -13.60
C PRO A 265 -3.50 -42.34 -12.73
N ILE A 266 -2.65 -41.47 -13.30
CA ILE A 266 -2.10 -40.39 -12.50
C ILE A 266 -3.22 -39.43 -12.09
N LEU A 267 -3.98 -38.95 -13.08
CA LEU A 267 -5.10 -38.06 -12.79
C LEU A 267 -6.01 -38.67 -11.75
N ASP A 268 -6.34 -39.96 -11.93
CA ASP A 268 -7.24 -40.60 -10.99
C ASP A 268 -6.67 -40.64 -9.59
N SER A 269 -5.40 -41.02 -9.44
CA SER A 269 -4.76 -40.98 -8.13
C SER A 269 -4.76 -39.57 -7.59
N LEU A 270 -4.39 -38.60 -8.42
CA LEU A 270 -4.32 -37.22 -7.93
C LEU A 270 -5.65 -36.86 -7.27
N ASN A 271 -6.75 -37.14 -7.97
CA ASN A 271 -8.08 -36.80 -7.45
C ASN A 271 -8.39 -37.54 -6.15
N ILE A 272 -8.13 -38.85 -6.11
CA ILE A 272 -8.45 -39.61 -4.91
C ILE A 272 -7.73 -39.00 -3.70
N VAL A 273 -6.44 -38.69 -3.85
CA VAL A 273 -5.63 -38.27 -2.72
C VAL A 273 -5.80 -36.79 -2.40
N ILE A 274 -5.72 -35.94 -3.42
CA ILE A 274 -5.70 -34.52 -3.09
C ILE A 274 -7.09 -34.05 -2.69
N GLN A 275 -8.13 -34.69 -3.24
CA GLN A 275 -9.50 -34.22 -3.15
C GLN A 275 -9.71 -32.73 -3.45
N PRO A 276 -9.38 -32.29 -4.67
CA PRO A 276 -9.39 -30.84 -4.94
C PRO A 276 -10.78 -30.24 -4.83
N SER A 277 -10.82 -28.98 -4.35
CA SER A 277 -12.04 -28.16 -4.40
C SER A 277 -12.35 -27.65 -5.79
N TYR A 278 -11.32 -27.48 -6.63
CA TYR A 278 -11.48 -27.05 -8.02
C TYR A 278 -10.40 -27.71 -8.85
N VAL A 279 -10.70 -27.99 -10.13
CA VAL A 279 -9.66 -28.36 -11.08
C VAL A 279 -9.55 -27.24 -12.14
N VAL A 280 -8.31 -26.96 -12.54
CA VAL A 280 -7.99 -25.96 -13.58
C VAL A 280 -7.26 -26.70 -14.66
N VAL A 281 -7.80 -26.72 -15.87
CA VAL A 281 -7.22 -27.57 -16.93
C VAL A 281 -6.74 -26.68 -18.06
N GLN A 282 -5.47 -26.79 -18.40
CA GLN A 282 -4.91 -26.04 -19.52
C GLN A 282 -4.92 -27.04 -20.66
N CYS A 283 -5.64 -26.72 -21.72
CA CYS A 283 -5.90 -27.69 -22.76
CA CYS A 283 -5.89 -27.70 -22.77
C CYS A 283 -5.24 -27.27 -24.08
N GLY A 284 -3.97 -26.86 -24.01
CA GLY A 284 -3.30 -26.38 -25.21
C GLY A 284 -3.29 -27.46 -26.27
N ALA A 285 -3.59 -27.06 -27.52
CA ALA A 285 -3.81 -28.03 -28.60
C ALA A 285 -2.57 -28.37 -29.38
N ASP A 286 -1.39 -27.99 -28.92
CA ASP A 286 -0.24 -28.25 -29.76
C ASP A 286 0.19 -29.71 -29.75
N CYS A 287 -0.45 -30.56 -28.94
CA CYS A 287 -0.13 -31.97 -29.01
C CYS A 287 -0.77 -32.67 -30.21
N LEU A 288 -1.60 -31.96 -31.00
CA LEU A 288 -2.28 -32.63 -32.09
C LEU A 288 -1.25 -33.12 -33.12
N ALA A 289 -1.52 -34.27 -33.71
CA ALA A 289 -0.70 -34.82 -34.79
C ALA A 289 -0.49 -33.80 -35.91
N THR A 290 -1.47 -32.92 -36.11
CA THR A 290 -1.48 -31.94 -37.19
C THR A 290 -0.97 -30.56 -36.76
N ASP A 291 -0.59 -30.39 -35.50
CA ASP A 291 0.10 -29.16 -35.12
C ASP A 291 1.43 -29.05 -35.88
N PRO A 292 1.86 -27.85 -36.29
CA PRO A 292 3.17 -27.72 -36.96
C PRO A 292 4.33 -28.22 -36.13
N HIS A 293 4.17 -28.36 -34.82
CA HIS A 293 5.24 -28.94 -34.03
C HIS A 293 5.54 -30.37 -34.48
N ARG A 294 4.49 -31.14 -34.78
CA ARG A 294 4.56 -32.56 -35.06
C ARG A 294 5.49 -33.28 -34.07
N ILE A 295 5.20 -33.10 -32.78
CA ILE A 295 5.87 -33.82 -31.70
C ILE A 295 5.01 -35.01 -31.28
N PHE A 296 3.82 -34.74 -30.74
CA PHE A 296 2.83 -35.74 -30.34
C PHE A 296 1.92 -36.12 -31.52
N ARG A 297 1.19 -37.23 -31.39
CA ARG A 297 0.28 -37.72 -32.44
C ARG A 297 -1.19 -37.73 -31.95
N LEU A 298 -1.59 -36.75 -31.14
CA LEU A 298 -2.94 -36.81 -30.56
C LEU A 298 -3.99 -36.33 -31.57
N THR A 299 -5.23 -36.79 -31.38
CA THR A 299 -6.33 -36.41 -32.28
C THR A 299 -7.41 -35.66 -31.50
N ASN A 300 -8.47 -35.30 -32.25
CA ASN A 300 -9.74 -34.87 -31.70
C ASN A 300 -10.80 -35.91 -31.97
N PHE A 301 -10.42 -37.17 -32.17
CA PHE A 301 -11.39 -38.19 -32.57
C PHE A 301 -12.29 -38.56 -31.39
N TYR A 302 -13.57 -38.82 -31.69
CA TYR A 302 -14.53 -39.22 -30.66
C TYR A 302 -15.41 -40.33 -31.22
N PRO A 303 -14.89 -41.57 -31.29
CA PRO A 303 -15.54 -42.76 -31.90
C PRO A 303 -17.05 -42.88 -31.64
N LEU A 317 -9.59 -42.87 -29.64
CA LEU A 317 -10.22 -41.79 -28.89
C LEU A 317 -9.18 -40.72 -28.49
N SER A 318 -9.49 -39.45 -28.81
CA SER A 318 -8.69 -38.27 -28.48
C SER A 318 -8.14 -38.28 -27.07
N GLY A 319 -6.82 -38.15 -26.93
CA GLY A 319 -6.25 -38.11 -25.59
C GLY A 319 -6.88 -37.00 -24.78
N TYR A 320 -7.13 -35.88 -25.43
CA TYR A 320 -7.74 -34.73 -24.75
C TYR A 320 -9.18 -35.00 -24.29
N LEU A 321 -9.99 -35.64 -25.14
CA LEU A 321 -11.38 -35.96 -24.76
C LEU A 321 -11.42 -36.97 -23.62
N TYR A 322 -10.52 -37.97 -23.65
CA TYR A 322 -10.40 -38.93 -22.55
C TYR A 322 -10.07 -38.24 -21.24
N ALA A 323 -9.01 -37.40 -21.22
CA ALA A 323 -8.59 -36.74 -19.98
C ALA A 323 -9.67 -35.79 -19.47
N ILE A 324 -10.28 -35.03 -20.37
CA ILE A 324 -11.23 -34.04 -19.92
C ILE A 324 -12.46 -34.74 -19.34
N LYS A 325 -12.93 -35.78 -20.03
CA LYS A 325 -14.12 -36.49 -19.59
C LYS A 325 -13.86 -37.17 -18.24
N LYS A 326 -12.69 -37.81 -18.10
CA LYS A 326 -12.26 -38.29 -16.80
C LYS A 326 -12.33 -37.19 -15.75
N ILE A 327 -11.71 -36.04 -16.03
CA ILE A 327 -11.64 -34.98 -15.03
C ILE A 327 -13.04 -34.51 -14.65
N LEU A 328 -13.95 -34.46 -15.66
CA LEU A 328 -15.32 -34.00 -15.45
C LEU A 328 -16.15 -35.05 -14.74
N SER A 329 -15.79 -36.34 -14.89
CA SER A 329 -16.52 -37.35 -14.14
C SER A 329 -16.28 -37.22 -12.65
N TRP A 330 -15.34 -36.37 -12.24
CA TRP A 330 -15.08 -36.15 -10.83
C TRP A 330 -16.13 -35.28 -10.17
N LYS A 331 -16.78 -34.42 -10.95
CA LYS A 331 -17.81 -33.51 -10.46
C LYS A 331 -17.22 -32.49 -9.48
N VAL A 332 -16.02 -32.00 -9.77
CA VAL A 332 -15.39 -30.89 -9.05
C VAL A 332 -15.58 -29.65 -9.92
N PRO A 333 -15.83 -28.47 -9.37
CA PRO A 333 -15.91 -27.29 -10.24
C PRO A 333 -14.58 -27.05 -10.94
N THR A 334 -14.65 -26.77 -12.25
CA THR A 334 -13.52 -26.93 -13.16
C THR A 334 -13.43 -25.76 -14.14
N LEU A 335 -12.24 -25.20 -14.24
CA LEU A 335 -11.89 -24.16 -15.20
C LEU A 335 -11.15 -24.85 -16.37
N ILE A 336 -11.65 -24.70 -17.59
CA ILE A 336 -11.00 -25.26 -18.73
C ILE A 336 -10.44 -24.12 -19.57
N LEU A 337 -9.13 -24.13 -19.80
CA LEU A 337 -8.45 -23.06 -20.55
C LEU A 337 -7.76 -23.57 -21.81
N GLY A 338 -7.63 -22.69 -22.80
CA GLY A 338 -6.83 -22.87 -23.99
C GLY A 338 -5.32 -23.00 -23.80
N GLY A 339 -4.58 -22.53 -24.77
CA GLY A 339 -3.15 -22.57 -24.64
C GLY A 339 -2.53 -22.54 -26.00
N GLY A 340 -1.50 -23.36 -26.21
CA GLY A 340 -0.87 -23.49 -27.50
C GLY A 340 -1.82 -24.10 -28.52
N GLY A 341 -1.38 -24.08 -29.77
CA GLY A 341 -2.17 -24.60 -30.87
C GLY A 341 -1.94 -23.68 -32.04
N TYR A 342 -1.09 -24.11 -32.98
CA TYR A 342 -0.66 -23.26 -34.08
C TYR A 342 -1.19 -23.73 -35.43
N ASN A 343 -2.00 -24.77 -35.47
CA ASN A 343 -2.87 -25.07 -36.61
C ASN A 343 -4.25 -24.58 -36.18
N PHE A 344 -4.61 -23.36 -36.60
CA PHE A 344 -5.79 -22.71 -36.04
C PHE A 344 -7.08 -23.48 -36.32
N PRO A 345 -7.36 -23.96 -37.55
CA PRO A 345 -8.60 -24.74 -37.75
C PRO A 345 -8.60 -26.04 -36.98
N ASP A 346 -7.44 -26.67 -36.79
CA ASP A 346 -7.46 -27.89 -36.01
C ASP A 346 -7.61 -27.63 -34.49
N THR A 347 -7.03 -26.54 -33.96
CA THR A 347 -7.33 -26.11 -32.59
C THR A 347 -8.83 -25.90 -32.39
N ALA A 348 -9.49 -25.27 -33.35
CA ALA A 348 -10.94 -25.10 -33.27
C ALA A 348 -11.70 -26.43 -33.39
N ARG A 349 -11.21 -27.36 -34.19
CA ARG A 349 -11.92 -28.64 -34.20
C ARG A 349 -11.79 -29.30 -32.84
N LEU A 350 -10.61 -29.27 -32.28
CA LEU A 350 -10.45 -29.87 -30.98
C LEU A 350 -11.32 -29.16 -29.93
N TRP A 351 -11.26 -27.84 -29.87
CA TRP A 351 -11.87 -27.18 -28.71
C TRP A 351 -13.40 -27.13 -28.81
N THR A 352 -13.95 -27.07 -30.01
CA THR A 352 -15.37 -27.35 -30.25
C THR A 352 -15.80 -28.69 -29.66
N ARG A 353 -15.04 -29.74 -29.92
CA ARG A 353 -15.37 -31.01 -29.31
C ARG A 353 -15.21 -31.00 -27.81
N VAL A 354 -14.14 -30.40 -27.29
CA VAL A 354 -14.06 -30.34 -25.84
C VAL A 354 -15.27 -29.59 -25.31
N THR A 355 -15.70 -28.59 -26.04
CA THR A 355 -16.76 -27.75 -25.51
C THR A 355 -18.06 -28.50 -25.44
N ALA A 356 -18.37 -29.26 -26.51
CA ALA A 356 -19.54 -30.16 -26.60
C ALA A 356 -19.50 -31.31 -25.58
N LEU A 357 -18.35 -31.92 -25.40
CA LEU A 357 -18.23 -32.95 -24.38
C LEU A 357 -18.58 -32.40 -23.01
N THR A 358 -18.03 -31.23 -22.68
CA THR A 358 -18.31 -30.63 -21.38
C THR A 358 -19.80 -30.40 -21.21
N ILE A 359 -20.45 -29.78 -22.20
CA ILE A 359 -21.89 -29.59 -22.09
C ILE A 359 -22.55 -30.94 -21.78
N GLU A 360 -22.13 -32.00 -22.48
CA GLU A 360 -22.73 -33.31 -22.34
C GLU A 360 -22.51 -33.88 -20.95
N GLU A 361 -21.26 -33.86 -20.48
CA GLU A 361 -20.93 -34.47 -19.21
C GLU A 361 -21.47 -33.67 -18.03
N VAL A 362 -21.84 -32.41 -18.23
CA VAL A 362 -22.34 -31.60 -17.13
C VAL A 362 -23.85 -31.53 -17.13
N LYS A 363 -24.45 -31.18 -18.25
CA LYS A 363 -25.90 -31.12 -18.26
C LYS A 363 -26.52 -32.50 -18.45
N GLY A 364 -25.77 -33.45 -18.99
CA GLY A 364 -26.35 -34.76 -19.24
C GLY A 364 -27.19 -34.81 -20.49
N LYS A 365 -26.91 -33.96 -21.48
CA LYS A 365 -27.73 -33.92 -22.68
C LYS A 365 -26.87 -34.05 -23.92
N LYS A 366 -27.25 -34.98 -24.79
CA LYS A 366 -26.41 -35.35 -25.92
C LYS A 366 -26.24 -34.17 -26.87
N MET A 367 -25.02 -34.04 -27.38
CA MET A 367 -24.67 -33.09 -28.42
C MET A 367 -24.31 -33.89 -29.65
N THR A 368 -25.02 -33.69 -30.71
CA THR A 368 -24.80 -34.45 -31.94
C THR A 368 -24.06 -33.56 -32.93
N ILE A 369 -22.77 -33.80 -33.09
CA ILE A 369 -21.97 -32.98 -34.00
C ILE A 369 -21.90 -33.65 -35.39
N SER A 370 -22.32 -32.92 -36.40
CA SER A 370 -22.08 -33.36 -37.75
C SER A 370 -20.59 -33.58 -37.98
N PRO A 371 -20.18 -34.73 -38.54
CA PRO A 371 -18.78 -34.87 -38.95
C PRO A 371 -18.32 -33.84 -39.96
N GLU A 372 -19.26 -33.09 -40.55
CA GLU A 372 -18.93 -32.09 -41.57
C GLU A 372 -19.03 -30.72 -40.94
N ILE A 373 -18.08 -29.85 -41.27
CA ILE A 373 -18.10 -28.47 -40.74
C ILE A 373 -19.30 -27.73 -41.30
N PRO A 374 -20.10 -27.06 -40.47
CA PRO A 374 -21.23 -26.30 -41.01
C PRO A 374 -20.77 -25.04 -41.70
N GLU A 375 -21.58 -24.59 -42.64
CA GLU A 375 -21.31 -23.29 -43.22
C GLU A 375 -21.30 -22.25 -42.10
N HIS A 376 -20.41 -21.28 -42.24
CA HIS A 376 -20.20 -20.19 -41.29
C HIS A 376 -19.10 -19.32 -41.88
N SER A 377 -18.73 -18.22 -41.20
CA SER A 377 -17.89 -17.22 -41.85
C SER A 377 -16.49 -17.75 -42.17
N TYR A 378 -16.00 -18.72 -41.39
CA TYR A 378 -14.66 -19.25 -41.63
C TYR A 378 -14.66 -20.60 -42.35
N PHE A 379 -15.80 -21.02 -42.92
CA PHE A 379 -15.93 -22.33 -43.54
C PHE A 379 -14.77 -22.65 -44.47
N SER A 380 -14.27 -21.64 -45.21
CA SER A 380 -13.21 -21.92 -46.18
C SER A 380 -11.87 -22.30 -45.52
N ARG A 381 -11.70 -21.99 -44.22
CA ARG A 381 -10.46 -22.37 -43.53
C ARG A 381 -10.36 -23.87 -43.25
N TYR A 382 -11.43 -24.62 -43.45
CA TYR A 382 -11.48 -26.03 -43.06
C TYR A 382 -11.28 -26.97 -44.25
N GLY A 383 -10.73 -26.46 -45.35
CA GLY A 383 -10.24 -27.32 -46.41
C GLY A 383 -9.18 -28.32 -45.96
N PRO A 384 -8.91 -29.32 -46.83
CA PRO A 384 -9.63 -29.39 -48.09
C PRO A 384 -10.88 -30.28 -47.97
N ASP A 385 -11.08 -30.92 -46.81
CA ASP A 385 -12.15 -31.90 -46.60
C ASP A 385 -13.36 -31.35 -45.83
N PHE A 386 -13.18 -30.32 -45.00
CA PHE A 386 -14.28 -29.72 -44.26
C PHE A 386 -14.93 -30.76 -43.34
N GLU A 387 -14.12 -31.64 -42.79
CA GLU A 387 -14.63 -32.55 -41.76
C GLU A 387 -14.17 -32.07 -40.38
N LEU A 388 -14.95 -32.43 -39.35
CA LEU A 388 -14.60 -32.07 -37.97
C LEU A 388 -13.38 -32.83 -37.46
N ASP A 389 -13.30 -34.14 -37.73
CA ASP A 389 -12.05 -34.89 -37.50
C ASP A 389 -10.86 -34.25 -38.22
N ILE A 390 -9.73 -34.15 -37.48
CA ILE A 390 -8.49 -33.70 -38.08
C ILE A 390 -8.04 -34.70 -39.11
N ASP A 391 -7.33 -34.21 -40.13
CA ASP A 391 -6.94 -34.98 -41.32
C ASP A 391 -5.63 -35.73 -41.00
N TYR A 392 -5.78 -36.83 -40.28
CA TYR A 392 -4.60 -37.61 -39.88
C TYR A 392 -5.03 -39.06 -39.80
N PHE A 393 -4.10 -39.97 -40.14
CA PHE A 393 -4.37 -41.40 -40.09
C PHE A 393 -3.47 -42.07 -39.05
N PRO A 394 -3.98 -42.35 -37.83
CA PRO A 394 -3.18 -42.96 -36.78
C PRO A 394 -2.79 -44.39 -37.08
N ASP A 403 7.38 -49.14 -20.33
CA ASP A 403 8.30 -49.34 -19.20
C ASP A 403 9.00 -48.04 -18.75
N SER A 404 9.25 -47.14 -19.70
CA SER A 404 9.57 -45.77 -19.31
C SER A 404 8.40 -45.17 -18.55
N ILE A 405 7.19 -45.41 -19.04
CA ILE A 405 5.96 -44.91 -18.41
C ILE A 405 5.71 -45.64 -17.10
N GLN A 406 5.96 -46.94 -17.04
CA GLN A 406 5.76 -47.65 -15.78
C GLN A 406 6.75 -47.16 -14.72
N LYS A 407 8.00 -46.88 -15.11
CA LYS A 407 8.93 -46.29 -14.15
C LYS A 407 8.47 -44.90 -13.70
N HIS A 408 7.99 -44.05 -14.64
CA HIS A 408 7.45 -42.76 -14.23
C HIS A 408 6.24 -42.92 -13.32
N HIS A 409 5.42 -43.96 -13.57
CA HIS A 409 4.24 -44.19 -12.73
C HIS A 409 4.63 -44.50 -11.28
N ARG A 410 5.64 -45.35 -11.09
CA ARG A 410 6.06 -45.68 -9.72
C ARG A 410 6.75 -44.49 -9.05
N ARG A 411 7.58 -43.75 -9.79
CA ARG A 411 8.12 -42.48 -9.27
C ARG A 411 6.98 -41.57 -8.81
N ILE A 412 5.99 -41.33 -9.67
CA ILE A 412 4.96 -40.35 -9.33
C ILE A 412 4.10 -40.85 -8.18
N LEU A 413 3.73 -42.14 -8.21
CA LEU A 413 2.93 -42.71 -7.13
C LEU A 413 3.68 -42.66 -5.80
N GLU A 414 5.01 -42.81 -5.83
CA GLU A 414 5.77 -42.58 -4.61
C GLU A 414 5.81 -41.12 -4.21
N GLN A 415 5.96 -40.21 -5.19
CA GLN A 415 5.89 -38.78 -4.88
C GLN A 415 4.52 -38.42 -4.31
N LEU A 416 3.45 -39.02 -4.86
CA LEU A 416 2.14 -38.77 -4.26
C LEU A 416 2.11 -39.24 -2.81
N ARG A 417 2.80 -40.35 -2.50
CA ARG A 417 2.89 -40.84 -1.13
C ARG A 417 3.53 -39.82 -0.20
N ASN A 418 4.66 -39.25 -0.62
CA ASN A 418 5.35 -38.25 0.20
C ASN A 418 4.47 -37.03 0.42
N TYR A 419 3.85 -36.51 -0.65
CA TYR A 419 2.96 -35.37 -0.49
C TYR A 419 1.87 -35.66 0.55
N ALA A 420 1.20 -36.80 0.42
CA ALA A 420 0.12 -37.15 1.36
C ALA A 420 0.62 -37.27 2.80
N ASP A 421 1.74 -37.98 3.02
CA ASP A 421 2.26 -38.09 4.38
C ASP A 421 2.77 -36.73 4.89
N LEU A 422 3.46 -35.98 4.03
CA LEU A 422 3.86 -34.63 4.40
C LEU A 422 2.66 -33.78 4.81
N ASN A 423 1.54 -33.93 4.12
CA ASN A 423 0.41 -33.03 4.31
C ASN A 423 -0.71 -33.62 5.16
N LYS A 424 -0.49 -34.82 5.70
CA LYS A 424 -1.44 -35.55 6.54
C LYS A 424 -2.78 -35.75 5.83
N LEU A 425 -2.77 -36.45 4.71
CA LEU A 425 -4.04 -36.76 4.05
C LEU A 425 -4.40 -38.26 4.10
N SER B 3 -38.57 28.73 -18.07
CA SER B 3 -39.13 27.65 -17.26
C SER B 3 -38.14 26.47 -17.15
N VAL B 4 -37.62 26.23 -15.95
CA VAL B 4 -36.75 25.08 -15.68
C VAL B 4 -37.63 23.98 -15.09
N GLY B 5 -37.68 22.85 -15.79
CA GLY B 5 -38.45 21.70 -15.36
C GLY B 5 -37.55 20.74 -14.59
N ILE B 6 -38.15 19.96 -13.71
CA ILE B 6 -37.43 18.91 -13.01
C ILE B 6 -38.40 17.76 -12.88
N VAL B 7 -37.89 16.55 -13.11
CA VAL B 7 -38.72 15.33 -13.06
C VAL B 7 -38.81 14.84 -11.61
N TYR B 8 -40.01 14.79 -11.05
N TYR B 8 -40.03 14.66 -11.13
CA TYR B 8 -40.23 14.12 -9.77
CA TYR B 8 -40.28 14.13 -9.80
C TYR B 8 -41.71 13.74 -9.58
C TYR B 8 -41.70 13.58 -9.72
N GLY B 9 -41.92 12.80 -8.67
CA GLY B 9 -43.27 12.40 -8.29
C GLY B 9 -43.12 11.32 -7.24
N ASP B 10 -44.18 11.12 -6.45
CA ASP B 10 -44.13 10.17 -5.32
C ASP B 10 -43.74 8.78 -5.77
N GLN B 11 -44.45 8.24 -6.76
CA GLN B 11 -44.15 6.89 -7.18
C GLN B 11 -42.77 6.84 -7.80
N TYR B 12 -42.45 7.87 -8.59
CA TYR B 12 -41.13 7.98 -9.19
C TYR B 12 -40.04 7.89 -8.13
N ARG B 13 -40.23 8.65 -7.05
CA ARG B 13 -39.26 8.65 -5.96
C ARG B 13 -39.07 7.26 -5.36
N GLN B 14 -40.18 6.55 -5.11
N GLN B 14 -40.18 6.54 -5.10
CA GLN B 14 -40.10 5.21 -4.54
CA GLN B 14 -40.06 5.21 -4.51
C GLN B 14 -39.39 4.24 -5.47
C GLN B 14 -39.38 4.23 -5.47
N LEU B 15 -39.74 4.30 -6.76
CA LEU B 15 -39.11 3.39 -7.72
C LEU B 15 -37.64 3.75 -7.91
N CYS B 16 -37.31 5.07 -7.97
CA CYS B 16 -35.91 5.42 -8.12
C CYS B 16 -35.10 4.98 -6.94
N CYS B 17 -35.76 4.73 -5.79
CA CYS B 17 -35.05 4.37 -4.58
C CYS B 17 -35.10 2.90 -4.28
N SER B 18 -35.57 2.08 -5.23
CA SER B 18 -35.89 0.70 -4.99
C SER B 18 -34.80 -0.26 -5.47
N SER B 19 -33.60 0.26 -5.93
CA SER B 19 -32.55 -0.69 -6.32
C SER B 19 -31.55 -0.95 -5.19
N PRO B 20 -30.94 -2.15 -5.21
CA PRO B 20 -29.89 -2.45 -4.22
C PRO B 20 -28.61 -1.64 -4.44
N LYS B 21 -28.27 -1.30 -5.69
CA LYS B 21 -27.06 -0.52 -5.92
C LYS B 21 -27.24 0.93 -5.45
N PHE B 22 -28.28 1.62 -5.92
CA PHE B 22 -28.32 3.05 -5.67
C PHE B 22 -29.11 3.45 -4.44
N GLY B 23 -29.79 2.52 -3.78
CA GLY B 23 -30.40 2.81 -2.48
C GLY B 23 -31.29 4.04 -2.60
N ASP B 24 -31.18 4.92 -1.62
CA ASP B 24 -32.03 6.10 -1.57
C ASP B 24 -31.33 7.34 -2.14
N ARG B 25 -30.41 7.18 -3.11
CA ARG B 25 -29.61 8.33 -3.57
C ARG B 25 -30.51 9.43 -4.13
N TYR B 26 -31.48 9.03 -4.97
CA TYR B 26 -32.43 9.97 -5.59
C TYR B 26 -33.17 10.79 -4.55
N ALA B 27 -33.51 10.13 -3.42
CA ALA B 27 -34.21 10.80 -2.31
C ALA B 27 -33.34 11.87 -1.69
N LEU B 28 -32.09 11.53 -1.38
CA LEU B 28 -31.16 12.53 -0.84
C LEU B 28 -31.04 13.73 -1.77
N VAL B 29 -30.95 13.47 -3.07
CA VAL B 29 -30.77 14.54 -4.03
C VAL B 29 -32.00 15.45 -4.02
N MET B 30 -33.17 14.87 -4.23
CA MET B 30 -34.36 15.69 -4.39
C MET B 30 -34.70 16.41 -3.08
N ASP B 31 -34.39 15.78 -1.94
CA ASP B 31 -34.64 16.43 -0.64
C ASP B 31 -33.61 17.50 -0.31
N LEU B 32 -32.41 17.38 -0.82
CA LEU B 32 -31.48 18.47 -0.62
C LEU B 32 -31.92 19.70 -1.42
N ILE B 33 -32.36 19.46 -2.65
CA ILE B 33 -32.83 20.56 -3.50
C ILE B 33 -34.05 21.21 -2.87
N ASN B 34 -34.95 20.37 -2.36
CA ASN B 34 -36.10 20.83 -1.60
C ASN B 34 -35.67 21.63 -0.35
N ALA B 35 -34.67 21.13 0.38
CA ALA B 35 -34.21 21.82 1.60
C ALA B 35 -33.57 23.14 1.29
N TYR B 36 -32.92 23.25 0.14
CA TYR B 36 -32.41 24.56 -0.23
C TYR B 36 -33.52 25.47 -0.84
N LYS B 37 -34.80 25.06 -0.77
CA LYS B 37 -35.94 25.87 -1.24
C LYS B 37 -35.85 26.16 -2.73
N LEU B 38 -35.28 25.23 -3.50
CA LEU B 38 -35.24 25.41 -4.94
C LEU B 38 -36.50 24.89 -5.64
N ILE B 39 -37.23 23.96 -5.01
CA ILE B 39 -38.41 23.36 -5.68
C ILE B 39 -39.45 24.38 -6.11
N PRO B 40 -39.73 25.45 -5.36
CA PRO B 40 -40.73 26.42 -5.88
C PRO B 40 -40.28 27.19 -7.11
N GLU B 41 -38.99 27.20 -7.45
CA GLU B 41 -38.51 27.82 -8.69
C GLU B 41 -38.74 26.95 -9.89
N LEU B 42 -39.08 25.69 -9.70
CA LEU B 42 -39.04 24.72 -10.77
C LEU B 42 -40.44 24.24 -11.09
N SER B 43 -40.66 23.95 -12.35
CA SER B 43 -41.86 23.28 -12.82
CA SER B 43 -41.87 23.28 -12.79
C SER B 43 -41.69 21.77 -12.67
N ARG B 44 -42.55 21.12 -11.89
CA ARG B 44 -42.51 19.67 -11.81
CA ARG B 44 -42.49 19.67 -11.82
C ARG B 44 -42.89 19.05 -13.17
N VAL B 45 -42.02 18.21 -13.72
CA VAL B 45 -42.34 17.48 -14.93
C VAL B 45 -42.71 16.05 -14.50
N PRO B 46 -43.97 15.65 -14.59
CA PRO B 46 -44.34 14.31 -14.15
C PRO B 46 -43.87 13.26 -15.14
N PRO B 47 -43.40 12.11 -14.65
CA PRO B 47 -42.92 11.06 -15.55
C PRO B 47 -44.05 10.60 -16.46
N LEU B 48 -43.67 10.13 -17.64
CA LEU B 48 -44.66 9.79 -18.64
C LEU B 48 -45.35 8.48 -18.25
N GLN B 49 -46.65 8.39 -18.51
CA GLN B 49 -47.35 7.12 -18.37
C GLN B 49 -48.09 6.81 -19.65
N TRP B 50 -48.43 5.54 -19.85
CA TRP B 50 -49.04 5.15 -21.12
C TRP B 50 -50.44 4.63 -20.86
N ASP B 51 -51.20 4.54 -21.96
CA ASP B 51 -52.59 4.08 -22.02
C ASP B 51 -52.74 2.57 -22.20
N SER B 52 -51.65 1.84 -22.38
CA SER B 52 -51.76 0.40 -22.51
C SER B 52 -50.37 -0.19 -22.37
N PRO B 53 -50.26 -1.47 -21.96
CA PRO B 53 -48.96 -2.18 -22.04
C PRO B 53 -48.34 -2.10 -23.39
N SER B 54 -49.15 -2.18 -24.46
CA SER B 54 -48.63 -2.22 -25.81
C SER B 54 -48.06 -0.87 -26.19
N ARG B 55 -48.69 0.23 -25.75
CA ARG B 55 -48.02 1.49 -26.05
C ARG B 55 -46.70 1.57 -25.29
N MET B 56 -46.66 1.12 -24.05
CA MET B 56 -45.40 1.18 -23.30
C MET B 56 -44.32 0.32 -23.99
N TYR B 57 -44.71 -0.87 -24.44
CA TYR B 57 -43.77 -1.79 -25.08
C TYR B 57 -43.32 -1.25 -26.43
N GLU B 58 -44.19 -0.56 -27.15
CA GLU B 58 -43.75 0.14 -28.35
C GLU B 58 -42.73 1.21 -28.02
N ALA B 59 -42.95 1.94 -26.93
CA ALA B 59 -42.03 3.01 -26.58
C ALA B 59 -40.65 2.47 -26.27
N VAL B 60 -40.56 1.38 -25.50
CA VAL B 60 -39.24 0.91 -25.08
C VAL B 60 -38.53 0.26 -26.23
N THR B 61 -39.29 -0.43 -27.12
CA THR B 61 -38.66 -1.12 -28.24
C THR B 61 -38.42 -0.21 -29.42
N ALA B 62 -38.51 1.12 -29.27
CA ALA B 62 -37.93 2.00 -30.29
C ALA B 62 -36.39 1.98 -30.26
N PHE B 63 -35.78 1.65 -29.12
CA PHE B 63 -34.38 1.26 -29.06
C PHE B 63 -34.16 -0.22 -28.74
N HIS B 64 -34.80 -0.76 -27.70
CA HIS B 64 -34.47 -2.09 -27.19
C HIS B 64 -35.19 -3.18 -27.97
N SER B 65 -34.53 -4.35 -28.05
CA SER B 65 -35.14 -5.48 -28.74
C SER B 65 -36.31 -6.06 -27.95
N THR B 66 -37.32 -6.53 -28.69
CA THR B 66 -38.44 -7.22 -28.07
C THR B 66 -37.95 -8.34 -27.17
N GLU B 67 -36.97 -9.15 -27.63
CA GLU B 67 -36.48 -10.27 -26.83
C GLU B 67 -35.81 -9.80 -25.55
N TYR B 68 -35.05 -8.68 -25.61
CA TYR B 68 -34.44 -8.19 -24.37
C TYR B 68 -35.47 -7.66 -23.39
N VAL B 69 -36.42 -6.88 -23.90
CA VAL B 69 -37.49 -6.35 -23.05
C VAL B 69 -38.30 -7.51 -22.47
N ASP B 70 -38.57 -8.54 -23.27
CA ASP B 70 -39.27 -9.70 -22.72
C ASP B 70 -38.53 -10.29 -21.53
N ALA B 71 -37.22 -10.43 -21.65
CA ALA B 71 -36.46 -11.14 -20.62
C ALA B 71 -36.39 -10.31 -19.34
N LEU B 72 -36.30 -8.97 -19.49
CA LEU B 72 -36.27 -8.09 -18.34
C LEU B 72 -37.58 -8.14 -17.60
N LYS B 73 -38.67 -8.28 -18.35
CA LYS B 73 -39.99 -8.44 -17.75
C LYS B 73 -40.04 -9.71 -16.92
N LYS B 74 -39.60 -10.82 -17.54
CA LYS B 74 -39.54 -12.11 -16.87
C LYS B 74 -38.64 -12.05 -15.64
N LEU B 75 -37.52 -11.35 -15.74
CA LEU B 75 -36.63 -11.29 -14.58
C LEU B 75 -37.34 -10.66 -13.40
N GLN B 76 -38.09 -9.58 -13.64
CA GLN B 76 -38.80 -8.95 -12.54
C GLN B 76 -39.86 -9.89 -11.97
N MET B 77 -40.62 -10.52 -12.86
CA MET B 77 -41.58 -11.53 -12.42
C MET B 77 -40.90 -12.61 -11.57
N LEU B 78 -39.79 -13.17 -12.05
CA LEU B 78 -39.09 -14.23 -11.32
C LEU B 78 -38.69 -13.80 -9.91
N HIS B 79 -38.10 -12.61 -9.77
CA HIS B 79 -37.71 -12.21 -8.42
C HIS B 79 -38.90 -11.88 -7.52
N CYS B 80 -40.10 -11.74 -8.08
CA CYS B 80 -41.32 -11.54 -7.32
C CYS B 80 -42.00 -12.85 -6.88
N GLU B 81 -41.38 -14.00 -7.13
CA GLU B 81 -41.85 -15.27 -6.56
C GLU B 81 -40.75 -16.10 -5.88
N LEU B 85 -34.89 -19.94 -10.40
CA LEU B 85 -34.95 -20.02 -11.87
C LEU B 85 -34.80 -21.44 -12.35
N THR B 86 -35.40 -21.77 -13.48
CA THR B 86 -35.00 -22.99 -14.16
C THR B 86 -33.64 -22.78 -14.82
N ALA B 87 -32.90 -23.87 -14.99
CA ALA B 87 -31.59 -23.77 -15.65
C ALA B 87 -31.70 -23.07 -17.00
N ASP B 88 -32.83 -23.22 -17.71
CA ASP B 88 -32.99 -22.50 -18.96
C ASP B 88 -33.36 -21.03 -18.73
N ASP B 89 -33.99 -20.73 -17.59
CA ASP B 89 -34.26 -19.33 -17.27
C ASP B 89 -32.96 -18.61 -17.03
N GLU B 90 -32.02 -19.27 -16.36
CA GLU B 90 -30.72 -18.64 -16.11
C GLU B 90 -29.95 -18.43 -17.42
N LEU B 91 -30.03 -19.41 -18.33
CA LEU B 91 -29.36 -19.23 -19.63
C LEU B 91 -29.95 -18.03 -20.39
N LEU B 92 -31.29 -17.94 -20.42
CA LEU B 92 -31.96 -16.79 -21.03
C LEU B 92 -31.47 -15.46 -20.45
N MET B 93 -31.46 -15.35 -19.12
CA MET B 93 -30.94 -14.16 -18.44
C MET B 93 -29.46 -13.90 -18.76
N ASP B 94 -28.62 -14.94 -18.72
CA ASP B 94 -27.20 -14.73 -18.98
C ASP B 94 -26.98 -14.21 -20.40
N SER B 95 -27.81 -14.65 -21.36
CA SER B 95 -27.60 -14.19 -22.71
C SER B 95 -27.86 -12.68 -22.85
N PHE B 96 -28.47 -12.04 -21.85
CA PHE B 96 -28.79 -10.62 -21.91
C PHE B 96 -27.95 -9.83 -20.92
N SER B 97 -26.95 -10.49 -20.33
CA SER B 97 -26.13 -9.94 -19.25
C SER B 97 -27.00 -9.47 -18.09
N LEU B 98 -28.12 -10.15 -17.86
CA LEU B 98 -28.95 -9.90 -16.68
C LEU B 98 -28.40 -10.68 -15.48
N ASN B 99 -27.16 -10.33 -15.11
CA ASN B 99 -26.37 -11.07 -14.12
C ASN B 99 -25.27 -10.16 -13.61
N TYR B 100 -24.52 -10.66 -12.62
CA TYR B 100 -23.32 -10.06 -12.02
C TYR B 100 -23.55 -8.59 -11.67
N ASP B 101 -23.21 -7.68 -12.59
CA ASP B 101 -23.36 -6.25 -12.34
C ASP B 101 -24.74 -5.70 -12.71
N CYS B 102 -25.61 -6.54 -13.25
CA CYS B 102 -26.97 -6.14 -13.63
C CYS B 102 -27.95 -7.21 -13.17
N PRO B 103 -28.00 -7.48 -11.89
CA PRO B 103 -28.79 -8.60 -11.40
C PRO B 103 -30.26 -8.24 -11.36
N GLY B 104 -31.07 -9.29 -11.27
CA GLY B 104 -32.48 -9.12 -10.99
C GLY B 104 -32.74 -8.74 -9.56
N PHE B 105 -33.93 -8.21 -9.34
CA PHE B 105 -34.48 -7.86 -8.03
C PHE B 105 -35.94 -7.47 -8.25
N PRO B 106 -36.78 -7.46 -7.20
CA PRO B 106 -38.24 -7.57 -7.44
C PRO B 106 -38.87 -6.41 -8.21
N SER B 107 -38.24 -5.24 -8.26
CA SER B 107 -38.78 -4.14 -9.06
C SER B 107 -37.83 -3.76 -10.21
N VAL B 108 -37.03 -4.71 -10.70
CA VAL B 108 -35.99 -4.37 -11.67
C VAL B 108 -36.61 -3.78 -12.93
N PHE B 109 -37.78 -4.28 -13.39
CA PHE B 109 -38.33 -3.72 -14.62
C PHE B 109 -38.98 -2.35 -14.37
N ASP B 110 -39.74 -2.24 -13.28
CA ASP B 110 -40.38 -0.98 -12.90
C ASP B 110 -39.33 0.08 -12.60
N TYR B 111 -38.25 -0.33 -11.94
CA TYR B 111 -37.16 0.56 -11.64
C TYR B 111 -36.59 1.16 -12.93
N SER B 112 -36.28 0.29 -13.91
CA SER B 112 -35.67 0.69 -15.18
C SER B 112 -36.62 1.49 -16.04
N LEU B 113 -37.86 1.06 -16.11
CA LEU B 113 -38.86 1.78 -16.89
C LEU B 113 -39.06 3.19 -16.34
N ALA B 114 -38.99 3.34 -15.02
CA ALA B 114 -39.23 4.65 -14.41
C ALA B 114 -38.31 5.73 -15.00
N ALA B 115 -36.99 5.44 -15.11
CA ALA B 115 -36.06 6.42 -15.69
C ALA B 115 -36.40 6.72 -17.14
N VAL B 116 -36.83 5.74 -17.91
CA VAL B 116 -37.37 6.01 -19.25
C VAL B 116 -38.55 6.97 -19.18
N GLN B 117 -39.44 6.76 -18.21
CA GLN B 117 -40.63 7.58 -18.12
C GLN B 117 -40.29 9.01 -17.79
N GLY B 118 -39.33 9.18 -16.85
CA GLY B 118 -38.87 10.51 -16.50
C GLY B 118 -38.21 11.21 -17.67
N SER B 119 -37.33 10.51 -18.38
CA SER B 119 -36.59 11.16 -19.46
C SER B 119 -37.43 11.39 -20.71
N LEU B 120 -38.35 10.46 -21.04
CA LEU B 120 -39.25 10.71 -22.14
C LEU B 120 -40.19 11.88 -21.85
N ALA B 121 -40.67 12.04 -20.58
CA ALA B 121 -41.47 13.19 -20.21
C ALA B 121 -40.65 14.47 -20.30
N ALA B 122 -39.40 14.43 -19.83
CA ALA B 122 -38.52 15.60 -19.99
C ALA B 122 -38.38 15.99 -21.46
N ALA B 123 -38.05 15.02 -22.34
CA ALA B 123 -37.99 15.30 -23.75
C ALA B 123 -39.26 16.00 -24.24
N SER B 124 -40.42 15.56 -23.76
CA SER B 124 -41.68 16.07 -24.30
C SER B 124 -41.93 17.50 -23.86
N ALA B 125 -41.58 17.80 -22.60
CA ALA B 125 -41.66 19.18 -22.11
C ALA B 125 -40.81 20.14 -22.95
N LEU B 126 -39.64 19.67 -23.44
CA LEU B 126 -38.80 20.53 -24.29
C LEU B 126 -39.40 20.68 -25.68
N ILE B 127 -39.91 19.56 -26.23
CA ILE B 127 -40.48 19.60 -27.58
C ILE B 127 -41.66 20.56 -27.62
N CYS B 128 -42.54 20.49 -26.62
CA CYS B 128 -43.68 21.40 -26.64
CA CYS B 128 -43.69 21.38 -26.54
C CYS B 128 -43.34 22.79 -26.13
N ARG B 129 -42.07 23.07 -25.79
CA ARG B 129 -41.59 24.38 -25.33
C ARG B 129 -42.17 24.78 -23.98
N HIS B 130 -42.71 23.83 -23.23
CA HIS B 130 -43.12 24.12 -21.86
C HIS B 130 -41.92 24.46 -20.97
N CYS B 131 -40.73 23.95 -21.31
CA CYS B 131 -39.52 24.20 -20.54
C CYS B 131 -38.37 24.46 -21.48
N GLU B 132 -37.48 25.38 -21.05
CA GLU B 132 -36.27 25.60 -21.79
C GLU B 132 -35.21 24.59 -21.43
N VAL B 133 -35.28 24.06 -20.20
CA VAL B 133 -34.34 23.10 -19.64
C VAL B 133 -35.15 22.18 -18.76
N VAL B 134 -34.80 20.91 -18.75
CA VAL B 134 -35.40 20.01 -17.80
C VAL B 134 -34.31 19.12 -17.22
N ILE B 135 -34.45 18.85 -15.94
CA ILE B 135 -33.54 18.06 -15.14
C ILE B 135 -34.25 16.74 -14.82
N ASN B 136 -33.56 15.64 -15.04
CA ASN B 136 -34.02 14.39 -14.45
C ASN B 136 -32.86 13.76 -13.68
N TRP B 137 -32.88 13.84 -12.37
CA TRP B 137 -31.78 13.20 -11.62
C TRP B 137 -32.00 11.74 -11.39
N GLY B 138 -33.14 11.21 -11.81
CA GLY B 138 -33.22 9.77 -11.85
C GLY B 138 -32.91 9.15 -13.18
N GLY B 139 -32.44 9.98 -14.12
CA GLY B 139 -32.11 9.56 -15.46
C GLY B 139 -30.60 9.50 -15.65
N GLY B 140 -30.23 9.04 -16.85
CA GLY B 140 -28.85 9.07 -17.29
C GLY B 140 -28.18 7.73 -17.43
N TRP B 141 -28.93 6.66 -17.68
CA TRP B 141 -28.37 5.30 -17.66
C TRP B 141 -27.78 4.93 -19.04
N HIS B 142 -26.54 5.42 -19.28
CA HIS B 142 -25.93 5.51 -20.60
C HIS B 142 -25.23 4.22 -21.05
N HIS B 143 -25.11 3.17 -20.21
CA HIS B 143 -24.42 1.97 -20.70
C HIS B 143 -25.35 0.95 -21.32
N ALA B 144 -26.65 1.09 -21.13
CA ALA B 144 -27.55 0.01 -21.53
C ALA B 144 -27.53 -0.10 -23.04
N LYS B 145 -27.47 -1.32 -23.56
CA LYS B 145 -27.42 -1.59 -24.97
C LYS B 145 -28.77 -2.08 -25.48
N ARG B 146 -28.86 -2.14 -26.81
CA ARG B 146 -30.04 -2.62 -27.51
C ARG B 146 -30.59 -3.91 -26.94
N SER B 147 -29.72 -4.92 -26.80
CA SER B 147 -30.15 -6.22 -26.26
C SER B 147 -29.29 -6.67 -25.07
N GLU B 148 -28.83 -5.75 -24.23
CA GLU B 148 -27.94 -6.17 -23.16
C GLU B 148 -27.94 -5.16 -22.01
N ALA B 149 -28.08 -5.66 -20.78
CA ALA B 149 -27.88 -4.78 -19.62
C ALA B 149 -26.38 -4.57 -19.39
N SER B 150 -26.01 -3.39 -18.90
CA SER B 150 -24.58 -3.17 -18.70
C SER B 150 -24.39 -2.08 -17.66
N GLY B 151 -23.48 -2.32 -16.72
CA GLY B 151 -23.01 -1.27 -15.82
C GLY B 151 -24.14 -0.69 -14.98
N PHE B 152 -24.92 -1.57 -14.35
CA PHE B 152 -26.23 -1.35 -13.72
C PHE B 152 -27.22 -0.46 -14.49
N CYS B 153 -27.10 -0.46 -15.79
CA CYS B 153 -28.04 0.19 -16.67
C CYS B 153 -28.80 -0.90 -17.44
N TYR B 154 -30.13 -0.92 -17.29
CA TYR B 154 -30.97 -1.97 -17.87
C TYR B 154 -31.69 -1.49 -19.11
N LEU B 155 -32.21 -0.29 -19.08
CA LEU B 155 -32.87 0.35 -20.18
C LEU B 155 -32.21 1.70 -20.41
N ASN B 156 -31.97 2.07 -21.66
CA ASN B 156 -31.27 3.32 -21.94
C ASN B 156 -32.27 4.47 -22.10
N ASP B 157 -32.56 5.16 -20.99
CA ASP B 157 -33.48 6.30 -21.04
C ASP B 157 -32.95 7.41 -21.95
N ILE B 158 -31.62 7.58 -21.99
CA ILE B 158 -31.02 8.69 -22.74
C ILE B 158 -31.28 8.51 -24.22
N VAL B 159 -31.05 7.29 -24.71
CA VAL B 159 -31.29 7.01 -26.12
C VAL B 159 -32.75 7.26 -26.47
N LEU B 160 -33.68 6.84 -25.60
CA LEU B 160 -35.09 6.94 -25.95
C LEU B 160 -35.53 8.40 -25.97
N ALA B 161 -34.94 9.19 -25.05
CA ALA B 161 -35.22 10.61 -24.97
C ALA B 161 -34.62 11.35 -26.15
N ILE B 162 -33.39 10.99 -26.52
CA ILE B 162 -32.77 11.62 -27.69
C ILE B 162 -33.60 11.30 -28.90
N HIS B 163 -34.07 10.07 -28.98
CA HIS B 163 -34.82 9.64 -30.18
C HIS B 163 -36.13 10.39 -30.31
N ARG B 164 -36.77 10.66 -29.17
CA ARG B 164 -37.95 11.53 -29.14
C ARG B 164 -37.64 12.92 -29.68
N LEU B 165 -36.56 13.52 -29.19
CA LEU B 165 -36.22 14.87 -29.60
C LEU B 165 -35.89 14.94 -31.10
N VAL B 166 -35.13 13.96 -31.60
CA VAL B 166 -34.64 13.97 -32.98
C VAL B 166 -35.78 13.81 -33.96
N SER B 167 -36.87 13.21 -33.54
CA SER B 167 -37.99 13.04 -34.45
C SER B 167 -39.16 13.98 -34.15
N SER B 168 -38.88 15.17 -33.57
CA SER B 168 -39.80 16.29 -33.53
C SER B 168 -39.56 17.22 -34.73
N THR B 169 -40.37 18.27 -34.85
CA THR B 169 -40.24 19.21 -35.97
C THR B 169 -40.71 20.61 -35.58
N GLN B 178 -32.54 18.51 -40.31
CA GLN B 178 -32.37 19.86 -39.81
C GLN B 178 -32.30 19.89 -38.27
N THR B 179 -33.05 18.97 -37.64
CA THR B 179 -33.07 18.84 -36.19
C THR B 179 -31.86 18.01 -35.78
N ARG B 180 -30.92 18.63 -35.06
CA ARG B 180 -29.72 17.95 -34.59
C ARG B 180 -29.69 17.98 -33.08
N VAL B 181 -29.29 16.87 -32.44
CA VAL B 181 -29.09 16.82 -30.99
C VAL B 181 -27.61 16.67 -30.70
N LEU B 182 -27.09 17.49 -29.79
CA LEU B 182 -25.76 17.31 -29.23
C LEU B 182 -25.86 16.63 -27.87
N TYR B 183 -25.22 15.47 -27.74
CA TYR B 183 -25.17 14.72 -26.49
C TYR B 183 -23.80 14.85 -25.86
N VAL B 184 -23.76 15.29 -24.61
CA VAL B 184 -22.52 15.58 -23.87
C VAL B 184 -22.48 14.72 -22.63
N ASP B 185 -21.49 13.91 -22.51
CA ASP B 185 -21.48 12.91 -21.44
C ASP B 185 -20.32 13.20 -20.48
N LEU B 186 -20.65 13.72 -19.29
CA LEU B 186 -19.63 14.18 -18.35
C LEU B 186 -19.29 13.13 -17.33
N ASP B 187 -19.92 11.96 -17.41
CA ASP B 187 -19.71 10.88 -16.45
C ASP B 187 -18.26 10.42 -16.49
N LEU B 188 -17.78 9.84 -15.39
CA LEU B 188 -16.42 9.32 -15.36
C LEU B 188 -16.20 8.22 -16.38
N HIS B 189 -17.26 7.56 -16.79
CA HIS B 189 -17.18 6.44 -17.71
C HIS B 189 -17.67 6.80 -19.11
N HIS B 190 -17.04 6.16 -20.09
CA HIS B 190 -17.41 6.32 -21.50
C HIS B 190 -18.90 6.02 -21.73
N GLY B 191 -19.63 7.00 -22.31
CA GLY B 191 -21.03 6.75 -22.63
C GLY B 191 -21.25 5.82 -23.83
N ASP B 192 -20.92 4.55 -23.66
CA ASP B 192 -20.83 3.64 -24.79
C ASP B 192 -22.20 3.28 -25.34
N GLY B 193 -23.22 3.12 -24.48
CA GLY B 193 -24.53 2.70 -24.99
C GLY B 193 -25.17 3.79 -25.84
N VAL B 194 -24.98 5.05 -25.46
CA VAL B 194 -25.50 6.16 -26.26
C VAL B 194 -24.73 6.28 -27.58
N GLU B 195 -23.40 6.29 -27.51
CA GLU B 195 -22.57 6.35 -28.72
C GLU B 195 -22.94 5.27 -29.73
N GLU B 196 -23.21 4.06 -29.24
CA GLU B 196 -23.46 2.93 -30.13
C GLU B 196 -24.83 2.99 -30.77
N ALA B 197 -25.82 3.48 -30.02
CA ALA B 197 -27.16 3.61 -30.55
C ALA B 197 -27.20 4.53 -31.74
N PHE B 198 -26.34 5.56 -31.76
CA PHE B 198 -26.34 6.61 -32.78
C PHE B 198 -25.12 6.54 -33.69
N TRP B 199 -24.40 5.41 -33.65
CA TRP B 199 -23.16 5.25 -34.40
C TRP B 199 -23.36 5.56 -35.87
N TYR B 200 -24.53 5.20 -36.42
CA TYR B 200 -24.74 5.38 -37.85
C TYR B 200 -25.57 6.58 -38.14
N SER B 201 -25.76 7.49 -37.18
CA SER B 201 -26.68 8.60 -37.41
C SER B 201 -25.95 9.95 -37.32
N PRO B 202 -25.98 10.76 -38.38
CA PRO B 202 -25.38 12.11 -38.32
C PRO B 202 -26.16 13.12 -37.45
N ARG B 203 -27.44 12.95 -37.16
CA ARG B 203 -28.15 14.04 -36.51
C ARG B 203 -28.05 14.02 -34.97
N VAL B 204 -27.54 12.93 -34.40
CA VAL B 204 -27.18 12.90 -33.00
C VAL B 204 -25.66 12.85 -32.93
N VAL B 205 -25.06 13.96 -32.54
CA VAL B 205 -23.63 13.99 -32.28
C VAL B 205 -23.40 13.63 -30.82
N THR B 206 -22.53 12.64 -30.57
CA THR B 206 -22.23 12.28 -29.18
C THR B 206 -20.81 12.70 -28.80
N PHE B 207 -20.63 13.19 -27.59
CA PHE B 207 -19.31 13.66 -27.15
C PHE B 207 -19.14 13.18 -25.72
N SER B 208 -18.21 12.24 -25.46
CA SER B 208 -17.99 11.78 -24.10
C SER B 208 -16.58 12.11 -23.63
N VAL B 209 -16.49 12.75 -22.45
CA VAL B 209 -15.22 12.99 -21.76
C VAL B 209 -15.19 12.03 -20.59
N HIS B 210 -14.04 11.41 -20.31
CA HIS B 210 -14.09 10.30 -19.36
C HIS B 210 -12.70 9.85 -19.06
N HIS B 211 -12.60 8.99 -18.04
CA HIS B 211 -11.42 8.15 -17.91
C HIS B 211 -11.44 6.90 -18.80
N ALA B 212 -10.26 6.53 -19.28
CA ALA B 212 -10.08 5.25 -19.97
C ALA B 212 -8.64 4.80 -19.73
N SER B 213 -8.47 3.50 -19.51
CA SER B 213 -7.19 2.90 -19.16
C SER B 213 -7.41 1.39 -19.17
N PRO B 214 -6.38 0.62 -19.43
CA PRO B 214 -6.58 -0.83 -19.63
C PRO B 214 -7.25 -1.45 -18.41
N GLY B 215 -8.32 -2.20 -18.68
CA GLY B 215 -9.11 -2.88 -17.67
C GLY B 215 -10.21 -2.06 -17.02
N PHE B 216 -10.31 -0.78 -17.34
CA PHE B 216 -11.29 0.08 -16.67
C PHE B 216 -12.57 0.10 -17.49
N PHE B 217 -13.70 -0.05 -16.80
CA PHE B 217 -15.00 -0.09 -17.41
C PHE B 217 -15.40 1.20 -18.20
N PRO B 218 -16.01 1.03 -19.38
CA PRO B 218 -16.37 -0.24 -20.03
C PRO B 218 -15.29 -0.65 -21.08
N GLY B 219 -14.19 0.08 -21.21
CA GLY B 219 -13.17 -0.28 -22.18
C GLY B 219 -13.15 0.52 -23.48
N THR B 220 -14.24 1.19 -23.83
CA THR B 220 -14.27 1.95 -25.07
C THR B 220 -13.97 3.45 -24.83
N GLY B 221 -14.07 4.23 -25.91
CA GLY B 221 -13.88 5.68 -25.85
C GLY B 221 -12.44 6.10 -25.92
N THR B 222 -11.57 5.25 -26.46
CA THR B 222 -10.13 5.48 -26.47
C THR B 222 -9.55 4.90 -27.79
N TRP B 223 -8.24 4.84 -27.89
CA TRP B 223 -7.66 4.24 -29.09
C TRP B 223 -8.12 2.80 -29.28
N ASN B 224 -8.34 2.37 -30.53
CA ASN B 224 -8.95 1.06 -30.80
C ASN B 224 -7.93 -0.07 -31.08
N PRO B 232 -2.68 3.15 -33.64
CA PRO B 232 -4.05 3.31 -33.15
C PRO B 232 -4.76 4.52 -33.72
N ILE B 233 -6.10 4.43 -33.82
CA ILE B 233 -6.95 5.50 -34.31
C ILE B 233 -8.20 5.53 -33.42
N PHE B 234 -8.89 6.65 -33.37
CA PHE B 234 -10.23 6.66 -32.76
C PHE B 234 -11.29 6.24 -33.79
N LEU B 235 -12.12 5.28 -33.44
CA LEU B 235 -13.33 5.08 -34.23
C LEU B 235 -14.29 6.21 -33.88
N ASN B 236 -15.14 6.64 -34.86
CA ASN B 236 -15.90 7.88 -34.64
C ASN B 236 -17.24 7.87 -35.38
N GLY B 237 -17.81 6.69 -35.56
CA GLY B 237 -19.06 6.53 -36.29
C GLY B 237 -18.84 5.83 -37.61
N ALA B 238 -19.96 5.45 -38.24
CA ALA B 238 -19.85 4.77 -39.52
C ALA B 238 -21.02 5.17 -40.41
N GLY B 239 -20.88 4.81 -41.68
CA GLY B 239 -21.90 5.13 -42.68
C GLY B 239 -22.16 6.62 -42.72
N ARG B 240 -23.44 6.98 -42.67
CA ARG B 240 -23.80 8.40 -42.58
C ARG B 240 -23.39 8.99 -41.24
N GLY B 241 -23.03 8.16 -40.26
CA GLY B 241 -22.63 8.68 -38.98
C GLY B 241 -21.14 8.92 -38.87
N ARG B 242 -20.39 8.69 -39.94
CA ARG B 242 -18.96 8.88 -39.87
C ARG B 242 -18.64 10.26 -39.29
N PHE B 243 -17.70 10.29 -38.36
CA PHE B 243 -17.20 11.52 -37.73
C PHE B 243 -18.18 12.08 -36.70
N SER B 244 -19.27 11.37 -36.35
CA SER B 244 -20.29 11.95 -35.48
C SER B 244 -20.20 11.51 -34.01
N ALA B 245 -19.24 10.63 -33.66
CA ALA B 245 -19.05 10.11 -32.30
C ALA B 245 -17.72 10.65 -31.79
N PHE B 246 -17.76 11.61 -30.85
CA PHE B 246 -16.54 12.24 -30.34
C PHE B 246 -16.21 11.71 -28.94
N ASN B 247 -14.90 11.63 -28.65
CA ASN B 247 -14.40 11.02 -27.42
C ASN B 247 -13.14 11.70 -26.95
N LEU B 248 -13.09 11.99 -25.66
CA LEU B 248 -11.89 12.59 -25.06
C LEU B 248 -11.56 11.80 -23.80
N PRO B 249 -10.78 10.73 -23.94
CA PRO B 249 -10.30 10.01 -22.78
C PRO B 249 -9.17 10.78 -22.10
N LEU B 250 -9.22 10.83 -20.76
CA LEU B 250 -8.35 11.62 -19.91
C LEU B 250 -7.69 10.74 -18.86
N GLU B 251 -6.45 11.11 -18.52
CA GLU B 251 -5.69 10.40 -17.49
C GLU B 251 -6.27 10.65 -16.10
N GLU B 252 -6.07 9.69 -15.22
CA GLU B 252 -6.54 9.86 -13.85
C GLU B 252 -5.86 11.05 -13.15
N GLY B 253 -6.54 11.62 -12.18
CA GLY B 253 -6.00 12.66 -11.32
C GLY B 253 -6.34 14.07 -11.73
N ILE B 254 -7.07 14.27 -12.81
CA ILE B 254 -7.33 15.62 -13.32
C ILE B 254 -8.21 16.43 -12.37
N ASN B 255 -7.98 17.74 -12.35
CA ASN B 255 -8.66 18.66 -11.44
C ASN B 255 -9.70 19.51 -12.18
N ASP B 256 -10.47 20.32 -11.46
CA ASP B 256 -11.56 21.01 -12.12
C ASP B 256 -11.05 21.87 -13.27
N LEU B 257 -9.93 22.57 -13.07
CA LEU B 257 -9.47 23.56 -14.04
C LEU B 257 -8.91 22.88 -15.28
N ASP B 258 -8.11 21.84 -15.10
CA ASP B 258 -7.60 21.17 -16.28
C ASP B 258 -8.73 20.46 -17.02
N TRP B 259 -9.71 19.89 -16.29
CA TRP B 259 -10.87 19.30 -16.96
C TRP B 259 -11.68 20.36 -17.71
N SER B 260 -11.87 21.53 -17.09
CA SER B 260 -12.63 22.61 -17.74
C SER B 260 -11.90 23.15 -18.95
N ASN B 261 -10.58 23.26 -18.87
CA ASN B 261 -9.83 23.62 -20.06
C ASN B 261 -9.85 22.52 -21.12
N ALA B 262 -9.97 21.27 -20.69
CA ALA B 262 -9.97 20.14 -21.60
C ALA B 262 -11.22 20.15 -22.49
N ILE B 263 -12.38 20.49 -21.94
CA ILE B 263 -13.61 20.30 -22.67
C ILE B 263 -14.30 21.60 -23.07
N GLY B 264 -14.03 22.69 -22.37
CA GLY B 264 -14.67 23.95 -22.67
C GLY B 264 -14.56 24.35 -24.13
N PRO B 265 -13.34 24.37 -24.69
CA PRO B 265 -13.22 24.73 -26.11
C PRO B 265 -13.92 23.76 -27.04
N ILE B 266 -13.83 22.48 -26.72
CA ILE B 266 -14.46 21.45 -27.55
C ILE B 266 -15.97 21.65 -27.55
N LEU B 267 -16.52 22.04 -26.40
CA LEU B 267 -17.98 22.22 -26.31
C LEU B 267 -18.44 23.40 -27.15
N ASP B 268 -17.71 24.49 -27.10
CA ASP B 268 -18.11 25.69 -27.82
C ASP B 268 -17.97 25.46 -29.33
N SER B 269 -16.91 24.77 -29.74
CA SER B 269 -16.73 24.44 -31.15
C SER B 269 -17.82 23.49 -31.66
N LEU B 270 -18.23 22.51 -30.85
CA LEU B 270 -19.33 21.65 -31.26
C LEU B 270 -20.60 22.46 -31.50
N ASN B 271 -20.91 23.36 -30.57
CA ASN B 271 -22.10 24.20 -30.71
C ASN B 271 -22.00 25.04 -31.98
N ILE B 272 -20.84 25.65 -32.21
CA ILE B 272 -20.67 26.54 -33.36
C ILE B 272 -20.89 25.81 -34.67
N VAL B 273 -20.31 24.60 -34.80
CA VAL B 273 -20.37 23.92 -36.08
C VAL B 273 -21.67 23.15 -36.22
N ILE B 274 -22.02 22.37 -35.19
CA ILE B 274 -23.19 21.51 -35.26
C ILE B 274 -24.50 22.29 -35.16
N GLN B 275 -24.53 23.38 -34.41
CA GLN B 275 -25.74 24.16 -34.21
C GLN B 275 -26.94 23.30 -33.78
N PRO B 276 -26.78 22.47 -32.73
CA PRO B 276 -27.88 21.56 -32.36
C PRO B 276 -29.15 22.31 -31.97
N SER B 277 -30.28 21.64 -32.18
CA SER B 277 -31.54 22.17 -31.72
C SER B 277 -31.80 21.87 -30.25
N TYR B 278 -31.16 20.84 -29.70
CA TYR B 278 -31.31 20.39 -28.33
C TYR B 278 -29.96 19.87 -27.88
N VAL B 279 -29.63 20.08 -26.63
CA VAL B 279 -28.46 19.48 -26.01
C VAL B 279 -28.96 18.50 -24.96
N VAL B 280 -28.39 17.31 -24.92
CA VAL B 280 -28.65 16.39 -23.82
C VAL B 280 -27.35 16.21 -23.06
N VAL B 281 -27.36 16.50 -21.75
CA VAL B 281 -26.16 16.40 -20.89
C VAL B 281 -26.42 15.31 -19.84
N GLN B 282 -25.58 14.28 -19.83
CA GLN B 282 -25.54 13.29 -18.75
C GLN B 282 -24.50 13.81 -17.75
N CYS B 283 -24.85 13.91 -16.48
CA CYS B 283 -24.00 14.67 -15.55
C CYS B 283 -23.61 13.77 -14.38
N GLY B 284 -23.10 12.58 -14.70
CA GLY B 284 -22.67 11.60 -13.74
C GLY B 284 -21.65 12.22 -12.82
N ALA B 285 -21.84 12.01 -11.48
CA ALA B 285 -21.07 12.67 -10.43
C ALA B 285 -19.88 11.84 -9.94
N ASP B 286 -19.58 10.74 -10.61
CA ASP B 286 -18.45 9.94 -10.23
C ASP B 286 -17.09 10.55 -10.61
N CYS B 287 -17.01 11.76 -11.17
CA CYS B 287 -15.72 12.44 -11.32
C CYS B 287 -15.33 13.28 -10.09
N LEU B 288 -16.20 13.38 -9.06
CA LEU B 288 -15.88 14.10 -7.84
C LEU B 288 -14.68 13.46 -7.14
N ALA B 289 -13.86 14.33 -6.54
CA ALA B 289 -12.68 13.89 -5.79
C ALA B 289 -13.04 12.87 -4.71
N THR B 290 -14.26 12.92 -4.18
CA THR B 290 -14.69 12.10 -3.04
C THR B 290 -15.53 10.94 -3.48
N ASP B 291 -15.70 10.76 -4.74
CA ASP B 291 -16.33 9.52 -5.19
C ASP B 291 -15.44 8.32 -4.82
N PRO B 292 -16.01 7.19 -4.38
CA PRO B 292 -15.16 6.02 -4.09
C PRO B 292 -14.30 5.53 -5.25
N HIS B 293 -14.64 5.85 -6.51
CA HIS B 293 -13.70 5.56 -7.60
C HIS B 293 -12.35 6.25 -7.40
N ARG B 294 -12.37 7.49 -6.90
CA ARG B 294 -11.12 8.21 -6.60
C ARG B 294 -10.25 8.34 -7.86
N ILE B 295 -10.84 8.66 -9.01
CA ILE B 295 -10.10 8.74 -10.28
CA ILE B 295 -10.08 8.74 -10.26
C ILE B 295 -9.86 10.20 -10.68
N PHE B 296 -10.95 10.95 -10.86
CA PHE B 296 -10.76 12.39 -11.13
C PHE B 296 -10.84 13.19 -9.82
N ARG B 297 -10.50 14.46 -9.89
N ARG B 297 -10.51 14.47 -9.90
CA ARG B 297 -10.48 15.27 -8.67
CA ARG B 297 -10.46 15.30 -8.70
C ARG B 297 -11.37 16.51 -8.81
C ARG B 297 -11.36 16.52 -8.83
N LEU B 298 -12.53 16.34 -9.41
CA LEU B 298 -13.47 17.45 -9.58
C LEU B 298 -14.11 17.74 -8.22
N THR B 299 -14.67 18.95 -8.09
CA THR B 299 -15.38 19.40 -6.91
C THR B 299 -16.73 19.91 -7.32
N ASN B 300 -17.50 20.37 -6.32
CA ASN B 300 -18.70 21.20 -6.49
C ASN B 300 -18.49 22.65 -6.00
N PHE B 301 -17.26 23.14 -5.93
CA PHE B 301 -17.01 24.47 -5.40
C PHE B 301 -17.51 25.56 -6.35
N TYR B 302 -18.01 26.62 -5.76
CA TYR B 302 -18.58 27.73 -6.54
C TYR B 302 -18.23 29.04 -5.84
N PRO B 303 -17.14 29.68 -6.25
CA PRO B 303 -16.65 30.89 -5.58
C PRO B 303 -17.66 32.04 -5.58
N LEU B 317 -13.21 26.63 -9.26
CA LEU B 317 -14.59 26.44 -9.72
C LEU B 317 -14.81 24.99 -10.19
N SER B 318 -15.87 24.36 -9.70
CA SER B 318 -16.30 23.05 -10.14
C SER B 318 -16.25 22.94 -11.67
N GLY B 319 -15.44 22.03 -12.16
CA GLY B 319 -15.49 21.68 -13.57
C GLY B 319 -16.89 21.40 -14.09
N TYR B 320 -17.70 20.68 -13.31
CA TYR B 320 -19.09 20.42 -13.67
C TYR B 320 -19.88 21.71 -13.88
N LEU B 321 -19.75 22.67 -12.95
CA LEU B 321 -20.55 23.89 -13.06
C LEU B 321 -20.06 24.74 -14.20
N TYR B 322 -18.75 24.70 -14.45
CA TYR B 322 -18.23 25.44 -15.56
C TYR B 322 -18.82 24.92 -16.87
N ALA B 323 -18.85 23.59 -17.03
CA ALA B 323 -19.36 22.98 -18.26
C ALA B 323 -20.85 23.22 -18.39
N ILE B 324 -21.62 23.10 -17.28
CA ILE B 324 -23.07 23.34 -17.40
C ILE B 324 -23.33 24.80 -17.71
N LYS B 325 -22.65 25.71 -16.99
CA LYS B 325 -22.85 27.13 -17.28
C LYS B 325 -22.55 27.44 -18.74
N LYS B 326 -21.46 26.87 -19.30
CA LYS B 326 -21.15 27.11 -20.71
C LYS B 326 -22.24 26.55 -21.63
N ILE B 327 -22.74 25.34 -21.37
CA ILE B 327 -23.77 24.75 -22.24
C ILE B 327 -25.03 25.60 -22.21
N LEU B 328 -25.47 26.00 -21.03
CA LEU B 328 -26.69 26.79 -20.92
C LEU B 328 -26.55 28.18 -21.53
N SER B 329 -25.32 28.73 -21.59
CA SER B 329 -25.12 30.05 -22.21
C SER B 329 -25.49 30.01 -23.68
N TRP B 330 -25.55 28.83 -24.27
CA TRP B 330 -25.89 28.75 -25.68
C TRP B 330 -27.34 29.00 -25.96
N LYS B 331 -28.19 28.96 -24.94
CA LYS B 331 -29.62 29.24 -25.06
C LYS B 331 -30.27 28.25 -26.00
N VAL B 332 -29.83 26.99 -25.93
CA VAL B 332 -30.41 25.87 -26.64
C VAL B 332 -31.24 25.08 -25.63
N PRO B 333 -32.43 24.62 -25.99
CA PRO B 333 -33.22 23.74 -25.09
C PRO B 333 -32.45 22.48 -24.66
N THR B 334 -32.38 22.24 -23.37
CA THR B 334 -31.41 21.31 -22.84
C THR B 334 -32.09 20.34 -21.90
N LEU B 335 -31.63 19.12 -21.93
CA LEU B 335 -32.00 18.12 -20.95
C LEU B 335 -30.78 17.78 -20.16
N ILE B 336 -30.91 17.81 -18.82
CA ILE B 336 -29.83 17.52 -17.88
C ILE B 336 -30.18 16.25 -17.12
N LEU B 337 -29.30 15.23 -17.18
CA LEU B 337 -29.59 13.92 -16.59
C LEU B 337 -28.52 13.63 -15.55
N GLY B 338 -28.85 12.72 -14.61
CA GLY B 338 -27.92 12.26 -13.61
C GLY B 338 -26.97 11.24 -14.19
N GLY B 339 -26.71 10.16 -13.47
CA GLY B 339 -25.87 9.08 -13.94
C GLY B 339 -25.19 8.40 -12.77
N GLY B 340 -23.92 8.06 -12.97
CA GLY B 340 -23.10 7.55 -11.89
C GLY B 340 -22.85 8.59 -10.83
N GLY B 341 -22.28 8.12 -9.72
CA GLY B 341 -22.14 8.83 -8.48
C GLY B 341 -22.42 7.95 -7.25
N TYR B 342 -21.36 7.59 -6.54
CA TYR B 342 -21.49 6.52 -5.57
C TYR B 342 -21.17 6.98 -4.16
N ASN B 343 -20.79 8.25 -3.97
CA ASN B 343 -20.86 8.94 -2.69
C ASN B 343 -22.21 9.71 -2.69
N PHE B 344 -23.24 9.17 -2.01
CA PHE B 344 -24.58 9.73 -2.22
C PHE B 344 -24.73 11.17 -1.75
N PRO B 345 -24.24 11.56 -0.56
CA PRO B 345 -24.36 12.95 -0.13
C PRO B 345 -23.53 13.94 -0.95
N ASP B 346 -22.34 13.55 -1.45
CA ASP B 346 -21.59 14.42 -2.38
C ASP B 346 -22.23 14.51 -3.75
N THR B 347 -22.89 13.45 -4.19
CA THR B 347 -23.65 13.54 -5.45
C THR B 347 -24.80 14.58 -5.31
N ALA B 348 -25.52 14.51 -4.19
CA ALA B 348 -26.56 15.49 -3.91
C ALA B 348 -26.00 16.88 -3.77
N ARG B 349 -24.84 17.03 -3.07
CA ARG B 349 -24.21 18.36 -3.00
C ARG B 349 -23.91 18.92 -4.39
N LEU B 350 -23.40 18.08 -5.28
CA LEU B 350 -23.11 18.54 -6.64
C LEU B 350 -24.39 18.88 -7.39
N TRP B 351 -25.36 17.96 -7.39
CA TRP B 351 -26.52 18.12 -8.25
C TRP B 351 -27.43 19.24 -7.75
N THR B 352 -27.38 19.52 -6.44
CA THR B 352 -28.11 20.68 -5.91
C THR B 352 -27.49 21.97 -6.42
N ARG B 353 -26.15 22.06 -6.44
CA ARG B 353 -25.51 23.20 -7.07
C ARG B 353 -25.83 23.31 -8.57
N VAL B 354 -25.78 22.19 -9.29
CA VAL B 354 -26.14 22.24 -10.72
C VAL B 354 -27.56 22.77 -10.88
N THR B 355 -28.47 22.34 -9.98
CA THR B 355 -29.86 22.78 -10.08
C THR B 355 -29.97 24.28 -9.83
N ALA B 356 -29.28 24.78 -8.79
CA ALA B 356 -29.32 26.20 -8.48
C ALA B 356 -28.74 27.04 -9.63
N LEU B 357 -27.64 26.58 -10.19
CA LEU B 357 -27.02 27.21 -11.37
C LEU B 357 -27.95 27.23 -12.58
N THR B 358 -28.66 26.12 -12.83
CA THR B 358 -29.54 26.14 -13.97
C THR B 358 -30.65 27.20 -13.75
N ILE B 359 -31.18 27.30 -12.53
CA ILE B 359 -32.23 28.29 -12.25
C ILE B 359 -31.70 29.70 -12.53
N GLU B 360 -30.51 30.02 -11.96
CA GLU B 360 -29.86 31.31 -12.20
C GLU B 360 -29.73 31.58 -13.67
N GLU B 361 -29.18 30.61 -14.41
CA GLU B 361 -28.78 30.89 -15.78
C GLU B 361 -30.01 31.05 -16.66
N VAL B 362 -31.07 30.25 -16.44
CA VAL B 362 -32.23 30.27 -17.31
C VAL B 362 -33.21 31.38 -16.93
N LYS B 363 -33.52 31.51 -15.64
CA LYS B 363 -34.43 32.55 -15.19
C LYS B 363 -33.76 33.92 -14.94
N GLY B 364 -32.43 34.02 -15.03
CA GLY B 364 -31.75 35.24 -14.62
C GLY B 364 -31.85 35.61 -13.15
N LYS B 365 -32.21 34.66 -12.30
CA LYS B 365 -32.60 34.95 -10.92
C LYS B 365 -31.55 34.37 -9.95
N LYS B 366 -31.01 35.22 -9.08
CA LYS B 366 -29.89 34.79 -8.25
C LYS B 366 -30.32 33.71 -7.27
N MET B 367 -29.52 32.63 -7.16
CA MET B 367 -29.81 31.55 -6.22
C MET B 367 -28.66 31.49 -5.25
N THR B 368 -28.89 31.95 -4.04
CA THR B 368 -27.89 31.97 -3.00
C THR B 368 -28.09 30.75 -2.11
N ILE B 369 -27.11 29.88 -2.10
CA ILE B 369 -27.20 28.63 -1.37
C ILE B 369 -26.32 28.77 -0.13
N SER B 370 -26.91 28.64 1.05
CA SER B 370 -26.08 28.79 2.25
C SER B 370 -25.06 27.65 2.36
N PRO B 371 -23.87 27.93 2.93
CA PRO B 371 -22.84 26.90 3.02
C PRO B 371 -23.16 25.82 4.03
N GLU B 372 -24.10 26.05 4.95
CA GLU B 372 -24.51 25.01 5.88
C GLU B 372 -25.69 24.27 5.27
N ILE B 373 -25.63 22.94 5.30
CA ILE B 373 -26.75 22.08 4.84
C ILE B 373 -27.98 22.42 5.66
N PRO B 374 -29.14 22.64 5.05
CA PRO B 374 -30.33 22.96 5.85
C PRO B 374 -30.89 21.76 6.57
N GLU B 375 -31.71 22.08 7.56
CA GLU B 375 -32.47 21.09 8.28
C GLU B 375 -33.42 20.37 7.31
N HIS B 376 -33.35 19.04 7.30
CA HIS B 376 -34.29 18.20 6.57
C HIS B 376 -34.04 16.79 7.07
N SER B 377 -34.85 15.88 6.59
CA SER B 377 -34.82 14.56 7.23
C SER B 377 -33.59 13.73 6.87
N TYR B 378 -32.85 14.09 5.81
CA TYR B 378 -31.54 13.48 5.59
C TYR B 378 -30.37 14.35 6.09
N PHE B 379 -30.62 15.32 6.97
CA PHE B 379 -29.53 16.18 7.48
C PHE B 379 -28.35 15.37 7.99
N SER B 380 -28.65 14.27 8.70
CA SER B 380 -27.57 13.50 9.31
C SER B 380 -26.69 12.74 8.31
N ARG B 381 -27.03 12.70 7.03
CA ARG B 381 -26.16 12.06 6.06
C ARG B 381 -25.03 12.97 5.56
N TYR B 382 -25.00 14.25 5.95
CA TYR B 382 -24.01 15.23 5.53
C TYR B 382 -22.96 15.47 6.63
N GLY B 383 -22.90 14.58 7.61
CA GLY B 383 -21.91 14.68 8.68
C GLY B 383 -20.53 14.31 8.18
N PRO B 384 -19.47 14.67 8.95
CA PRO B 384 -19.50 15.36 10.24
C PRO B 384 -19.48 16.87 10.13
N ASP B 385 -19.40 17.38 8.91
CA ASP B 385 -19.24 18.80 8.63
C ASP B 385 -20.56 19.50 8.36
N PHE B 386 -21.51 18.83 7.70
CA PHE B 386 -22.81 19.44 7.40
C PHE B 386 -22.64 20.71 6.57
N GLU B 387 -21.66 20.71 5.66
CA GLU B 387 -21.54 21.84 4.76
C GLU B 387 -21.79 21.40 3.31
N LEU B 388 -22.11 22.39 2.47
CA LEU B 388 -22.47 22.08 1.08
C LEU B 388 -21.24 21.73 0.20
N ASP B 389 -20.08 22.31 0.45
CA ASP B 389 -18.85 22.02 -0.31
C ASP B 389 -18.40 20.63 0.05
N ILE B 390 -18.00 19.84 -0.96
CA ILE B 390 -17.50 18.53 -0.65
C ILE B 390 -16.20 18.65 0.15
N ASP B 391 -15.91 17.58 0.88
CA ASP B 391 -14.89 17.61 1.93
C ASP B 391 -13.55 17.17 1.34
N TYR B 392 -13.00 18.03 0.49
CA TYR B 392 -11.79 17.73 -0.26
C TYR B 392 -10.95 18.99 -0.31
N PHE B 393 -9.63 18.79 -0.28
CA PHE B 393 -8.66 19.88 -0.39
C PHE B 393 -7.86 19.78 -1.68
N PRO B 394 -8.19 20.58 -2.70
CA PRO B 394 -7.46 20.51 -3.99
C PRO B 394 -6.00 20.89 -3.83
N HIS B 395 -5.13 20.21 -4.54
CA HIS B 395 -3.72 20.54 -4.40
C HIS B 395 -3.00 20.05 -5.65
N GLU B 396 -1.68 20.23 -5.70
CA GLU B 396 -0.97 19.87 -6.94
C GLU B 396 0.42 19.35 -6.62
N THR B 401 2.98 19.78 -17.47
CA THR B 401 3.44 20.28 -18.78
C THR B 401 3.34 19.22 -19.84
N LEU B 402 3.72 17.98 -19.50
CA LEU B 402 3.63 16.82 -20.38
C LEU B 402 2.29 16.09 -20.28
N ASP B 403 1.42 16.51 -19.36
CA ASP B 403 0.05 16.00 -19.23
C ASP B 403 -0.95 16.72 -20.14
N SER B 404 -0.48 17.62 -21.01
CA SER B 404 -1.43 18.38 -21.81
C SER B 404 -2.03 17.49 -22.89
N ILE B 405 -3.07 18.02 -23.55
CA ILE B 405 -3.85 17.22 -24.49
C ILE B 405 -4.13 18.03 -25.73
N GLN B 406 -3.17 18.90 -26.10
CA GLN B 406 -3.38 19.74 -27.27
C GLN B 406 -3.49 18.90 -28.53
N LYS B 407 -2.82 17.75 -28.59
CA LYS B 407 -3.00 16.87 -29.75
C LYS B 407 -4.43 16.29 -29.84
N HIS B 408 -5.08 16.02 -28.71
CA HIS B 408 -6.48 15.60 -28.72
C HIS B 408 -7.37 16.73 -29.25
N HIS B 409 -7.06 17.96 -28.87
CA HIS B 409 -7.80 19.12 -29.37
C HIS B 409 -7.70 19.20 -30.87
N ARG B 410 -6.49 18.97 -31.41
CA ARG B 410 -6.29 19.10 -32.85
C ARG B 410 -7.01 17.99 -33.58
N ARG B 411 -6.97 16.78 -33.03
CA ARG B 411 -7.64 15.65 -33.63
C ARG B 411 -9.16 15.84 -33.62
N ILE B 412 -9.71 16.33 -32.51
CA ILE B 412 -11.14 16.50 -32.39
C ILE B 412 -11.64 17.60 -33.33
N LEU B 413 -10.93 18.72 -33.41
CA LEU B 413 -11.34 19.73 -34.39
C LEU B 413 -11.24 19.21 -35.83
N GLU B 414 -10.21 18.41 -36.15
CA GLU B 414 -10.18 17.84 -37.51
C GLU B 414 -11.39 16.94 -37.75
N GLN B 415 -11.72 16.07 -36.79
CA GLN B 415 -12.95 15.30 -36.84
C GLN B 415 -14.17 16.18 -37.07
N LEU B 416 -14.23 17.29 -36.38
CA LEU B 416 -15.39 18.17 -36.49
C LEU B 416 -15.45 18.79 -37.88
N ARG B 417 -14.28 19.10 -38.45
CA ARG B 417 -14.20 19.60 -39.80
C ARG B 417 -14.64 18.51 -40.78
N ASN B 418 -14.20 17.27 -40.56
CA ASN B 418 -14.64 16.17 -41.41
C ASN B 418 -16.15 15.95 -41.32
N TYR B 419 -16.71 16.00 -40.11
CA TYR B 419 -18.16 15.87 -39.97
C TYR B 419 -18.88 16.98 -40.73
N ALA B 420 -18.38 18.20 -40.66
CA ALA B 420 -19.07 19.31 -41.27
C ALA B 420 -19.10 19.15 -42.79
N ASP B 421 -17.97 18.73 -43.37
CA ASP B 421 -17.88 18.48 -44.81
C ASP B 421 -18.77 17.32 -45.24
N LEU B 422 -18.76 16.21 -44.50
CA LEU B 422 -19.61 15.09 -44.89
C LEU B 422 -21.08 15.49 -44.93
N ASN B 423 -21.52 16.31 -43.99
CA ASN B 423 -22.92 16.66 -43.87
C ASN B 423 -23.23 18.00 -44.50
N LYS B 424 -22.33 18.56 -45.31
CA LYS B 424 -22.58 19.83 -46.00
C LYS B 424 -22.97 20.95 -45.02
N LEU B 425 -22.25 21.02 -43.90
CA LEU B 425 -22.47 22.09 -42.93
C LEU B 425 -21.38 23.16 -43.07
N ILE B 426 -21.76 24.40 -42.75
CA ILE B 426 -20.80 25.50 -42.65
C ILE B 426 -19.84 25.23 -41.49
N TYR B 427 -18.55 25.06 -41.81
CA TYR B 427 -17.48 25.06 -40.81
C TYR B 427 -16.89 26.48 -40.78
N ASP B 428 -17.27 27.27 -39.76
CA ASP B 428 -16.85 28.67 -39.63
C ASP B 428 -15.47 28.76 -38.96
N TYR B 429 -14.44 28.59 -39.80
CA TYR B 429 -13.06 28.52 -39.32
C TYR B 429 -12.68 29.73 -38.43
N ASP B 430 -13.14 30.93 -38.79
CA ASP B 430 -12.63 32.10 -38.09
C ASP B 430 -13.22 32.20 -36.69
N GLN B 431 -14.47 31.75 -36.53
CA GLN B 431 -15.08 31.75 -35.21
C GLN B 431 -14.45 30.69 -34.32
N VAL B 432 -14.25 29.48 -34.86
CA VAL B 432 -13.53 28.44 -34.13
C VAL B 432 -12.13 28.92 -33.81
N TYR B 433 -11.44 29.50 -34.81
CA TYR B 433 -10.12 30.08 -34.56
C TYR B 433 -10.15 31.10 -33.42
N GLN B 434 -11.10 32.04 -33.49
CA GLN B 434 -11.16 33.11 -32.49
C GLN B 434 -11.35 32.52 -31.11
N LEU B 435 -12.21 31.54 -31.01
CA LEU B 435 -12.45 30.88 -29.73
C LEU B 435 -11.15 30.32 -29.13
N TYR B 436 -10.42 29.49 -29.88
CA TYR B 436 -9.14 28.95 -29.42
C TYR B 436 -8.09 30.03 -29.22
N ASN B 437 -8.10 31.07 -30.08
CA ASN B 437 -7.16 32.16 -29.92
C ASN B 437 -7.33 32.89 -28.59
N LEU B 438 -8.51 32.77 -27.97
CA LEU B 438 -8.73 33.34 -26.64
C LEU B 438 -7.65 32.92 -25.65
N THR B 439 -7.23 31.67 -25.69
CA THR B 439 -6.13 31.20 -24.86
C THR B 439 -4.80 31.12 -25.61
N GLY B 440 -4.71 31.74 -26.79
CA GLY B 440 -3.50 31.67 -27.60
C GLY B 440 -3.24 30.32 -28.23
N MET B 441 -4.29 29.59 -28.61
CA MET B 441 -4.13 28.28 -29.22
C MET B 441 -4.78 28.20 -30.61
N GLY B 442 -4.97 29.35 -31.29
CA GLY B 442 -5.65 29.33 -32.58
C GLY B 442 -5.01 28.38 -33.57
N SER B 443 -3.69 28.18 -33.45
CA SER B 443 -2.95 27.32 -34.35
C SER B 443 -3.43 25.90 -34.33
N LEU B 444 -4.14 25.50 -33.28
CA LEU B 444 -4.65 24.14 -33.20
C LEU B 444 -5.77 23.90 -34.19
N VAL B 445 -6.45 24.95 -34.62
CA VAL B 445 -7.66 24.81 -35.44
C VAL B 445 -7.25 24.52 -36.88
N PRO B 446 -7.78 23.47 -37.51
CA PRO B 446 -7.47 23.22 -38.92
C PRO B 446 -8.37 24.05 -39.83
N ARG B 447 -7.83 24.38 -41.00
CA ARG B 447 -8.49 25.36 -41.85
C ARG B 447 -9.79 24.86 -42.49
N SER C 3 20.44 -32.80 34.10
CA SER C 3 19.11 -32.38 34.53
C SER C 3 18.71 -31.05 33.85
N VAL C 4 17.51 -30.98 33.24
CA VAL C 4 17.00 -29.76 32.59
C VAL C 4 16.05 -29.11 33.55
N GLY C 5 16.43 -27.88 34.04
CA GLY C 5 15.55 -27.11 34.90
C GLY C 5 14.63 -26.20 34.07
N ILE C 6 13.50 -25.85 34.67
CA ILE C 6 12.67 -24.80 34.10
C ILE C 6 12.09 -23.99 35.24
N VAL C 7 12.10 -22.68 35.08
CA VAL C 7 11.63 -21.80 36.15
C VAL C 7 10.11 -21.72 36.12
N TYR C 8 9.46 -21.99 37.26
CA TYR C 8 8.02 -21.78 37.37
CA TYR C 8 8.05 -21.65 37.37
C TYR C 8 7.60 -21.69 38.83
N GLY C 9 6.48 -21.02 39.07
CA GLY C 9 5.83 -21.03 40.37
C GLY C 9 4.41 -20.54 40.18
N ASP C 10 3.58 -20.74 41.20
CA ASP C 10 2.22 -20.21 41.15
C ASP C 10 2.22 -18.68 41.15
N GLN C 11 2.94 -18.08 42.11
CA GLN C 11 3.04 -16.63 42.17
C GLN C 11 3.83 -16.08 41.00
N TYR C 12 4.90 -16.78 40.60
CA TYR C 12 5.64 -16.39 39.40
C TYR C 12 4.73 -16.30 38.19
N ARG C 13 3.82 -17.25 38.02
CA ARG C 13 2.97 -17.21 36.84
C ARG C 13 2.02 -15.99 36.87
N GLN C 14 1.42 -15.70 38.04
CA GLN C 14 0.51 -14.56 38.12
C GLN C 14 1.27 -13.28 37.81
N LEU C 15 2.48 -13.16 38.34
CA LEU C 15 3.24 -11.94 38.16
C LEU C 15 3.73 -11.79 36.73
N CYS C 16 4.25 -12.88 36.13
CA CYS C 16 4.66 -12.80 34.73
C CYS C 16 3.47 -12.46 33.82
N CYS C 17 2.23 -12.70 34.28
CA CYS C 17 1.02 -12.42 33.52
C CYS C 17 0.31 -11.14 33.90
N SER C 18 0.92 -10.29 34.72
CA SER C 18 0.24 -9.11 35.22
C SER C 18 0.58 -7.83 34.46
N SER C 19 1.40 -7.90 33.41
CA SER C 19 1.72 -6.65 32.74
C SER C 19 0.79 -6.35 31.55
N PRO C 20 0.66 -5.06 31.25
CA PRO C 20 -0.17 -4.66 30.10
C PRO C 20 0.41 -5.06 28.74
N LYS C 21 1.73 -5.02 28.53
CA LYS C 21 2.20 -5.37 27.20
C LYS C 21 2.07 -6.87 26.94
N PHE C 22 2.39 -7.71 27.92
CA PHE C 22 2.57 -9.13 27.60
C PHE C 22 1.42 -9.99 28.06
N GLY C 23 0.44 -9.41 28.74
CA GLY C 23 -0.73 -10.12 29.18
C GLY C 23 -0.35 -11.50 29.67
N ASP C 24 -1.00 -12.53 29.09
CA ASP C 24 -0.90 -13.90 29.56
C ASP C 24 0.06 -14.75 28.74
N ARG C 25 0.98 -14.14 28.01
CA ARG C 25 1.86 -14.90 27.12
C ARG C 25 2.57 -16.05 27.85
N TYR C 26 3.08 -15.75 29.04
CA TYR C 26 3.83 -16.73 29.82
C TYR C 26 2.97 -17.90 30.23
N ALA C 27 1.71 -17.63 30.59
CA ALA C 27 0.77 -18.70 30.88
C ALA C 27 0.58 -19.58 29.66
N LEU C 28 0.40 -18.97 28.49
CA LEU C 28 0.26 -19.79 27.27
C LEU C 28 1.46 -20.69 27.09
N VAL C 29 2.65 -20.16 27.35
CA VAL C 29 3.89 -20.88 27.08
C VAL C 29 3.99 -22.08 28.01
N MET C 30 3.80 -21.83 29.31
CA MET C 30 3.97 -22.88 30.29
C MET C 30 2.89 -23.95 30.17
N ASP C 31 1.67 -23.56 29.83
CA ASP C 31 0.57 -24.52 29.65
C ASP C 31 0.67 -25.29 28.35
N LEU C 32 1.28 -24.72 27.34
CA LEU C 32 1.50 -25.52 26.16
C LEU C 32 2.58 -26.56 26.41
N ILE C 33 3.60 -26.20 27.17
CA ILE C 33 4.62 -27.16 27.54
C ILE C 33 4.04 -28.24 28.44
N ASN C 34 3.18 -27.82 29.37
CA ASN C 34 2.47 -28.76 30.20
C ASN C 34 1.58 -29.69 29.35
N ALA C 35 0.88 -29.14 28.37
CA ALA C 35 -0.08 -29.93 27.60
C ALA C 35 0.59 -30.99 26.75
N TYR C 36 1.81 -30.72 26.26
CA TYR C 36 2.57 -31.73 25.55
C TYR C 36 3.32 -32.69 26.50
N LYS C 37 2.96 -32.72 27.79
CA LYS C 37 3.52 -33.62 28.80
C LYS C 37 5.04 -33.50 28.96
N LEU C 38 5.58 -32.30 28.79
CA LEU C 38 7.01 -32.11 28.98
C LEU C 38 7.35 -31.83 30.45
N ILE C 39 6.37 -31.36 31.23
CA ILE C 39 6.67 -30.91 32.59
C ILE C 39 7.25 -32.01 33.46
N PRO C 40 6.81 -33.28 33.38
CA PRO C 40 7.46 -34.34 34.20
C PRO C 40 8.88 -34.61 33.81
N GLU C 41 9.35 -34.13 32.66
CA GLU C 41 10.74 -34.33 32.29
C GLU C 41 11.69 -33.29 32.88
N LEU C 42 11.16 -32.28 33.54
CA LEU C 42 11.95 -31.11 33.90
C LEU C 42 11.98 -30.91 35.41
N SER C 43 13.09 -30.43 35.93
CA SER C 43 13.13 -30.02 37.32
CA SER C 43 13.12 -30.03 37.33
C SER C 43 12.57 -28.61 37.47
N ARG C 44 11.63 -28.43 38.38
CA ARG C 44 11.14 -27.10 38.61
CA ARG C 44 11.13 -27.09 38.62
C ARG C 44 12.20 -26.32 39.39
N VAL C 45 12.57 -25.16 38.86
CA VAL C 45 13.51 -24.30 39.55
C VAL C 45 12.69 -23.16 40.15
N PRO C 46 12.61 -23.05 41.47
CA PRO C 46 11.70 -22.03 41.99
C PRO C 46 12.38 -20.67 41.96
N PRO C 47 11.65 -19.60 41.73
CA PRO C 47 12.26 -18.26 41.77
C PRO C 47 12.92 -17.98 43.12
N LEU C 48 14.03 -17.29 43.08
CA LEU C 48 14.74 -16.93 44.28
C LEU C 48 13.92 -15.91 45.06
N GLN C 49 13.80 -16.11 46.39
CA GLN C 49 13.37 -15.05 47.31
C GLN C 49 14.48 -14.73 48.31
N TRP C 50 14.28 -13.65 49.07
CA TRP C 50 15.31 -13.13 49.94
C TRP C 50 14.87 -13.14 51.39
N ASP C 51 15.86 -12.99 52.27
CA ASP C 51 15.71 -12.85 53.72
C ASP C 51 15.17 -11.50 54.14
N SER C 52 15.21 -10.52 53.27
CA SER C 52 15.06 -9.14 53.73
CA SER C 52 14.99 -9.15 53.72
C SER C 52 14.95 -8.23 52.51
N PRO C 53 14.25 -7.10 52.60
CA PRO C 53 14.32 -6.12 51.52
C PRO C 53 15.74 -5.66 51.28
N SER C 54 16.57 -5.57 52.33
CA SER C 54 17.95 -5.12 52.13
C SER C 54 18.73 -6.11 51.30
N ARG C 55 18.52 -7.41 51.52
CA ARG C 55 19.21 -8.36 50.65
C ARG C 55 18.65 -8.30 49.22
N MET C 56 17.33 -8.14 49.08
CA MET C 56 16.76 -8.00 47.74
C MET C 56 17.34 -6.77 47.07
N TYR C 57 17.58 -5.72 47.86
CA TYR C 57 18.10 -4.47 47.32
C TYR C 57 19.56 -4.60 46.93
N GLU C 58 20.35 -5.30 47.71
CA GLU C 58 21.74 -5.59 47.33
C GLU C 58 21.81 -6.41 46.04
N ALA C 59 20.87 -7.33 45.85
CA ALA C 59 20.94 -8.13 44.64
C ALA C 59 20.67 -7.27 43.42
N VAL C 60 19.60 -6.49 43.47
CA VAL C 60 19.23 -5.70 42.30
C VAL C 60 20.25 -4.62 42.03
N THR C 61 20.80 -3.99 43.09
CA THR C 61 21.80 -2.94 42.88
C THR C 61 23.19 -3.48 42.62
N ALA C 62 23.38 -4.80 42.45
CA ALA C 62 24.62 -5.24 41.80
C ALA C 62 24.74 -4.74 40.35
N PHE C 63 23.62 -4.54 39.62
CA PHE C 63 23.64 -3.80 38.35
C PHE C 63 22.99 -2.42 38.39
N HIS C 64 21.74 -2.29 38.87
CA HIS C 64 20.98 -1.05 38.71
C HIS C 64 21.35 -0.05 39.81
N SER C 65 21.17 1.24 39.52
CA SER C 65 21.45 2.24 40.55
C SER C 65 20.37 2.26 41.66
N THR C 66 20.81 2.63 42.86
CA THR C 66 19.91 2.77 43.98
C THR C 66 18.81 3.73 43.63
N GLU C 67 19.19 4.85 43.00
CA GLU C 67 18.17 5.85 42.67
C GLU C 67 17.14 5.30 41.69
N TYR C 68 17.58 4.57 40.64
CA TYR C 68 16.66 3.97 39.68
C TYR C 68 15.75 2.92 40.34
N VAL C 69 16.31 2.07 41.19
CA VAL C 69 15.50 1.10 41.92
C VAL C 69 14.52 1.82 42.85
N ASP C 70 14.98 2.88 43.52
CA ASP C 70 14.05 3.65 44.34
C ASP C 70 12.88 4.16 43.50
N ALA C 71 13.15 4.72 42.32
CA ALA C 71 12.09 5.25 41.47
C ALA C 71 11.14 4.15 41.05
N LEU C 72 11.69 2.97 40.69
CA LEU C 72 10.80 1.90 40.27
C LEU C 72 9.92 1.41 41.41
N LYS C 73 10.42 1.40 42.63
CA LYS C 73 9.54 1.12 43.78
C LYS C 73 8.42 2.16 43.90
N LYS C 74 8.77 3.46 43.90
CA LYS C 74 7.76 4.50 43.99
C LYS C 74 6.75 4.43 42.84
N LEU C 75 7.23 4.13 41.63
CA LEU C 75 6.31 4.08 40.51
C LEU C 75 5.20 3.07 40.76
N GLN C 76 5.54 1.91 41.34
CA GLN C 76 4.49 0.90 41.60
C GLN C 76 3.53 1.40 42.66
N MET C 77 4.06 1.89 43.79
CA MET C 77 3.20 2.43 44.85
C MET C 77 2.29 3.52 44.30
N LEU C 78 2.83 4.40 43.46
CA LEU C 78 2.00 5.44 42.83
C LEU C 78 0.85 4.82 42.03
N HIS C 79 1.11 3.78 41.22
CA HIS C 79 -0.01 3.23 40.48
C HIS C 79 -0.94 2.40 41.34
N CYS C 80 -0.53 2.03 42.54
CA CYS C 80 -1.42 1.34 43.46
C CYS C 80 -2.33 2.28 44.25
N GLU C 81 -2.26 3.58 44.00
CA GLU C 81 -3.26 4.53 44.50
C GLU C 81 -3.98 5.21 43.34
N LEU C 85 0.08 11.82 39.80
CA LEU C 85 1.43 12.11 40.27
C LEU C 85 1.60 13.62 40.41
N THR C 86 2.50 14.07 41.31
CA THR C 86 2.91 15.47 41.30
C THR C 86 3.81 15.73 40.10
N ALA C 87 4.05 17.01 39.82
CA ALA C 87 4.90 17.37 38.69
C ALA C 87 6.33 16.89 38.92
N ASP C 88 6.80 16.95 40.17
CA ASP C 88 8.14 16.43 40.42
C ASP C 88 8.14 14.91 40.39
N ASP C 89 7.00 14.29 40.72
CA ASP C 89 6.89 12.85 40.56
C ASP C 89 7.06 12.48 39.09
N GLU C 90 6.40 13.23 38.20
CA GLU C 90 6.58 13.09 36.76
C GLU C 90 8.03 13.25 36.34
N LEU C 91 8.70 14.33 36.80
CA LEU C 91 10.06 14.58 36.37
C LEU C 91 11.02 13.50 36.84
N LEU C 92 10.80 12.96 38.04
CA LEU C 92 11.66 11.89 38.53
C LEU C 92 11.53 10.64 37.65
N MET C 93 10.28 10.22 37.38
CA MET C 93 10.01 9.09 36.47
C MET C 93 10.62 9.31 35.08
N ASP C 94 10.33 10.45 34.45
CA ASP C 94 10.88 10.74 33.12
C ASP C 94 12.42 10.67 33.13
N SER C 95 13.05 11.10 34.23
CA SER C 95 14.51 11.02 34.27
C SER C 95 15.02 9.58 34.24
N PHE C 96 14.16 8.56 34.51
CA PHE C 96 14.56 7.16 34.39
C PHE C 96 13.89 6.44 33.21
N SER C 97 13.29 7.20 32.27
CA SER C 97 12.48 6.71 31.17
C SER C 97 11.34 5.81 31.66
N LEU C 98 10.84 6.04 32.88
CA LEU C 98 9.66 5.33 33.34
C LEU C 98 8.41 5.97 32.72
N ASN C 99 8.32 5.86 31.39
CA ASN C 99 7.22 6.45 30.64
C ASN C 99 7.15 5.78 29.27
N TYR C 100 6.24 6.29 28.43
CA TYR C 100 6.03 5.90 27.02
C TYR C 100 6.07 4.38 26.81
N ASP C 101 7.25 3.82 26.46
CA ASP C 101 7.40 2.37 26.25
C ASP C 101 7.49 1.59 27.56
N CYS C 102 7.76 2.28 28.66
CA CYS C 102 7.98 1.64 29.95
C CYS C 102 7.13 2.35 30.99
N PRO C 103 5.81 2.28 30.83
CA PRO C 103 4.91 3.00 31.71
C PRO C 103 4.75 2.27 33.02
N GLY C 104 4.22 3.00 33.98
CA GLY C 104 3.87 2.39 35.23
C GLY C 104 2.59 1.60 35.12
N PHE C 105 2.42 0.69 36.06
CA PHE C 105 1.18 -0.02 36.28
C PHE C 105 1.27 -0.63 37.66
N PRO C 106 0.16 -1.17 38.20
CA PRO C 106 0.16 -1.47 39.66
C PRO C 106 1.16 -2.54 40.10
N SER C 107 1.63 -3.45 39.25
CA SER C 107 2.57 -4.43 39.75
C SER C 107 3.96 -4.28 39.11
N VAL C 108 4.25 -3.11 38.53
CA VAL C 108 5.43 -2.99 37.68
C VAL C 108 6.70 -3.31 38.45
N PHE C 109 6.81 -3.02 39.76
CA PHE C 109 8.05 -3.41 40.45
C PHE C 109 8.11 -4.92 40.66
N ASP C 110 7.03 -5.49 41.24
CA ASP C 110 6.96 -6.94 41.46
C ASP C 110 7.10 -7.69 40.14
N TYR C 111 6.43 -7.19 39.10
CA TYR C 111 6.52 -7.84 37.79
C TYR C 111 7.97 -7.92 37.31
N SER C 112 8.67 -6.77 37.36
CA SER C 112 10.08 -6.68 36.98
C SER C 112 10.98 -7.49 37.90
N LEU C 113 10.71 -7.46 39.20
CA LEU C 113 11.55 -8.22 40.13
C LEU C 113 11.42 -9.72 39.88
N ALA C 114 10.22 -10.18 39.47
CA ALA C 114 9.97 -11.59 39.28
C ALA C 114 10.97 -12.20 38.31
N ALA C 115 11.13 -11.56 37.14
CA ALA C 115 12.12 -12.05 36.15
C ALA C 115 13.52 -12.15 36.75
N VAL C 116 13.91 -11.17 37.56
CA VAL C 116 15.21 -11.26 38.25
C VAL C 116 15.26 -12.48 39.16
N GLN C 117 14.22 -12.67 40.00
CA GLN C 117 14.07 -13.86 40.83
C GLN C 117 14.21 -15.16 40.05
N GLY C 118 13.52 -15.28 38.90
CA GLY C 118 13.58 -16.50 38.10
C GLY C 118 14.96 -16.75 37.53
N SER C 119 15.59 -15.70 37.00
CA SER C 119 16.87 -15.88 36.33
C SER C 119 18.03 -16.06 37.31
N LEU C 120 17.98 -15.42 38.47
CA LEU C 120 19.02 -15.60 39.50
C LEU C 120 18.95 -17.01 40.06
N ALA C 121 17.73 -17.52 40.24
CA ALA C 121 17.56 -18.89 40.65
C ALA C 121 18.08 -19.87 39.59
N ALA C 122 17.76 -19.58 38.32
CA ALA C 122 18.29 -20.36 37.21
C ALA C 122 19.81 -20.39 37.25
N ALA C 123 20.44 -19.21 37.40
CA ALA C 123 21.89 -19.15 37.51
C ALA C 123 22.39 -20.00 38.70
N SER C 124 21.70 -19.95 39.83
CA SER C 124 22.16 -20.71 40.97
C SER C 124 21.97 -22.21 40.78
N ALA C 125 20.91 -22.63 40.07
CA ALA C 125 20.76 -24.06 39.80
C ALA C 125 21.91 -24.58 38.94
N LEU C 126 22.45 -23.73 38.03
CA LEU C 126 23.63 -24.11 37.21
C LEU C 126 24.89 -24.11 38.07
N ILE C 127 25.11 -23.04 38.82
CA ILE C 127 26.33 -22.98 39.62
C ILE C 127 26.49 -24.25 40.46
N CYS C 128 25.46 -24.64 41.20
CA CYS C 128 25.59 -25.80 42.08
C CYS C 128 25.37 -27.11 41.38
N ARG C 129 25.33 -27.11 40.04
CA ARG C 129 25.32 -28.32 39.20
C ARG C 129 24.08 -29.17 39.45
N HIS C 130 23.03 -28.57 40.00
CA HIS C 130 21.76 -29.26 40.07
C HIS C 130 21.19 -29.48 38.67
N CYS C 131 21.41 -28.54 37.77
CA CYS C 131 20.91 -28.65 36.42
C CYS C 131 22.05 -28.38 35.47
N GLU C 132 22.01 -29.10 34.34
CA GLU C 132 22.89 -28.86 33.19
C GLU C 132 22.45 -27.64 32.39
N VAL C 133 21.13 -27.48 32.21
CA VAL C 133 20.52 -26.37 31.49
C VAL C 133 19.32 -25.94 32.30
N VAL C 134 19.04 -24.65 32.28
CA VAL C 134 17.83 -24.15 32.89
C VAL C 134 17.15 -23.20 31.94
N ILE C 135 15.87 -23.35 31.85
CA ILE C 135 15.01 -22.51 31.05
C ILE C 135 14.27 -21.54 31.97
N ASN C 136 14.18 -20.30 31.52
CA ASN C 136 13.27 -19.36 32.14
C ASN C 136 12.58 -18.58 31.03
N TRP C 137 11.39 -19.00 30.70
CA TRP C 137 10.60 -18.29 29.72
C TRP C 137 9.94 -17.06 30.26
N GLY C 138 10.04 -16.77 31.56
CA GLY C 138 9.71 -15.42 31.98
C GLY C 138 10.84 -14.43 32.03
N GLY C 139 12.04 -14.83 31.67
CA GLY C 139 13.19 -13.96 31.71
C GLY C 139 13.57 -13.46 30.31
N GLY C 140 14.63 -12.62 30.28
CA GLY C 140 15.21 -12.20 29.01
C GLY C 140 15.03 -10.72 28.70
N TRP C 141 15.00 -9.85 29.71
CA TRP C 141 14.69 -8.42 29.48
C TRP C 141 15.99 -7.65 29.18
N HIS C 142 16.50 -7.87 27.95
CA HIS C 142 17.85 -7.46 27.55
C HIS C 142 18.03 -5.96 27.35
N HIS C 143 16.94 -5.17 27.29
CA HIS C 143 17.14 -3.73 27.04
C HIS C 143 17.32 -2.88 28.28
N ALA C 144 17.03 -3.37 29.48
CA ALA C 144 17.03 -2.45 30.61
C ALA C 144 18.46 -2.05 30.95
N LYS C 145 18.63 -0.77 31.26
CA LYS C 145 19.92 -0.15 31.55
C LYS C 145 20.13 0.09 33.04
N ARG C 146 21.37 0.41 33.39
CA ARG C 146 21.72 0.59 34.78
C ARG C 146 20.77 1.56 35.49
N SER C 147 20.45 2.71 34.86
CA SER C 147 19.52 3.68 35.46
C SER C 147 18.41 4.04 34.49
N GLU C 148 17.91 3.08 33.72
CA GLU C 148 16.99 3.48 32.67
C GLU C 148 16.15 2.30 32.27
N ALA C 149 14.83 2.49 32.22
CA ALA C 149 13.97 1.48 31.61
C ALA C 149 13.98 1.66 30.09
N SER C 150 13.82 0.55 29.36
CA SER C 150 13.80 0.67 27.91
C SER C 150 13.14 -0.58 27.31
N GLY C 151 12.33 -0.36 26.28
CA GLY C 151 11.79 -1.39 25.39
C GLY C 151 10.99 -2.44 26.14
N PHE C 152 10.10 -1.94 27.01
CA PHE C 152 9.37 -2.66 28.06
C PHE C 152 10.26 -3.49 28.99
N CYS C 153 11.55 -3.17 29.13
CA CYS C 153 12.43 -3.77 30.13
C CYS C 153 12.71 -2.76 31.26
N TYR C 154 12.41 -3.15 32.50
CA TYR C 154 12.61 -2.33 33.69
C TYR C 154 13.86 -2.76 34.47
N LEU C 155 14.08 -4.06 34.62
CA LEU C 155 15.20 -4.63 35.34
C LEU C 155 15.85 -5.66 34.44
N ASN C 156 17.17 -5.63 34.34
CA ASN C 156 17.85 -6.52 33.43
C ASN C 156 18.14 -7.83 34.17
N ASP C 157 17.20 -8.78 34.03
CA ASP C 157 17.41 -10.07 34.69
C ASP C 157 18.64 -10.74 34.14
N ILE C 158 18.92 -10.51 32.85
CA ILE C 158 20.02 -11.21 32.19
C ILE C 158 21.36 -10.79 32.77
N VAL C 159 21.60 -9.48 32.86
CA VAL C 159 22.85 -8.96 33.44
C VAL C 159 23.03 -9.47 34.87
N LEU C 160 21.95 -9.50 35.65
CA LEU C 160 22.10 -9.92 37.01
C LEU C 160 22.46 -11.40 37.08
N ALA C 161 21.88 -12.22 36.18
CA ALA C 161 22.16 -13.64 36.17
C ALA C 161 23.58 -13.93 35.71
N ILE C 162 24.00 -13.28 34.61
CA ILE C 162 25.38 -13.39 34.16
C ILE C 162 26.34 -13.01 35.28
N HIS C 163 26.03 -11.93 35.99
CA HIS C 163 26.92 -11.53 37.08
C HIS C 163 27.05 -12.62 38.14
N ARG C 164 25.94 -13.25 38.51
CA ARG C 164 26.01 -14.38 39.44
C ARG C 164 26.94 -15.47 38.92
N LEU C 165 26.83 -15.81 37.62
CA LEU C 165 27.60 -16.90 37.06
C LEU C 165 29.09 -16.58 37.02
N VAL C 166 29.45 -15.36 36.61
CA VAL C 166 30.86 -15.03 36.40
C VAL C 166 31.54 -14.68 37.72
N SER C 167 30.77 -14.46 38.78
CA SER C 167 31.30 -14.28 40.13
C SER C 167 31.37 -15.57 40.93
N SER C 168 31.22 -16.74 40.30
CA SER C 168 31.45 -18.06 40.93
C SER C 168 32.83 -18.66 40.58
N GLN C 178 39.93 -17.41 34.17
CA GLN C 178 38.91 -17.92 35.08
C GLN C 178 37.62 -18.33 34.36
N THR C 179 36.50 -17.99 34.98
CA THR C 179 35.18 -18.29 34.43
C THR C 179 34.84 -17.28 33.34
N ARG C 180 34.46 -17.78 32.17
CA ARG C 180 33.99 -16.95 31.07
C ARG C 180 32.55 -17.34 30.73
N VAL C 181 31.71 -16.34 30.46
CA VAL C 181 30.35 -16.59 30.00
C VAL C 181 30.21 -16.08 28.58
N LEU C 182 29.65 -16.90 27.71
CA LEU C 182 29.21 -16.45 26.41
C LEU C 182 27.71 -16.15 26.45
N TYR C 183 27.34 -14.96 26.02
CA TYR C 183 25.97 -14.52 25.99
C TYR C 183 25.54 -14.46 24.53
N VAL C 184 24.52 -15.23 24.18
CA VAL C 184 24.06 -15.33 22.81
C VAL C 184 22.67 -14.73 22.73
N ASP C 185 22.53 -13.69 21.94
CA ASP C 185 21.27 -12.95 21.86
C ASP C 185 20.63 -13.17 20.50
N LEU C 186 19.62 -14.04 20.44
CA LEU C 186 18.96 -14.35 19.18
C LEU C 186 17.73 -13.49 18.88
N ASP C 187 17.38 -12.56 19.78
CA ASP C 187 16.16 -11.76 19.63
C ASP C 187 16.28 -10.92 18.35
N LEU C 188 15.12 -10.58 17.75
CA LEU C 188 15.07 -9.61 16.63
C LEU C 188 15.82 -8.31 16.91
N HIS C 189 15.84 -7.88 18.15
CA HIS C 189 16.41 -6.62 18.54
C HIS C 189 17.82 -6.77 19.15
N HIS C 190 18.66 -5.77 18.90
CA HIS C 190 20.02 -5.75 19.45
C HIS C 190 20.00 -5.83 20.98
N GLY C 191 20.80 -6.71 21.56
CA GLY C 191 20.76 -6.83 23.01
C GLY C 191 21.64 -5.80 23.69
N ASP C 192 21.22 -4.54 23.61
CA ASP C 192 22.08 -3.41 23.93
C ASP C 192 22.33 -3.30 25.45
N GLY C 193 21.29 -3.58 26.26
CA GLY C 193 21.46 -3.52 27.71
C GLY C 193 22.51 -4.50 28.24
N VAL C 194 22.56 -5.71 27.68
CA VAL C 194 23.53 -6.70 28.15
C VAL C 194 24.92 -6.32 27.66
N GLU C 195 24.99 -5.86 26.42
CA GLU C 195 26.26 -5.43 25.83
C GLU C 195 26.88 -4.28 26.62
N GLU C 196 26.06 -3.33 27.05
CA GLU C 196 26.58 -2.15 27.73
C GLU C 196 27.12 -2.50 29.12
N ALA C 197 26.38 -3.36 29.83
CA ALA C 197 26.74 -3.75 31.20
C ALA C 197 28.12 -4.35 31.23
N PHE C 198 28.45 -5.16 30.22
CA PHE C 198 29.70 -5.91 30.10
C PHE C 198 30.65 -5.33 29.06
N TRP C 199 30.42 -4.11 28.61
CA TRP C 199 31.25 -3.46 27.59
C TRP C 199 32.73 -3.42 27.93
N TYR C 200 33.06 -3.27 29.21
CA TYR C 200 34.42 -3.20 29.73
C TYR C 200 34.92 -4.50 30.31
N SER C 201 34.21 -5.61 30.12
CA SER C 201 34.53 -6.83 30.83
CA SER C 201 34.51 -6.84 30.83
C SER C 201 34.94 -7.91 29.84
N PRO C 202 36.17 -8.40 29.92
CA PRO C 202 36.59 -9.46 29.00
C PRO C 202 35.92 -10.80 29.29
N ARG C 203 35.43 -11.04 30.50
CA ARG C 203 35.02 -12.40 30.86
C ARG C 203 33.55 -12.70 30.54
N VAL C 204 32.80 -11.74 30.02
CA VAL C 204 31.47 -11.95 29.47
C VAL C 204 31.52 -11.48 28.04
N VAL C 205 31.53 -12.43 27.13
CA VAL C 205 31.56 -12.14 25.71
C VAL C 205 30.12 -12.11 25.24
N THR C 206 29.68 -10.96 24.74
CA THR C 206 28.32 -10.81 24.24
C THR C 206 28.27 -10.95 22.70
N PHE C 207 27.24 -11.62 22.18
CA PHE C 207 27.11 -11.81 20.73
C PHE C 207 25.64 -11.62 20.39
N SER C 208 25.29 -10.53 19.70
CA SER C 208 23.88 -10.34 19.37
C SER C 208 23.75 -10.44 17.85
N VAL C 209 22.80 -11.30 17.34
CA VAL C 209 22.39 -11.28 15.94
C VAL C 209 21.04 -10.59 15.93
N HIS C 210 20.73 -9.77 14.91
CA HIS C 210 19.47 -9.04 15.04
C HIS C 210 19.22 -8.32 13.74
N HIS C 211 18.03 -7.72 13.62
CA HIS C 211 17.84 -6.68 12.62
C HIS C 211 18.35 -5.29 13.09
N ALA C 212 18.93 -4.54 12.15
CA ALA C 212 19.23 -3.13 12.41
C ALA C 212 19.04 -2.35 11.11
N SER C 213 18.46 -1.16 11.22
CA SER C 213 18.23 -0.26 10.09
C SER C 213 17.84 1.11 10.66
N PRO C 214 17.89 2.17 9.86
CA PRO C 214 17.70 3.52 10.44
C PRO C 214 16.30 3.68 11.01
N GLY C 215 16.24 4.11 12.24
CA GLY C 215 15.00 4.24 12.98
C GLY C 215 14.50 2.98 13.67
N PHE C 216 15.16 1.83 13.50
CA PHE C 216 14.68 0.61 14.12
C PHE C 216 15.27 0.51 15.52
N PHE C 217 14.42 0.24 16.51
CA PHE C 217 14.81 0.09 17.93
C PHE C 217 15.73 -1.10 18.17
N PRO C 218 16.75 -0.94 19.03
CA PRO C 218 17.06 0.33 19.71
C PRO C 218 18.12 1.18 18.99
N GLY C 219 18.62 0.78 17.83
CA GLY C 219 19.45 1.66 17.03
C GLY C 219 20.90 1.29 16.97
N THR C 220 21.40 0.55 17.96
CA THR C 220 22.78 0.12 18.08
C THR C 220 22.95 -1.29 17.47
N GLY C 221 24.18 -1.81 17.59
CA GLY C 221 24.56 -3.14 17.14
C GLY C 221 24.84 -3.17 15.67
N THR C 222 25.22 -2.02 15.10
CA THR C 222 25.43 -1.81 13.68
C THR C 222 26.64 -0.87 13.49
N TRP C 223 26.95 -0.52 12.26
CA TRP C 223 28.07 0.39 12.09
C TRP C 223 27.80 1.71 12.83
N ASN C 224 28.85 2.28 13.43
CA ASN C 224 28.75 3.46 14.27
C ASN C 224 29.54 4.58 13.63
N MET C 225 28.85 5.68 13.30
CA MET C 225 29.42 6.69 12.41
C MET C 225 29.35 8.09 13.01
N ILE C 233 32.72 1.49 11.02
CA ILE C 233 33.37 0.48 11.86
C ILE C 233 32.45 0.09 13.05
N PHE C 234 32.57 -1.15 13.53
CA PHE C 234 31.84 -1.62 14.71
C PHE C 234 32.58 -1.31 16.01
N LEU C 235 31.90 -0.65 16.93
CA LEU C 235 32.43 -0.60 18.28
C LEU C 235 32.25 -2.02 18.83
N ASN C 236 33.17 -2.45 19.71
CA ASN C 236 33.18 -3.85 20.13
C ASN C 236 33.68 -4.01 21.57
N GLY C 237 33.51 -2.97 22.37
CA GLY C 237 34.00 -2.99 23.73
C GLY C 237 35.13 -2.00 23.96
N ALA C 238 35.48 -1.84 25.22
CA ALA C 238 36.46 -0.84 25.54
C ALA C 238 37.28 -1.32 26.73
N GLY C 239 38.52 -0.79 26.81
CA GLY C 239 39.36 -1.08 27.94
C GLY C 239 39.80 -2.53 27.92
N ARG C 240 39.67 -3.18 29.09
CA ARG C 240 39.89 -4.62 29.15
C ARG C 240 38.82 -5.37 28.33
N GLY C 241 37.66 -4.76 28.09
CA GLY C 241 36.63 -5.43 27.33
C GLY C 241 36.75 -5.23 25.82
N ARG C 242 37.83 -4.66 25.32
CA ARG C 242 37.91 -4.48 23.88
C ARG C 242 37.79 -5.83 23.17
N PHE C 243 37.09 -5.86 22.05
CA PHE C 243 36.89 -7.04 21.20
C PHE C 243 35.93 -8.06 21.80
N SER C 244 35.27 -7.75 22.92
CA SER C 244 34.43 -8.76 23.59
C SER C 244 32.92 -8.58 23.33
N ALA C 245 32.50 -7.53 22.59
CA ALA C 245 31.11 -7.29 22.19
C ALA C 245 30.99 -7.57 20.68
N PHE C 246 30.29 -8.64 20.32
CA PHE C 246 30.11 -9.03 18.92
C PHE C 246 28.70 -8.72 18.46
N ASN C 247 28.54 -8.30 17.20
CA ASN C 247 27.24 -7.98 16.66
C ASN C 247 27.13 -8.46 15.24
N LEU C 248 25.96 -8.97 14.86
CA LEU C 248 25.73 -9.30 13.44
C LEU C 248 24.38 -8.77 13.03
N PRO C 249 24.32 -7.52 12.51
CA PRO C 249 23.06 -7.01 11.96
C PRO C 249 22.79 -7.56 10.56
N LEU C 250 21.56 -8.01 10.35
CA LEU C 250 21.08 -8.62 9.10
C LEU C 250 19.90 -7.85 8.53
N GLU C 251 19.76 -7.91 7.21
CA GLU C 251 18.70 -7.19 6.54
C GLU C 251 17.37 -7.89 6.80
N GLU C 252 16.28 -7.14 6.69
CA GLU C 252 14.98 -7.78 6.77
C GLU C 252 14.83 -8.88 5.72
N GLY C 253 13.96 -9.87 6.04
CA GLY C 253 13.51 -10.91 5.12
C GLY C 253 14.24 -12.25 5.22
N ILE C 254 15.20 -12.38 6.12
CA ILE C 254 16.05 -13.56 6.13
C ILE C 254 15.26 -14.78 6.62
N ASN C 255 15.66 -15.95 6.15
CA ASN C 255 14.86 -17.16 6.43
C ASN C 255 15.67 -18.08 7.32
N ASP C 256 15.08 -19.22 7.68
CA ASP C 256 15.73 -20.13 8.61
C ASP C 256 17.15 -20.48 8.13
N LEU C 257 17.27 -20.88 6.86
CA LEU C 257 18.56 -21.43 6.41
C LEU C 257 19.66 -20.36 6.40
N ASP C 258 19.33 -19.18 5.89
CA ASP C 258 20.33 -18.15 5.83
C ASP C 258 20.69 -17.65 7.22
N TRP C 259 19.69 -17.44 8.09
CA TRP C 259 19.96 -17.12 9.48
C TRP C 259 20.91 -18.16 10.11
N SER C 260 20.58 -19.45 9.94
CA SER C 260 21.38 -20.55 10.49
C SER C 260 22.81 -20.55 9.95
N ASN C 261 22.94 -20.45 8.63
CA ASN C 261 24.26 -20.29 8.01
C ASN C 261 24.98 -19.05 8.50
N ALA C 262 24.25 -17.97 8.83
CA ALA C 262 24.90 -16.73 9.24
C ALA C 262 25.50 -16.86 10.63
N ILE C 263 24.81 -17.48 11.57
CA ILE C 263 25.34 -17.45 12.92
C ILE C 263 25.98 -18.76 13.37
N GLY C 264 25.69 -19.86 12.69
CA GLY C 264 26.20 -21.15 13.11
C GLY C 264 27.72 -21.25 13.23
N PRO C 265 28.44 -20.91 12.16
CA PRO C 265 29.90 -20.95 12.22
C PRO C 265 30.47 -19.98 13.23
N ILE C 266 29.82 -18.82 13.42
CA ILE C 266 30.33 -17.84 14.39
C ILE C 266 30.22 -18.38 15.80
N LEU C 267 29.08 -19.02 16.11
CA LEU C 267 28.86 -19.67 17.41
C LEU C 267 29.91 -20.75 17.67
N ASP C 268 30.16 -21.60 16.69
CA ASP C 268 31.14 -22.68 16.87
C ASP C 268 32.52 -22.08 17.09
N SER C 269 32.83 -21.01 16.34
CA SER C 269 34.11 -20.33 16.51
C SER C 269 34.22 -19.67 17.90
N LEU C 270 33.18 -18.94 18.34
CA LEU C 270 33.21 -18.35 19.67
C LEU C 270 33.43 -19.43 20.75
N ASN C 271 32.77 -20.57 20.61
CA ASN C 271 32.97 -21.63 21.58
C ASN C 271 34.41 -22.16 21.56
N ILE C 272 34.96 -22.39 20.35
CA ILE C 272 36.33 -22.94 20.24
C ILE C 272 37.34 -22.00 20.85
N VAL C 273 37.17 -20.69 20.65
CA VAL C 273 38.20 -19.77 21.13
C VAL C 273 37.95 -19.36 22.56
N ILE C 274 36.71 -19.00 22.90
CA ILE C 274 36.46 -18.48 24.22
C ILE C 274 36.40 -19.60 25.23
N GLN C 275 35.93 -20.77 24.84
CA GLN C 275 35.75 -21.87 25.79
C GLN C 275 35.03 -21.39 27.05
N PRO C 276 33.82 -20.83 26.91
CA PRO C 276 33.10 -20.35 28.10
C PRO C 276 32.76 -21.48 29.09
N SER C 277 32.60 -21.11 30.36
CA SER C 277 32.14 -22.03 31.41
C SER C 277 30.62 -22.11 31.50
N TYR C 278 29.92 -21.21 30.83
CA TYR C 278 28.47 -21.08 30.86
C TYR C 278 28.08 -20.33 29.59
N VAL C 279 26.94 -20.70 29.05
CA VAL C 279 26.34 -19.96 27.95
C VAL C 279 24.98 -19.47 28.40
N VAL C 280 24.67 -18.23 28.07
CA VAL C 280 23.33 -17.69 28.37
C VAL C 280 22.74 -17.32 27.01
N VAL C 281 21.62 -17.96 26.64
CA VAL C 281 20.93 -17.68 25.37
C VAL C 281 19.63 -16.90 25.66
N GLN C 282 19.47 -15.75 25.02
CA GLN C 282 18.20 -15.02 25.03
C GLN C 282 17.52 -15.45 23.74
N CYS C 283 16.30 -16.03 23.85
CA CYS C 283 15.67 -16.67 22.69
CA CYS C 283 15.64 -16.68 22.73
C CYS C 283 14.38 -15.98 22.32
N GLY C 284 14.43 -14.65 22.18
CA GLY C 284 13.27 -13.84 21.82
C GLY C 284 12.67 -14.32 20.52
N ALA C 285 11.34 -14.54 20.52
CA ALA C 285 10.62 -15.18 19.43
C ALA C 285 10.16 -14.21 18.37
N ASP C 286 10.56 -12.97 18.45
CA ASP C 286 10.08 -12.00 17.49
C ASP C 286 10.81 -12.06 16.13
N CYS C 287 11.71 -13.04 15.89
CA CYS C 287 12.15 -13.30 14.50
C CYS C 287 11.24 -14.25 13.72
N LEU C 288 10.20 -14.84 14.34
CA LEU C 288 9.27 -15.69 13.59
C LEU C 288 8.60 -14.91 12.49
N ALA C 289 8.43 -15.57 11.34
CA ALA C 289 7.74 -14.99 10.20
C ALA C 289 6.37 -14.46 10.56
N THR C 290 5.71 -15.07 11.55
CA THR C 290 4.37 -14.68 11.98
C THR C 290 4.40 -13.66 13.12
N ASP C 291 5.54 -13.24 13.58
CA ASP C 291 5.56 -12.11 14.54
C ASP C 291 5.02 -10.83 13.89
N PRO C 292 4.22 -10.02 14.61
CA PRO C 292 3.71 -8.79 14.00
C PRO C 292 4.79 -7.83 13.51
N HIS C 293 6.03 -7.91 14.01
CA HIS C 293 7.10 -7.13 13.40
C HIS C 293 7.22 -7.46 11.92
N ARG C 294 6.99 -8.73 11.55
CA ARG C 294 7.13 -9.17 10.16
C ARG C 294 8.46 -8.73 9.56
N ILE C 295 9.56 -9.01 10.23
CA ILE C 295 10.86 -8.59 9.70
C ILE C 295 11.67 -9.77 9.24
N PHE C 296 11.91 -10.75 10.12
CA PHE C 296 12.59 -11.97 9.70
C PHE C 296 11.55 -13.04 9.40
N ARG C 297 11.99 -14.14 8.85
CA ARG C 297 11.01 -15.11 8.40
C ARG C 297 11.33 -16.49 8.95
N LEU C 298 11.76 -16.52 10.21
CA LEU C 298 12.12 -17.79 10.82
C LEU C 298 10.86 -18.60 11.15
N THR C 299 11.03 -19.88 11.48
CA THR C 299 9.89 -20.72 11.75
C THR C 299 10.20 -21.50 13.03
N ASN C 300 9.27 -22.34 13.46
CA ASN C 300 9.49 -23.34 14.49
C ASN C 300 9.46 -24.75 13.90
N PHE C 301 9.65 -24.88 12.57
CA PHE C 301 9.52 -26.19 11.91
C PHE C 301 10.66 -27.14 12.29
N TYR C 302 10.33 -28.42 12.35
CA TYR C 302 11.28 -29.43 12.82
C TYR C 302 11.07 -30.73 12.03
N PRO C 303 11.80 -30.93 10.92
CA PRO C 303 11.72 -32.15 10.11
C PRO C 303 12.44 -33.32 10.75
N LEU C 317 14.23 -26.33 8.53
CA LEU C 317 14.56 -26.44 9.94
C LEU C 317 14.64 -25.06 10.60
N SER C 318 13.80 -24.88 11.61
CA SER C 318 13.79 -23.65 12.40
C SER C 318 15.21 -23.19 12.72
N GLY C 319 15.53 -21.97 12.35
CA GLY C 319 16.85 -21.45 12.66
C GLY C 319 17.09 -21.38 14.15
N TYR C 320 16.04 -21.11 14.89
CA TYR C 320 16.07 -21.19 16.35
C TYR C 320 16.51 -22.55 16.87
N LEU C 321 15.86 -23.62 16.39
CA LEU C 321 16.19 -24.95 16.89
C LEU C 321 17.56 -25.37 16.40
N TYR C 322 17.94 -24.98 15.18
CA TYR C 322 19.30 -25.22 14.72
C TYR C 322 20.35 -24.60 15.68
N ALA C 323 20.20 -23.34 16.02
CA ALA C 323 21.14 -22.67 16.93
C ALA C 323 21.10 -23.25 18.34
N ILE C 324 19.90 -23.52 18.90
CA ILE C 324 19.87 -24.10 20.25
C ILE C 324 20.52 -25.47 20.23
N LYS C 325 20.22 -26.26 19.19
CA LYS C 325 20.82 -27.58 19.13
C LYS C 325 22.34 -27.48 19.03
N LYS C 326 22.86 -26.57 18.21
CA LYS C 326 24.32 -26.42 18.14
C LYS C 326 24.91 -26.00 19.50
N ILE C 327 24.28 -25.04 20.19
CA ILE C 327 24.82 -24.57 21.48
C ILE C 327 24.81 -25.71 22.51
N LEU C 328 23.76 -26.55 22.48
CA LEU C 328 23.73 -27.61 23.48
C LEU C 328 24.70 -28.76 23.15
N SER C 329 25.06 -28.95 21.87
CA SER C 329 26.06 -29.95 21.53
C SER C 329 27.42 -29.63 22.15
N TRP C 330 27.62 -28.41 22.62
CA TRP C 330 28.88 -28.10 23.26
C TRP C 330 29.00 -28.72 24.64
N LYS C 331 27.88 -29.05 25.29
CA LYS C 331 27.90 -29.64 26.64
C LYS C 331 28.53 -28.69 27.65
N VAL C 332 28.24 -27.40 27.47
CA VAL C 332 28.49 -26.33 28.43
C VAL C 332 27.18 -26.05 29.15
N PRO C 333 27.20 -25.88 30.47
CA PRO C 333 26.00 -25.50 31.23
C PRO C 333 25.42 -24.18 30.75
N THR C 334 24.11 -24.14 30.65
CA THR C 334 23.49 -23.15 29.79
C THR C 334 22.21 -22.64 30.43
N LEU C 335 21.98 -21.36 30.27
CA LEU C 335 20.73 -20.74 30.63
C LEU C 335 20.00 -20.34 29.36
N ILE C 336 18.74 -20.77 29.21
CA ILE C 336 17.91 -20.38 28.07
C ILE C 336 16.80 -19.45 28.54
N LEU C 337 16.80 -18.19 28.04
CA LEU C 337 15.81 -17.18 28.43
C LEU C 337 14.89 -16.84 27.26
N GLY C 338 13.69 -16.35 27.58
CA GLY C 338 12.82 -15.88 26.52
C GLY C 338 13.19 -14.50 26.04
N GLY C 339 12.17 -13.68 25.80
CA GLY C 339 12.41 -12.32 25.37
C GLY C 339 11.21 -11.77 24.67
N GLY C 340 11.46 -11.17 23.51
CA GLY C 340 10.41 -10.67 22.65
C GLY C 340 9.62 -11.81 22.05
N GLY C 341 8.47 -11.46 21.51
CA GLY C 341 7.56 -12.40 20.93
C GLY C 341 6.15 -11.87 21.13
N TYR C 342 5.58 -11.32 20.08
CA TYR C 342 4.35 -10.58 20.24
C TYR C 342 3.17 -11.26 19.57
N ASN C 343 3.38 -12.46 18.99
CA ASN C 343 2.33 -13.38 18.56
C ASN C 343 2.36 -14.44 19.65
N PHE C 344 1.47 -14.33 20.65
CA PHE C 344 1.65 -15.16 21.84
C PHE C 344 1.53 -16.65 21.55
N PRO C 345 0.51 -17.11 20.81
CA PRO C 345 0.46 -18.55 20.47
C PRO C 345 1.60 -19.00 19.59
N ASP C 346 2.16 -18.17 18.71
CA ASP C 346 3.31 -18.65 17.98
C ASP C 346 4.57 -18.65 18.84
N THR C 347 4.67 -17.71 19.78
CA THR C 347 5.79 -17.72 20.71
C THR C 347 5.76 -19.00 21.52
N ALA C 348 4.58 -19.35 22.06
CA ALA C 348 4.37 -20.66 22.70
C ALA C 348 4.77 -21.83 21.81
N ARG C 349 4.30 -21.85 20.56
CA ARG C 349 4.62 -22.96 19.67
C ARG C 349 6.13 -23.13 19.52
N LEU C 350 6.83 -22.02 19.45
CA LEU C 350 8.29 -22.08 19.30
C LEU C 350 8.99 -22.51 20.60
N TRP C 351 8.64 -21.87 21.72
CA TRP C 351 9.32 -22.16 22.98
C TRP C 351 9.01 -23.56 23.49
N THR C 352 7.87 -24.14 23.08
CA THR C 352 7.62 -25.53 23.40
C THR C 352 8.53 -26.46 22.62
N ARG C 353 8.85 -26.13 21.37
CA ARG C 353 9.80 -26.96 20.61
C ARG C 353 11.20 -26.76 21.09
N VAL C 354 11.56 -25.52 21.42
CA VAL C 354 12.84 -25.33 22.08
C VAL C 354 12.94 -26.19 23.32
N THR C 355 11.89 -26.18 24.15
CA THR C 355 11.93 -26.93 25.42
C THR C 355 12.14 -28.42 25.15
N ALA C 356 11.35 -28.97 24.24
CA ALA C 356 11.44 -30.37 23.84
C ALA C 356 12.81 -30.74 23.31
N LEU C 357 13.36 -29.88 22.46
CA LEU C 357 14.72 -30.09 21.96
C LEU C 357 15.73 -30.10 23.10
N THR C 358 15.54 -29.24 24.09
CA THR C 358 16.50 -29.27 25.17
C THR C 358 16.42 -30.58 25.92
N ILE C 359 15.21 -31.11 26.13
CA ILE C 359 15.08 -32.42 26.78
C ILE C 359 15.82 -33.48 25.99
N GLU C 360 15.54 -33.58 24.67
CA GLU C 360 16.18 -34.58 23.83
C GLU C 360 17.69 -34.43 23.89
N GLU C 361 18.18 -33.22 23.66
CA GLU C 361 19.61 -33.03 23.51
C GLU C 361 20.35 -33.31 24.81
N VAL C 362 19.72 -32.99 25.94
CA VAL C 362 20.40 -33.10 27.22
C VAL C 362 20.17 -34.45 27.88
N LYS C 363 18.93 -34.95 27.85
CA LYS C 363 18.68 -36.24 28.46
C LYS C 363 18.92 -37.40 27.51
N GLY C 364 19.11 -37.15 26.22
CA GLY C 364 19.17 -38.25 25.27
C GLY C 364 17.84 -38.90 24.97
N LYS C 365 16.74 -38.32 25.44
CA LYS C 365 15.42 -38.92 25.38
C LYS C 365 14.62 -38.33 24.23
N LYS C 366 14.18 -39.18 23.30
CA LYS C 366 13.26 -38.80 22.23
C LYS C 366 12.03 -38.06 22.74
N MET C 367 11.81 -36.84 22.26
CA MET C 367 10.60 -36.10 22.60
C MET C 367 9.79 -35.96 21.33
N THR C 368 8.69 -36.68 21.24
CA THR C 368 7.87 -36.70 20.04
C THR C 368 6.67 -35.83 20.30
N ILE C 369 6.45 -34.87 19.44
CA ILE C 369 5.44 -33.87 19.73
C ILE C 369 4.39 -33.97 18.63
N SER C 370 3.18 -34.31 19.01
CA SER C 370 2.07 -34.39 18.09
C SER C 370 1.94 -33.10 17.28
N PRO C 371 1.66 -33.20 15.98
CA PRO C 371 1.41 -31.98 15.19
C PRO C 371 0.14 -31.26 15.55
N GLU C 372 -0.79 -31.91 16.27
CA GLU C 372 -2.00 -31.25 16.71
C GLU C 372 -1.81 -30.77 18.14
N ILE C 373 -2.20 -29.52 18.40
CA ILE C 373 -2.12 -28.94 19.75
C ILE C 373 -2.97 -29.78 20.68
N PRO C 374 -2.48 -30.18 21.85
CA PRO C 374 -3.29 -30.97 22.76
C PRO C 374 -4.42 -30.15 23.40
N GLU C 375 -5.41 -30.88 23.90
CA GLU C 375 -6.41 -30.28 24.77
C GLU C 375 -5.78 -29.66 26.02
N HIS C 376 -6.14 -28.41 26.30
CA HIS C 376 -5.75 -27.72 27.54
C HIS C 376 -6.53 -26.41 27.53
N SER C 377 -6.44 -25.65 28.61
CA SER C 377 -7.45 -24.59 28.68
C SER C 377 -7.18 -23.42 27.72
N TYR C 378 -5.97 -23.31 27.11
CA TYR C 378 -5.70 -22.30 26.09
C TYR C 378 -5.78 -22.88 24.67
N PHE C 379 -6.33 -24.10 24.50
CA PHE C 379 -6.48 -24.70 23.17
C PHE C 379 -7.11 -23.73 22.15
N SER C 380 -8.18 -23.02 22.56
CA SER C 380 -8.83 -22.09 21.66
C SER C 380 -7.86 -21.02 21.10
N ARG C 381 -6.76 -20.73 21.77
CA ARG C 381 -5.88 -19.69 21.24
C ARG C 381 -5.04 -20.11 20.04
N TYR C 382 -5.00 -21.41 19.69
CA TYR C 382 -4.24 -21.98 18.59
C TYR C 382 -5.10 -22.11 17.31
N GLY C 383 -6.28 -21.50 17.30
CA GLY C 383 -7.13 -21.53 16.12
C GLY C 383 -6.51 -20.69 15.01
N PRO C 384 -6.88 -20.95 13.75
CA PRO C 384 -7.93 -21.89 13.36
C PRO C 384 -7.40 -23.26 12.93
N ASP C 385 -6.08 -23.44 12.94
CA ASP C 385 -5.46 -24.70 12.55
C ASP C 385 -5.31 -25.68 13.72
N PHE C 386 -5.07 -25.17 14.93
CA PHE C 386 -4.77 -25.96 16.13
C PHE C 386 -3.64 -26.94 15.87
N GLU C 387 -2.66 -26.47 15.11
CA GLU C 387 -1.46 -27.23 14.81
C GLU C 387 -0.22 -26.57 15.42
N LEU C 388 0.82 -27.40 15.62
CA LEU C 388 2.03 -26.92 16.28
C LEU C 388 2.93 -26.05 15.37
N ASP C 389 3.10 -26.40 14.09
CA ASP C 389 3.85 -25.56 13.15
C ASP C 389 3.16 -24.24 12.97
N ILE C 390 3.92 -23.14 13.05
CA ILE C 390 3.32 -21.84 12.78
C ILE C 390 2.73 -21.79 11.36
N ASP C 391 1.70 -20.97 11.20
CA ASP C 391 0.96 -20.93 9.92
C ASP C 391 1.68 -19.97 8.98
N TYR C 392 2.70 -20.51 8.28
CA TYR C 392 3.55 -19.72 7.41
C TYR C 392 4.06 -20.64 6.32
N PHE C 393 4.19 -20.09 5.12
CA PHE C 393 4.64 -20.85 3.96
C PHE C 393 5.93 -20.24 3.43
N PRO C 394 7.09 -20.80 3.79
CA PRO C 394 8.37 -20.22 3.37
C PRO C 394 8.50 -20.25 1.86
N HIS C 395 9.06 -19.20 1.29
CA HIS C 395 9.04 -19.09 -0.17
C HIS C 395 10.28 -18.37 -0.72
N GLU C 396 10.49 -18.55 -2.03
CA GLU C 396 11.50 -17.90 -2.88
C GLU C 396 12.95 -18.34 -2.62
N ASP C 403 23.32 -10.30 -0.96
CA ASP C 403 22.73 -10.62 0.35
C ASP C 403 23.65 -11.48 1.23
N SER C 404 24.69 -12.06 0.64
CA SER C 404 25.57 -12.82 1.49
C SER C 404 26.26 -11.85 2.48
N ILE C 405 26.87 -12.42 3.53
CA ILE C 405 27.51 -11.64 4.59
C ILE C 405 28.90 -12.19 4.88
N GLN C 406 29.56 -12.77 3.86
CA GLN C 406 30.89 -13.32 4.08
C GLN C 406 31.86 -12.27 4.59
N LYS C 407 31.66 -11.00 4.25
CA LYS C 407 32.55 -10.00 4.84
C LYS C 407 32.33 -9.81 6.35
N HIS C 408 31.10 -10.01 6.83
CA HIS C 408 30.86 -9.98 8.27
C HIS C 408 31.56 -11.13 8.97
N HIS C 409 31.48 -12.33 8.38
CA HIS C 409 32.22 -13.46 8.94
C HIS C 409 33.68 -13.11 9.12
N ARG C 410 34.26 -12.38 8.15
CA ARG C 410 35.71 -12.12 8.17
C ARG C 410 36.05 -11.09 9.25
N ARG C 411 35.22 -10.06 9.35
CA ARG C 411 35.35 -9.05 10.38
C ARG C 411 35.18 -9.66 11.77
N ILE C 412 34.21 -10.55 11.92
CA ILE C 412 33.95 -11.14 13.22
C ILE C 412 35.10 -12.07 13.63
N LEU C 413 35.58 -12.88 12.71
CA LEU C 413 36.68 -13.77 13.09
C LEU C 413 37.94 -12.96 13.41
N GLU C 414 38.19 -11.90 12.64
CA GLU C 414 39.27 -10.98 12.98
C GLU C 414 39.07 -10.38 14.36
N GLN C 415 37.84 -9.98 14.68
CA GLN C 415 37.59 -9.53 16.03
C GLN C 415 37.97 -10.60 17.05
N LEU C 416 37.61 -11.85 16.76
CA LEU C 416 37.85 -12.94 17.71
C LEU C 416 39.35 -13.18 17.95
N ARG C 417 40.16 -13.06 16.88
CA ARG C 417 41.61 -13.19 17.00
C ARG C 417 42.18 -12.07 17.87
N ASN C 418 41.75 -10.83 17.63
CA ASN C 418 42.07 -9.70 18.49
C ASN C 418 41.66 -9.95 19.95
N TYR C 419 40.45 -10.44 20.19
CA TYR C 419 40.06 -10.85 21.53
C TYR C 419 41.03 -11.89 22.07
N ALA C 420 41.28 -12.94 21.29
CA ALA C 420 42.17 -13.99 21.79
C ALA C 420 43.54 -13.41 22.14
N ASP C 421 44.04 -12.43 21.34
CA ASP C 421 45.38 -11.88 21.54
C ASP C 421 45.44 -10.93 22.74
N LEU C 422 44.47 -10.02 22.84
CA LEU C 422 44.39 -9.22 24.05
C LEU C 422 44.35 -10.07 25.31
N ASN C 423 43.64 -11.20 25.27
CA ASN C 423 43.39 -11.91 26.51
C ASN C 423 44.29 -13.11 26.72
N LYS C 424 45.30 -13.28 25.85
CA LYS C 424 46.31 -14.34 25.99
C LYS C 424 45.66 -15.72 26.02
N LEU C 425 44.70 -15.91 25.12
CA LEU C 425 44.00 -17.16 24.93
C LEU C 425 44.48 -17.84 23.65
N ILE C 426 44.28 -19.15 23.62
CA ILE C 426 44.59 -19.96 22.45
C ILE C 426 43.59 -19.62 21.33
N TYR C 427 44.09 -18.94 20.29
CA TYR C 427 43.41 -18.93 19.00
C TYR C 427 43.88 -20.14 18.19
N ASP C 428 42.98 -21.10 17.98
CA ASP C 428 43.29 -22.32 17.23
C ASP C 428 42.87 -22.15 15.77
N TYR C 429 43.73 -21.47 15.01
CA TYR C 429 43.43 -21.28 13.59
C TYR C 429 43.01 -22.58 12.92
N ASP C 430 43.70 -23.68 13.22
CA ASP C 430 43.45 -24.90 12.48
C ASP C 430 42.04 -25.43 12.72
N GLN C 431 41.58 -25.41 13.97
CA GLN C 431 40.23 -25.91 14.24
C GLN C 431 39.19 -25.00 13.62
N VAL C 432 39.36 -23.68 13.80
CA VAL C 432 38.42 -22.73 13.23
C VAL C 432 38.46 -22.80 11.71
N TYR C 433 39.67 -22.88 11.14
CA TYR C 433 39.79 -23.07 9.70
C TYR C 433 39.00 -24.29 9.24
N GLN C 434 39.17 -25.42 9.94
CA GLN C 434 38.49 -26.65 9.55
C GLN C 434 36.99 -26.48 9.58
N LEU C 435 36.50 -25.76 10.59
CA LEU C 435 35.07 -25.51 10.72
C LEU C 435 34.50 -24.84 9.47
N TYR C 436 35.04 -23.67 9.12
CA TYR C 436 34.60 -22.96 7.92
C TYR C 436 34.87 -23.74 6.62
N ASN C 437 35.93 -24.57 6.63
CA ASN C 437 36.23 -25.43 5.50
C ASN C 437 35.10 -26.39 5.19
N LEU C 438 34.27 -26.71 6.19
CA LEU C 438 33.14 -27.60 5.94
C LEU C 438 32.22 -27.08 4.84
N THR C 439 32.19 -25.75 4.61
CA THR C 439 31.37 -25.15 3.56
C THR C 439 32.20 -24.42 2.50
N GLY C 440 33.48 -24.76 2.36
CA GLY C 440 34.33 -24.10 1.38
C GLY C 440 34.68 -22.66 1.70
N MET C 441 34.71 -22.28 2.99
CA MET C 441 34.98 -20.90 3.35
C MET C 441 36.16 -20.78 4.33
N GLY C 442 37.07 -21.78 4.34
CA GLY C 442 38.29 -21.65 5.13
C GLY C 442 39.04 -20.35 4.93
N SER C 443 39.04 -19.83 3.70
CA SER C 443 39.77 -18.60 3.39
C SER C 443 39.24 -17.38 4.11
N LEU C 444 38.04 -17.44 4.71
CA LEU C 444 37.58 -16.33 5.56
C LEU C 444 38.33 -16.25 6.88
N VAL C 445 38.93 -17.35 7.32
CA VAL C 445 39.54 -17.44 8.65
C VAL C 445 40.88 -16.71 8.63
N PRO C 446 41.09 -15.74 9.49
CA PRO C 446 42.38 -15.05 9.53
C PRO C 446 43.43 -15.91 10.23
N ARG C 447 44.69 -15.61 9.94
CA ARG C 447 45.80 -16.36 10.53
C ARG C 447 45.93 -16.11 12.03
N SER D 3 4.71 20.69 32.52
CA SER D 3 5.87 19.94 32.07
C SER D 3 6.46 20.50 30.77
N VAL D 4 7.65 21.08 30.88
CA VAL D 4 8.44 21.45 29.73
C VAL D 4 9.30 20.24 29.38
N GLY D 5 9.08 19.65 28.19
CA GLY D 5 9.93 18.60 27.68
C GLY D 5 11.08 19.11 26.84
N ILE D 6 12.11 18.29 26.71
CA ILE D 6 13.21 18.59 25.81
C ILE D 6 13.71 17.28 25.21
N VAL D 7 13.97 17.28 23.91
CA VAL D 7 14.42 16.07 23.18
C VAL D 7 15.92 15.93 23.35
N TYR D 8 16.37 14.79 23.93
CA TYR D 8 17.76 14.42 23.88
C TYR D 8 17.88 12.94 24.22
N GLY D 9 19.09 12.42 23.99
CA GLY D 9 19.44 11.02 24.23
C GLY D 9 20.86 10.86 23.78
N ASP D 10 21.54 9.83 24.25
CA ASP D 10 22.94 9.63 23.90
C ASP D 10 23.12 9.39 22.42
N GLN D 11 22.30 8.51 21.84
CA GLN D 11 22.40 8.26 20.40
C GLN D 11 22.03 9.52 19.61
N TYR D 12 21.01 10.24 20.10
CA TYR D 12 20.50 11.40 19.38
C TYR D 12 21.57 12.49 19.31
N ARG D 13 22.25 12.73 20.44
CA ARG D 13 23.37 13.64 20.48
C ARG D 13 24.46 13.23 19.49
N GLN D 14 24.90 11.98 19.50
CA GLN D 14 25.92 11.58 18.51
C GLN D 14 25.47 11.84 17.07
N LEU D 15 24.22 11.53 16.72
CA LEU D 15 23.77 11.79 15.37
C LEU D 15 23.68 13.28 15.09
N CYS D 16 23.09 14.06 16.00
CA CYS D 16 22.96 15.48 15.72
C CYS D 16 24.30 16.16 15.58
N CYS D 17 25.38 15.51 16.05
CA CYS D 17 26.75 16.05 15.91
C CYS D 17 27.57 15.37 14.81
N SER D 18 26.94 14.61 13.91
CA SER D 18 27.75 13.88 12.93
C SER D 18 27.90 14.61 11.61
N SER D 19 27.31 15.80 11.46
CA SER D 19 27.41 16.40 10.13
C SER D 19 28.60 17.35 10.01
N PRO D 20 29.17 17.46 8.80
CA PRO D 20 30.26 18.42 8.56
C PRO D 20 29.84 19.90 8.55
N LYS D 21 28.54 20.23 8.42
CA LYS D 21 28.17 21.64 8.50
C LYS D 21 27.96 22.08 9.94
N PHE D 22 27.23 21.28 10.73
CA PHE D 22 26.86 21.77 12.05
C PHE D 22 27.74 21.20 13.14
N GLY D 23 28.57 20.20 12.82
CA GLY D 23 29.54 19.66 13.74
C GLY D 23 29.00 19.49 15.14
N ASP D 24 29.59 20.14 16.15
CA ASP D 24 29.23 19.83 17.53
C ASP D 24 28.28 20.86 18.14
N ARG D 25 27.68 21.72 17.31
CA ARG D 25 26.74 22.73 17.78
C ARG D 25 25.74 22.17 18.78
N TYR D 26 25.05 21.10 18.41
CA TYR D 26 24.00 20.56 19.27
C TYR D 26 24.59 20.23 20.64
N ALA D 27 25.83 19.75 20.68
CA ALA D 27 26.41 19.35 21.97
C ALA D 27 26.78 20.56 22.81
N LEU D 28 27.27 21.64 22.19
CA LEU D 28 27.42 22.91 22.92
C LEU D 28 26.09 23.36 23.52
N VAL D 29 25.03 23.25 22.74
CA VAL D 29 23.75 23.79 23.20
C VAL D 29 23.32 23.02 24.46
N MET D 30 23.28 21.67 24.35
CA MET D 30 22.76 20.84 25.44
C MET D 30 23.65 20.86 26.67
N ASP D 31 24.96 20.93 26.48
CA ASP D 31 25.92 21.08 27.59
C ASP D 31 25.83 22.46 28.26
N LEU D 32 25.52 23.52 27.52
CA LEU D 32 25.30 24.78 28.22
C LEU D 32 23.97 24.77 29.01
N ILE D 33 22.88 24.26 28.44
CA ILE D 33 21.65 24.03 29.21
C ILE D 33 21.94 23.20 30.44
N ASN D 34 22.76 22.17 30.28
CA ASN D 34 23.11 21.36 31.45
C ASN D 34 23.98 22.15 32.44
N ALA D 35 24.96 22.95 31.95
CA ALA D 35 25.86 23.73 32.80
C ALA D 35 25.10 24.77 33.59
N TYR D 36 23.94 25.21 33.11
CA TYR D 36 23.10 26.14 33.89
C TYR D 36 22.04 25.44 34.73
N LYS D 37 22.09 24.10 34.83
CA LYS D 37 21.26 23.33 35.77
C LYS D 37 19.78 23.37 35.40
N LEU D 38 19.48 23.61 34.11
CA LEU D 38 18.10 23.59 33.63
C LEU D 38 17.57 22.18 33.40
N ILE D 39 18.46 21.22 33.07
CA ILE D 39 18.05 19.83 32.78
C ILE D 39 17.15 19.24 33.87
N PRO D 40 17.50 19.30 35.17
CA PRO D 40 16.58 18.74 36.20
C PRO D 40 15.17 19.36 36.20
N GLU D 41 14.99 20.60 35.71
CA GLU D 41 13.65 21.15 35.50
C GLU D 41 12.89 20.55 34.31
N LEU D 42 13.55 19.83 33.40
CA LEU D 42 12.93 19.47 32.13
C LEU D 42 12.61 17.98 32.07
N SER D 43 11.51 17.66 31.41
CA SER D 43 11.17 16.29 31.10
C SER D 43 11.97 15.85 29.86
N ARG D 44 12.79 14.80 29.98
CA ARG D 44 13.48 14.24 28.80
C ARG D 44 12.48 13.56 27.86
N VAL D 45 12.46 13.97 26.60
CA VAL D 45 11.56 13.34 25.63
C VAL D 45 12.44 12.53 24.68
N PRO D 46 12.34 11.20 24.65
CA PRO D 46 13.27 10.40 23.82
C PRO D 46 12.78 10.34 22.39
N PRO D 47 13.70 10.44 21.43
CA PRO D 47 13.33 10.40 20.00
C PRO D 47 12.51 9.17 19.71
N LEU D 48 11.61 9.31 18.76
CA LEU D 48 10.71 8.24 18.38
C LEU D 48 11.48 7.16 17.64
N GLN D 49 11.28 5.89 18.03
CA GLN D 49 11.80 4.81 17.20
C GLN D 49 10.64 4.01 16.60
N TRP D 50 10.97 3.15 15.64
CA TRP D 50 9.93 2.40 14.93
C TRP D 50 10.15 0.91 15.02
N ASP D 51 9.08 0.18 14.77
CA ASP D 51 9.10 -1.26 14.90
C ASP D 51 9.47 -1.96 13.61
N SER D 52 9.62 -1.23 12.51
CA SER D 52 10.03 -1.88 11.27
C SER D 52 10.47 -0.82 10.27
N PRO D 53 11.28 -1.22 9.28
CA PRO D 53 11.51 -0.36 8.10
C PRO D 53 10.23 0.18 7.48
N SER D 54 9.22 -0.65 7.28
CA SER D 54 7.96 -0.18 6.68
C SER D 54 7.31 0.92 7.51
N ARG D 55 7.32 0.78 8.83
CA ARG D 55 6.72 1.84 9.63
C ARG D 55 7.55 3.13 9.55
N MET D 56 8.87 3.03 9.54
CA MET D 56 9.66 4.24 9.37
C MET D 56 9.37 4.90 8.01
N TYR D 57 9.38 4.09 6.95
CA TYR D 57 9.04 4.56 5.62
C TYR D 57 7.64 5.18 5.57
N GLU D 58 6.65 4.51 6.17
CA GLU D 58 5.31 5.10 6.27
C GLU D 58 5.34 6.50 6.92
N ALA D 59 6.10 6.66 8.02
CA ALA D 59 6.15 7.94 8.69
C ALA D 59 6.80 9.01 7.82
N VAL D 60 7.94 8.70 7.18
CA VAL D 60 8.66 9.76 6.49
C VAL D 60 7.95 10.12 5.18
N THR D 61 7.38 9.12 4.48
CA THR D 61 6.70 9.43 3.21
C THR D 61 5.28 9.92 3.38
N ALA D 62 4.82 10.15 4.61
CA ALA D 62 3.69 11.05 4.86
C ALA D 62 3.89 12.40 4.18
N PHE D 63 5.14 12.85 4.01
CA PHE D 63 5.45 14.05 3.26
C PHE D 63 6.39 13.76 2.11
N HIS D 64 7.52 13.08 2.35
CA HIS D 64 8.54 12.96 1.32
C HIS D 64 8.19 11.82 0.36
N SER D 65 8.74 11.87 -0.85
CA SER D 65 8.43 10.82 -1.82
C SER D 65 9.28 9.60 -1.52
N THR D 66 8.73 8.42 -1.78
CA THR D 66 9.46 7.18 -1.58
C THR D 66 10.81 7.18 -2.33
N GLU D 67 10.84 7.60 -3.60
CA GLU D 67 12.12 7.58 -4.32
C GLU D 67 13.14 8.57 -3.72
N TYR D 68 12.69 9.70 -3.18
CA TYR D 68 13.62 10.63 -2.54
C TYR D 68 14.21 9.95 -1.31
N VAL D 69 13.34 9.34 -0.50
CA VAL D 69 13.76 8.58 0.66
C VAL D 69 14.74 7.49 0.28
N ASP D 70 14.41 6.72 -0.79
CA ASP D 70 15.31 5.69 -1.31
C ASP D 70 16.67 6.25 -1.69
N ALA D 71 16.69 7.43 -2.37
CA ALA D 71 17.93 8.06 -2.83
C ALA D 71 18.80 8.49 -1.67
N LEU D 72 18.17 9.03 -0.60
CA LEU D 72 18.90 9.47 0.59
C LEU D 72 19.51 8.29 1.36
N LYS D 73 18.79 7.20 1.46
CA LYS D 73 19.42 6.07 2.13
C LYS D 73 20.52 5.47 1.26
N LYS D 74 20.34 5.48 -0.08
CA LYS D 74 21.40 4.98 -0.95
C LYS D 74 22.63 5.88 -0.87
N LEU D 75 22.41 7.19 -0.84
CA LEU D 75 23.49 8.14 -0.66
C LEU D 75 24.29 7.86 0.62
N GLN D 76 23.61 7.53 1.72
CA GLN D 76 24.36 7.16 2.92
C GLN D 76 25.20 5.91 2.69
N MET D 77 24.63 4.89 2.05
CA MET D 77 25.38 3.67 1.81
C MET D 77 26.61 3.93 0.96
N LEU D 78 26.48 4.78 -0.07
CA LEU D 78 27.59 5.11 -0.96
C LEU D 78 28.71 5.81 -0.21
N HIS D 79 28.35 6.68 0.74
CA HIS D 79 29.36 7.40 1.49
C HIS D 79 29.97 6.57 2.61
N CYS D 80 29.46 5.36 2.85
CA CYS D 80 30.10 4.46 3.80
C CYS D 80 31.15 3.60 3.12
N GLU D 81 31.24 3.66 1.80
CA GLU D 81 32.34 3.04 1.04
C GLU D 81 32.98 4.03 0.07
N GLU D 84 33.88 6.36 -4.52
CA GLU D 84 32.90 7.38 -4.91
C GLU D 84 31.99 6.96 -6.08
N LEU D 85 31.19 7.91 -6.59
CA LEU D 85 29.92 7.60 -7.23
C LEU D 85 30.06 7.45 -8.73
N THR D 86 29.30 6.53 -9.29
CA THR D 86 29.28 6.41 -10.74
C THR D 86 28.56 7.63 -11.34
N ALA D 87 28.64 7.75 -12.68
CA ALA D 87 27.90 8.82 -13.37
C ALA D 87 26.40 8.68 -13.14
N ASP D 88 25.87 7.44 -13.20
CA ASP D 88 24.44 7.23 -12.97
C ASP D 88 24.03 7.58 -11.52
N ASP D 89 24.81 7.17 -10.53
CA ASP D 89 24.48 7.54 -9.15
C ASP D 89 24.47 9.05 -8.98
N GLU D 90 25.44 9.75 -9.60
CA GLU D 90 25.52 11.21 -9.45
C GLU D 90 24.32 11.89 -10.13
N LEU D 91 23.90 11.37 -11.27
CA LEU D 91 22.67 11.81 -11.91
C LEU D 91 21.44 11.58 -11.02
N LEU D 92 21.33 10.39 -10.45
CA LEU D 92 20.25 10.12 -9.51
C LEU D 92 20.26 11.13 -8.36
N MET D 93 21.42 11.28 -7.70
CA MET D 93 21.48 12.27 -6.60
C MET D 93 21.10 13.67 -7.08
N ASP D 94 21.63 14.08 -8.25
CA ASP D 94 21.34 15.42 -8.75
C ASP D 94 19.85 15.65 -8.91
N SER D 95 19.11 14.61 -9.35
CA SER D 95 17.68 14.84 -9.53
C SER D 95 16.95 15.13 -8.21
N PHE D 96 17.59 14.90 -7.05
CA PHE D 96 17.00 15.27 -5.77
C PHE D 96 17.75 16.42 -5.07
N SER D 97 18.64 17.11 -5.81
CA SER D 97 19.49 18.19 -5.26
C SER D 97 20.28 17.70 -4.06
N LEU D 98 20.61 16.40 -4.07
CA LEU D 98 21.51 15.81 -3.10
C LEU D 98 22.96 16.11 -3.52
N ASN D 99 23.27 17.41 -3.61
CA ASN D 99 24.54 17.93 -4.10
C ASN D 99 24.79 19.34 -3.55
N TYR D 100 26.05 19.79 -3.70
CA TYR D 100 26.48 21.14 -3.36
C TYR D 100 26.23 21.46 -1.88
N ASP D 101 25.21 22.26 -1.58
CA ASP D 101 24.91 22.60 -0.19
C ASP D 101 24.31 21.44 0.62
N CYS D 102 23.84 20.37 -0.06
CA CYS D 102 23.32 19.17 0.58
C CYS D 102 24.07 17.93 0.12
N PRO D 103 25.36 17.86 0.36
CA PRO D 103 26.14 16.70 -0.10
C PRO D 103 25.86 15.49 0.79
N GLY D 104 26.29 14.34 0.31
CA GLY D 104 26.24 13.17 1.15
C GLY D 104 27.37 13.14 2.15
N PHE D 105 27.17 12.33 3.18
CA PHE D 105 28.23 12.07 4.15
C PHE D 105 27.87 10.79 4.87
N PRO D 106 28.82 10.21 5.63
CA PRO D 106 28.65 8.80 6.02
C PRO D 106 27.41 8.51 6.83
N SER D 107 26.84 9.46 7.53
CA SER D 107 25.63 9.15 8.27
C SER D 107 24.45 10.06 7.87
N VAL D 108 24.46 10.59 6.65
CA VAL D 108 23.46 11.62 6.27
C VAL D 108 22.01 11.15 6.44
N PHE D 109 21.72 9.88 6.24
CA PHE D 109 20.34 9.46 6.43
C PHE D 109 20.01 9.33 7.92
N ASP D 110 20.86 8.62 8.67
CA ASP D 110 20.67 8.55 10.14
C ASP D 110 20.57 9.92 10.74
N TYR D 111 21.41 10.86 10.27
CA TYR D 111 21.44 12.23 10.77
C TYR D 111 20.15 12.98 10.46
N SER D 112 19.63 12.80 9.21
CA SER D 112 18.38 13.48 8.82
C SER D 112 17.18 12.92 9.58
N LEU D 113 17.19 11.59 9.75
CA LEU D 113 16.09 10.88 10.35
C LEU D 113 16.00 11.17 11.84
N ALA D 114 17.18 11.33 12.46
CA ALA D 114 17.22 11.71 13.88
C ALA D 114 16.35 12.93 14.16
N ALA D 115 16.55 14.03 13.43
CA ALA D 115 15.72 15.24 13.68
C ALA D 115 14.24 14.90 13.55
N VAL D 116 13.87 14.06 12.56
CA VAL D 116 12.48 13.64 12.40
C VAL D 116 12.00 12.84 13.62
N GLN D 117 12.76 11.80 14.03
CA GLN D 117 12.45 11.07 15.27
C GLN D 117 12.30 12.04 16.45
N GLY D 118 13.16 13.05 16.49
CA GLY D 118 13.05 13.98 17.59
C GLY D 118 11.76 14.77 17.54
N SER D 119 11.48 15.38 16.41
CA SER D 119 10.30 16.25 16.36
C SER D 119 8.98 15.47 16.32
N LEU D 120 9.00 14.21 15.89
CA LEU D 120 7.77 13.42 15.97
C LEU D 120 7.44 13.06 17.42
N ALA D 121 8.46 12.71 18.20
CA ALA D 121 8.21 12.43 19.63
C ALA D 121 7.83 13.70 20.38
N ALA D 122 8.41 14.84 19.98
CA ALA D 122 7.99 16.10 20.58
C ALA D 122 6.49 16.36 20.34
N ALA D 123 6.00 16.06 19.13
CA ALA D 123 4.58 16.23 18.82
C ALA D 123 3.71 15.23 19.57
N SER D 124 4.18 13.99 19.70
CA SER D 124 3.50 13.04 20.56
C SER D 124 3.42 13.52 22.00
N ALA D 125 4.54 14.00 22.57
CA ALA D 125 4.52 14.48 23.96
C ALA D 125 3.42 15.52 24.18
N LEU D 126 3.28 16.49 23.27
CA LEU D 126 2.18 17.47 23.31
C LEU D 126 0.77 16.84 23.16
N ILE D 127 0.59 15.93 22.20
CA ILE D 127 -0.73 15.35 21.90
C ILE D 127 -1.23 14.53 23.10
N CYS D 128 -0.42 13.62 23.59
CA CYS D 128 -0.83 12.86 24.76
C CYS D 128 -0.90 13.74 26.00
N ARG D 129 -0.53 15.01 25.85
CA ARG D 129 -0.52 16.03 26.90
C ARG D 129 0.36 15.62 28.06
N HIS D 130 1.46 14.93 27.77
CA HIS D 130 2.51 14.78 28.77
C HIS D 130 3.18 16.12 29.03
N CYS D 131 3.46 16.89 27.98
CA CYS D 131 4.11 18.17 28.12
C CYS D 131 3.20 19.24 27.55
N GLU D 132 3.28 20.41 28.18
CA GLU D 132 2.69 21.65 27.67
C GLU D 132 3.51 22.23 26.52
N VAL D 133 4.82 22.20 26.66
CA VAL D 133 5.74 22.71 25.66
C VAL D 133 6.85 21.70 25.55
N VAL D 134 7.34 21.47 24.31
CA VAL D 134 8.50 20.60 24.08
C VAL D 134 9.47 21.34 23.16
N ILE D 135 10.73 21.27 23.53
CA ILE D 135 11.84 21.91 22.85
C ILE D 135 12.62 20.82 22.12
N ASN D 136 12.94 21.05 20.85
CA ASN D 136 13.88 20.17 20.14
C ASN D 136 14.93 21.03 19.45
N TRP D 137 16.08 21.18 20.08
CA TRP D 137 17.10 21.94 19.41
C TRP D 137 17.83 21.14 18.36
N GLY D 138 17.56 19.85 18.22
CA GLY D 138 18.11 19.22 17.04
C GLY D 138 17.23 19.30 15.81
N GLY D 139 16.05 19.92 15.90
CA GLY D 139 15.08 19.93 14.82
C GLY D 139 15.01 21.32 14.19
N GLY D 140 14.12 21.47 13.22
CA GLY D 140 13.90 22.81 12.70
C GLY D 140 14.32 22.98 11.25
N TRP D 141 14.39 21.87 10.51
CA TRP D 141 14.97 21.83 9.15
C TRP D 141 13.90 22.16 8.10
N HIS D 142 13.64 23.47 8.02
CA HIS D 142 12.49 24.00 7.33
C HIS D 142 12.65 24.06 5.81
N HIS D 143 13.82 23.80 5.25
CA HIS D 143 13.94 23.99 3.80
C HIS D 143 13.67 22.75 2.94
N ALA D 144 13.61 21.55 3.52
CA ALA D 144 13.51 20.31 2.73
C ALA D 144 12.12 20.19 2.10
N LYS D 145 12.07 19.75 0.85
CA LYS D 145 10.81 19.58 0.11
C LYS D 145 10.50 18.11 -0.12
N ARG D 146 9.31 17.86 -0.64
CA ARG D 146 8.86 16.48 -0.88
C ARG D 146 9.94 15.59 -1.52
N SER D 147 10.57 16.05 -2.62
CA SER D 147 11.64 15.30 -3.29
C SER D 147 12.91 16.14 -3.52
N GLU D 148 13.34 16.90 -2.53
CA GLU D 148 14.53 17.67 -2.82
C GLU D 148 15.10 18.10 -1.49
N ALA D 149 16.42 17.98 -1.34
CA ALA D 149 17.19 18.57 -0.25
C ALA D 149 17.45 20.04 -0.58
N SER D 150 17.55 20.88 0.45
CA SER D 150 17.78 22.31 0.24
C SER D 150 18.31 22.93 1.54
N GLY D 151 19.27 23.85 1.40
CA GLY D 151 19.72 24.63 2.54
C GLY D 151 20.17 23.78 3.69
N PHE D 152 20.94 22.73 3.37
CA PHE D 152 21.39 21.68 4.29
C PHE D 152 20.26 21.03 5.08
N CYS D 153 19.04 21.10 4.57
CA CYS D 153 17.89 20.37 5.09
C CYS D 153 17.62 19.17 4.18
N TYR D 154 17.66 17.96 4.74
CA TYR D 154 17.39 16.78 3.89
C TYR D 154 16.02 16.19 4.10
N LEU D 155 15.56 16.14 5.36
CA LEU D 155 14.24 15.67 5.74
C LEU D 155 13.53 16.77 6.49
N ASN D 156 12.25 17.03 6.13
CA ASN D 156 11.55 18.15 6.82
C ASN D 156 10.83 17.66 8.08
N ASP D 157 11.54 17.75 9.21
CA ASP D 157 11.02 17.27 10.49
C ASP D 157 9.85 18.14 10.95
N ILE D 158 9.86 19.43 10.58
CA ILE D 158 8.77 20.32 10.98
C ILE D 158 7.47 19.90 10.29
N VAL D 159 7.51 19.72 8.96
CA VAL D 159 6.30 19.30 8.26
C VAL D 159 5.75 18.03 8.90
N LEU D 160 6.65 17.08 9.14
CA LEU D 160 6.26 15.78 9.66
C LEU D 160 5.64 15.94 11.05
N ALA D 161 6.26 16.75 11.91
CA ALA D 161 5.66 16.97 13.21
C ALA D 161 4.32 17.66 13.07
N ILE D 162 4.22 18.67 12.19
CA ILE D 162 2.96 19.40 12.12
C ILE D 162 1.88 18.51 11.58
N HIS D 163 2.26 17.65 10.63
CA HIS D 163 1.32 16.66 10.11
C HIS D 163 0.86 15.69 11.21
N ARG D 164 1.75 15.30 12.13
CA ARG D 164 1.27 14.47 13.24
C ARG D 164 0.26 15.25 14.11
N LEU D 165 0.54 16.53 14.39
CA LEU D 165 -0.36 17.31 15.25
C LEU D 165 -1.72 17.46 14.61
N VAL D 166 -1.74 17.72 13.31
CA VAL D 166 -2.98 18.02 12.63
C VAL D 166 -3.84 16.77 12.49
N SER D 167 -3.23 15.58 12.44
CA SER D 167 -4.00 14.36 12.26
C SER D 167 -4.33 13.69 13.58
N SER D 168 -4.64 14.46 14.61
CA SER D 168 -4.99 13.87 15.89
C SER D 168 -6.39 14.32 16.40
N THR D 179 -9.12 21.38 14.31
CA THR D 179 -7.69 21.26 14.63
C THR D 179 -6.79 22.17 13.76
N ARG D 180 -6.25 23.23 14.34
CA ARG D 180 -5.49 24.23 13.62
C ARG D 180 -4.12 24.37 14.26
N VAL D 181 -3.10 24.47 13.43
CA VAL D 181 -1.73 24.68 13.90
C VAL D 181 -1.26 26.02 13.32
N LEU D 182 -0.66 26.83 14.17
CA LEU D 182 0.04 28.02 13.75
C LEU D 182 1.55 27.78 13.78
N TYR D 183 2.17 27.80 12.60
CA TYR D 183 3.62 27.74 12.45
C TYR D 183 4.22 29.15 12.38
N VAL D 184 5.18 29.43 13.27
CA VAL D 184 5.92 30.71 13.36
C VAL D 184 7.38 30.40 13.13
N ASP D 185 7.98 31.08 12.14
CA ASP D 185 9.32 30.75 11.65
C ASP D 185 10.16 31.99 11.82
N LEU D 186 10.99 31.97 12.87
CA LEU D 186 11.79 33.12 13.30
C LEU D 186 13.18 33.11 12.68
N ASP D 187 13.52 32.09 11.89
CA ASP D 187 14.82 32.04 11.24
C ASP D 187 15.06 33.27 10.35
N LEU D 188 16.35 33.57 10.15
CA LEU D 188 16.77 34.56 9.18
C LEU D 188 16.24 34.25 7.78
N HIS D 189 16.09 32.97 7.46
CA HIS D 189 15.70 32.52 6.12
C HIS D 189 14.21 32.16 6.09
N HIS D 190 13.59 32.45 4.96
CA HIS D 190 12.21 32.09 4.74
C HIS D 190 12.03 30.58 4.92
N GLY D 191 10.96 30.18 5.65
CA GLY D 191 10.65 28.76 5.81
C GLY D 191 9.85 28.23 4.62
N ASP D 192 10.51 28.14 3.45
CA ASP D 192 9.79 27.79 2.22
C ASP D 192 9.32 26.34 2.19
N GLY D 193 10.07 25.39 2.80
CA GLY D 193 9.64 24.00 2.74
C GLY D 193 8.35 23.75 3.50
N VAL D 194 8.21 24.32 4.67
CA VAL D 194 6.97 24.17 5.46
C VAL D 194 5.81 24.93 4.79
N GLU D 195 6.08 26.15 4.32
CA GLU D 195 5.05 26.94 3.65
C GLU D 195 4.51 26.19 2.43
N GLU D 196 5.40 25.61 1.64
CA GLU D 196 5.01 24.83 0.46
C GLU D 196 4.20 23.62 0.86
N ALA D 197 4.61 22.95 1.94
CA ALA D 197 3.94 21.72 2.28
C ALA D 197 2.50 21.99 2.62
N PHE D 198 2.20 23.13 3.22
CA PHE D 198 0.86 23.40 3.70
C PHE D 198 0.15 24.46 2.82
N TRP D 199 0.72 24.75 1.66
CA TRP D 199 0.19 25.73 0.70
C TRP D 199 -1.31 25.60 0.44
N TYR D 200 -1.82 24.37 0.39
CA TYR D 200 -3.23 24.13 0.13
C TYR D 200 -4.03 23.79 1.38
N SER D 201 -3.46 23.97 2.56
CA SER D 201 -4.09 23.53 3.81
CA SER D 201 -4.09 23.54 3.81
C SER D 201 -4.48 24.74 4.62
N PRO D 202 -5.77 25.04 4.79
CA PRO D 202 -6.17 26.14 5.69
C PRO D 202 -5.93 25.86 7.17
N ARG D 203 -5.75 24.61 7.59
CA ARG D 203 -5.66 24.36 9.02
C ARG D 203 -4.24 24.43 9.56
N VAL D 204 -3.24 24.68 8.71
CA VAL D 204 -1.89 24.96 9.13
C VAL D 204 -1.57 26.33 8.55
N VAL D 205 -1.58 27.35 9.39
CA VAL D 205 -1.27 28.69 8.96
C VAL D 205 0.21 28.91 9.20
N THR D 206 0.94 29.37 8.18
CA THR D 206 2.38 29.54 8.30
C THR D 206 2.72 31.02 8.31
N PHE D 207 3.63 31.39 9.20
CA PHE D 207 4.07 32.77 9.30
C PHE D 207 5.58 32.78 9.43
N SER D 208 6.27 33.40 8.46
CA SER D 208 7.71 33.49 8.43
C SER D 208 8.12 34.95 8.41
N VAL D 209 8.97 35.30 9.34
CA VAL D 209 9.62 36.60 9.31
C VAL D 209 11.07 36.30 8.95
N HIS D 210 11.63 37.09 8.01
CA HIS D 210 12.95 36.72 7.49
C HIS D 210 13.56 37.91 6.76
N HIS D 211 14.82 37.75 6.40
CA HIS D 211 15.44 38.66 5.47
C HIS D 211 15.09 38.18 4.07
N ALA D 212 14.79 39.13 3.16
CA ALA D 212 14.71 38.72 1.76
C ALA D 212 15.26 39.86 0.91
N SER D 213 15.98 39.52 -0.16
CA SER D 213 16.63 40.49 -1.04
C SER D 213 17.16 39.74 -2.28
N PRO D 214 17.35 40.43 -3.42
CA PRO D 214 17.75 39.72 -4.63
C PRO D 214 19.03 38.94 -4.45
N GLY D 215 18.98 37.64 -4.78
CA GLY D 215 20.13 36.77 -4.61
C GLY D 215 20.16 35.94 -3.33
N PHE D 216 19.28 36.23 -2.38
CA PHE D 216 19.46 35.72 -1.01
C PHE D 216 18.62 34.48 -0.84
N PHE D 217 19.26 33.39 -0.42
CA PHE D 217 18.60 32.12 -0.21
C PHE D 217 17.41 32.27 0.69
N PRO D 218 16.32 31.51 0.43
CA PRO D 218 16.08 30.71 -0.78
C PRO D 218 15.40 31.54 -1.92
N GLY D 219 15.00 32.76 -1.66
CA GLY D 219 14.51 33.59 -2.74
C GLY D 219 13.05 33.87 -2.62
N THR D 220 12.35 33.13 -1.79
CA THR D 220 10.92 33.29 -1.64
C THR D 220 10.58 34.11 -0.40
N GLY D 221 9.29 34.14 -0.09
CA GLY D 221 8.75 34.89 1.03
C GLY D 221 8.68 36.37 0.76
N THR D 222 8.62 36.78 -0.50
CA THR D 222 8.60 38.21 -0.77
C THR D 222 7.73 38.48 -2.00
N TRP D 223 7.81 39.73 -2.48
CA TRP D 223 7.06 40.12 -3.66
C TRP D 223 7.46 39.19 -4.79
N ASN D 224 6.47 38.73 -5.56
CA ASN D 224 6.69 37.68 -6.54
C ASN D 224 6.23 38.09 -7.93
N LEU D 231 1.72 45.75 -10.51
CA LEU D 231 2.34 45.71 -9.19
C LEU D 231 2.69 44.25 -8.84
N PRO D 232 3.92 44.03 -8.41
CA PRO D 232 4.26 42.71 -7.84
C PRO D 232 3.47 42.49 -6.56
N ILE D 233 3.15 41.22 -6.28
CA ILE D 233 2.25 40.87 -5.18
C ILE D 233 2.81 39.68 -4.39
N PHE D 234 2.27 39.49 -3.18
CA PHE D 234 2.55 38.31 -2.37
C PHE D 234 1.63 37.14 -2.70
N LEU D 235 2.22 36.03 -3.08
CA LEU D 235 1.52 34.75 -3.07
C LEU D 235 1.21 34.32 -1.64
N ASN D 236 0.07 33.68 -1.44
CA ASN D 236 -0.26 33.43 -0.05
C ASN D 236 -1.08 32.18 0.21
N GLY D 237 -1.03 31.20 -0.68
CA GLY D 237 -1.77 29.95 -0.58
C GLY D 237 -2.55 29.69 -1.86
N ALA D 238 -3.16 28.50 -1.91
CA ALA D 238 -4.02 28.21 -3.06
C ALA D 238 -5.08 27.21 -2.63
N GLY D 239 -6.13 27.10 -3.46
CA GLY D 239 -7.21 26.20 -3.11
C GLY D 239 -7.90 26.68 -1.87
N ARG D 240 -8.20 25.74 -0.96
CA ARG D 240 -8.74 26.13 0.32
C ARG D 240 -7.69 26.75 1.23
N GLY D 241 -6.40 26.60 0.91
CA GLY D 241 -5.36 27.27 1.66
C GLY D 241 -5.13 28.72 1.28
N ARG D 242 -5.93 29.28 0.39
CA ARG D 242 -5.69 30.69 0.06
C ARG D 242 -5.71 31.53 1.34
N PHE D 243 -4.78 32.49 1.39
CA PHE D 243 -4.56 33.46 2.48
C PHE D 243 -3.98 32.83 3.74
N SER D 244 -3.54 31.57 3.70
CA SER D 244 -3.06 30.90 4.92
C SER D 244 -1.54 30.86 5.03
N ALA D 245 -0.81 31.34 4.03
CA ALA D 245 0.64 31.46 4.18
C ALA D 245 1.00 32.93 4.33
N PHE D 246 1.59 33.32 5.48
CA PHE D 246 1.93 34.70 5.80
C PHE D 246 3.44 34.92 5.76
N ASN D 247 3.85 36.11 5.37
CA ASN D 247 5.26 36.39 5.17
C ASN D 247 5.55 37.85 5.49
N LEU D 248 6.67 38.08 6.16
CA LEU D 248 7.13 39.41 6.53
C LEU D 248 8.62 39.52 6.24
N PRO D 249 8.99 39.96 5.04
CA PRO D 249 10.42 40.15 4.72
C PRO D 249 10.89 41.51 5.21
N LEU D 250 12.08 41.54 5.81
CA LEU D 250 12.59 42.71 6.51
C LEU D 250 13.98 42.99 5.96
N GLU D 251 14.33 44.26 5.91
CA GLU D 251 15.60 44.63 5.32
C GLU D 251 16.76 44.33 6.27
N GLU D 252 17.95 44.29 5.71
CA GLU D 252 19.18 44.16 6.48
C GLU D 252 19.24 45.19 7.61
N GLY D 253 19.89 44.79 8.68
CA GLY D 253 20.26 45.70 9.75
C GLY D 253 19.28 45.83 10.90
N ILE D 254 18.06 45.28 10.79
CA ILE D 254 17.04 45.49 11.83
C ILE D 254 17.55 45.05 13.21
N ASN D 255 17.18 45.77 14.25
CA ASN D 255 17.61 45.48 15.61
C ASN D 255 16.46 44.81 16.35
N ASP D 256 16.68 44.51 17.65
CA ASP D 256 15.70 43.80 18.48
C ASP D 256 14.36 44.50 18.53
N LEU D 257 14.38 45.80 18.88
CA LEU D 257 13.15 46.57 19.06
C LEU D 257 12.32 46.65 17.77
N ASP D 258 12.94 46.99 16.64
CA ASP D 258 12.17 47.12 15.40
C ASP D 258 11.64 45.78 14.92
N TRP D 259 12.46 44.73 14.99
CA TRP D 259 11.94 43.38 14.68
C TRP D 259 10.78 43.00 15.60
N SER D 260 10.88 43.33 16.91
CA SER D 260 9.83 43.02 17.86
C SER D 260 8.55 43.76 17.54
N ASN D 261 8.67 45.02 17.12
CA ASN D 261 7.49 45.79 16.79
C ASN D 261 6.88 45.33 15.49
N ALA D 262 7.70 44.79 14.58
CA ALA D 262 7.17 44.34 13.29
C ALA D 262 6.37 43.06 13.45
N ILE D 263 6.84 42.16 14.30
CA ILE D 263 6.24 40.84 14.45
C ILE D 263 5.17 40.74 15.55
N GLY D 264 5.31 41.53 16.63
CA GLY D 264 4.44 41.40 17.79
C GLY D 264 2.95 41.49 17.51
N PRO D 265 2.51 42.56 16.86
CA PRO D 265 1.08 42.69 16.52
C PRO D 265 0.59 41.61 15.58
N ILE D 266 1.43 41.15 14.67
CA ILE D 266 1.02 40.06 13.75
C ILE D 266 0.83 38.78 14.53
N LEU D 267 1.76 38.46 15.46
CA LEU D 267 1.62 37.29 16.33
C LEU D 267 0.32 37.35 17.11
N ASP D 268 0.07 38.48 17.80
CA ASP D 268 -1.18 38.67 18.56
C ASP D 268 -2.42 38.45 17.69
N SER D 269 -2.41 39.04 16.48
CA SER D 269 -3.55 38.91 15.57
C SER D 269 -3.75 37.48 15.07
N LEU D 270 -2.68 36.80 14.64
CA LEU D 270 -2.81 35.41 14.24
C LEU D 270 -3.46 34.58 15.36
N ASN D 271 -2.98 34.73 16.59
CA ASN D 271 -3.53 33.92 17.68
C ASN D 271 -5.00 34.23 17.91
N ILE D 272 -5.32 35.52 18.04
CA ILE D 272 -6.71 35.97 18.21
C ILE D 272 -7.63 35.33 17.17
N VAL D 273 -7.32 35.52 15.89
CA VAL D 273 -8.21 35.07 14.80
C VAL D 273 -8.05 33.58 14.52
N ILE D 274 -6.84 33.04 14.56
CA ILE D 274 -6.78 31.63 14.20
C ILE D 274 -7.19 30.74 15.38
N GLN D 275 -6.87 31.14 16.61
CA GLN D 275 -7.10 30.29 17.77
C GLN D 275 -6.48 28.90 17.60
N PRO D 276 -5.17 28.81 17.39
CA PRO D 276 -4.58 27.52 17.06
C PRO D 276 -4.70 26.58 18.23
N SER D 277 -4.77 25.28 17.88
CA SER D 277 -4.69 24.22 18.89
C SER D 277 -3.26 23.93 19.30
N TYR D 278 -2.30 24.16 18.40
CA TYR D 278 -0.89 24.04 18.72
C TYR D 278 -0.15 25.17 18.02
N VAL D 279 0.96 25.61 18.64
CA VAL D 279 1.91 26.49 17.99
C VAL D 279 3.24 25.73 17.83
N VAL D 280 3.83 25.86 16.66
CA VAL D 280 5.13 25.31 16.30
C VAL D 280 5.99 26.50 15.90
N VAL D 281 7.08 26.70 16.64
CA VAL D 281 7.99 27.83 16.46
C VAL D 281 9.33 27.28 16.01
N GLN D 282 9.84 27.82 14.93
CA GLN D 282 11.18 27.51 14.45
C GLN D 282 12.03 28.68 14.90
N CYS D 283 13.11 28.40 15.63
CA CYS D 283 13.81 29.45 16.34
C CYS D 283 15.27 29.48 15.90
N GLY D 284 15.48 29.40 14.60
CA GLY D 284 16.81 29.57 14.02
C GLY D 284 17.51 30.82 14.51
N ALA D 285 18.73 30.67 15.01
CA ALA D 285 19.53 31.73 15.65
C ALA D 285 20.39 32.53 14.69
N ASP D 286 20.16 32.44 13.40
CA ASP D 286 21.05 33.16 12.50
C ASP D 286 20.67 34.61 12.31
N CYS D 287 19.63 35.09 13.02
CA CYS D 287 19.33 36.51 13.12
C CYS D 287 20.20 37.26 14.11
N LEU D 288 21.01 36.57 14.93
CA LEU D 288 21.82 37.27 15.93
C LEU D 288 22.81 38.20 15.26
N ALA D 289 23.05 39.34 15.90
CA ALA D 289 24.01 40.32 15.38
C ALA D 289 25.40 39.68 15.16
N THR D 290 25.69 38.54 15.84
CA THR D 290 27.01 37.90 15.79
C THR D 290 27.00 36.63 14.94
N ASP D 291 25.94 36.37 14.27
CA ASP D 291 26.00 35.31 13.29
C ASP D 291 26.87 35.76 12.10
N PRO D 292 27.65 34.83 11.50
CA PRO D 292 28.45 35.21 10.31
C PRO D 292 27.64 35.78 9.16
N HIS D 293 26.32 35.55 9.10
CA HIS D 293 25.55 36.24 8.06
C HIS D 293 25.64 37.75 8.24
N ARG D 294 25.64 38.22 9.50
CA ARG D 294 25.68 39.65 9.83
C ARG D 294 24.58 40.44 9.09
N ILE D 295 23.37 39.89 9.07
CA ILE D 295 22.27 40.54 8.39
C ILE D 295 21.32 41.21 9.38
N PHE D 296 20.78 40.46 10.33
CA PHE D 296 20.01 41.12 11.38
C PHE D 296 20.93 41.39 12.56
N ARG D 297 20.42 42.22 13.49
CA ARG D 297 21.14 42.71 14.67
C ARG D 297 20.44 42.28 15.96
N LEU D 298 19.71 41.15 15.94
CA LEU D 298 19.06 40.60 17.13
C LEU D 298 20.10 40.16 18.18
N THR D 299 19.66 40.06 19.42
CA THR D 299 20.54 39.62 20.51
C THR D 299 19.83 38.51 21.31
N ASN D 300 20.53 38.05 22.35
CA ASN D 300 19.95 37.24 23.40
C ASN D 300 19.80 38.03 24.73
N PHE D 301 19.78 39.37 24.70
CA PHE D 301 19.80 40.08 25.98
C PHE D 301 18.47 39.92 26.71
N TYR D 302 18.54 39.92 28.04
CA TYR D 302 17.37 39.70 28.88
C TYR D 302 17.52 40.63 30.08
N PRO D 303 17.04 41.86 29.95
CA PRO D 303 17.43 42.94 30.89
C PRO D 303 16.77 42.80 32.27
N SER D 316 17.75 46.86 25.51
CA SER D 316 16.82 46.16 24.64
C SER D 316 16.63 44.69 25.07
N LEU D 317 15.42 44.19 24.89
CA LEU D 317 15.11 42.79 25.10
C LEU D 317 15.30 42.03 23.77
N SER D 318 15.97 40.90 23.84
CA SER D 318 16.11 40.02 22.66
C SER D 318 14.81 39.87 21.89
N GLY D 319 14.91 40.02 20.56
CA GLY D 319 13.72 39.84 19.74
C GLY D 319 13.18 38.45 19.86
N TYR D 320 14.07 37.45 19.96
CA TYR D 320 13.64 36.07 20.14
C TYR D 320 12.89 35.87 21.46
N LEU D 321 13.44 36.38 22.58
CA LEU D 321 12.80 36.19 23.88
C LEU D 321 11.47 36.92 23.94
N TYR D 322 11.42 38.12 23.37
CA TYR D 322 10.16 38.81 23.20
C TYR D 322 9.10 37.91 22.53
N ALA D 323 9.45 37.31 21.36
CA ALA D 323 8.44 36.57 20.58
C ALA D 323 8.07 35.31 21.30
N ILE D 324 9.05 34.65 21.93
CA ILE D 324 8.74 33.35 22.52
C ILE D 324 7.85 33.56 23.72
N LYS D 325 8.12 34.62 24.51
CA LYS D 325 7.34 34.88 25.70
C LYS D 325 5.94 35.28 25.32
N LYS D 326 5.80 36.10 24.29
CA LYS D 326 4.49 36.37 23.72
C LYS D 326 3.76 35.06 23.37
N ILE D 327 4.39 34.20 22.57
CA ILE D 327 3.68 32.99 22.10
C ILE D 327 3.31 32.09 23.27
N LEU D 328 4.19 31.99 24.28
CA LEU D 328 3.92 31.19 25.46
C LEU D 328 2.85 31.82 26.37
N SER D 329 2.65 33.14 26.30
CA SER D 329 1.55 33.75 27.06
C SER D 329 0.19 33.30 26.55
N TRP D 330 0.10 32.80 25.31
CA TRP D 330 -1.17 32.31 24.84
C TRP D 330 -1.63 31.02 25.51
N LYS D 331 -0.75 30.33 26.26
CA LYS D 331 -1.09 29.05 26.90
C LYS D 331 -1.66 28.05 25.90
N VAL D 332 -1.00 27.96 24.75
CA VAL D 332 -1.34 26.94 23.75
C VAL D 332 -0.24 25.89 23.75
N PRO D 333 -0.52 24.60 23.61
CA PRO D 333 0.59 23.64 23.53
C PRO D 333 1.52 23.98 22.38
N THR D 334 2.83 24.03 22.68
CA THR D 334 3.82 24.61 21.78
C THR D 334 5.06 23.74 21.57
N LEU D 335 5.51 23.68 20.30
CA LEU D 335 6.73 23.00 19.89
C LEU D 335 7.75 24.08 19.52
N ILE D 336 8.91 24.05 20.20
CA ILE D 336 10.01 24.95 19.92
C ILE D 336 11.14 24.16 19.29
N LEU D 337 11.56 24.61 18.12
CA LEU D 337 12.55 23.94 17.32
C LEU D 337 13.71 24.87 16.99
N GLY D 338 14.88 24.26 16.80
CA GLY D 338 16.09 24.88 16.36
C GLY D 338 16.01 25.40 14.94
N GLY D 339 17.13 25.30 14.25
CA GLY D 339 17.22 25.74 12.89
C GLY D 339 18.63 26.27 12.64
N GLY D 340 18.68 27.36 11.89
CA GLY D 340 19.95 27.97 11.55
C GLY D 340 20.63 28.48 12.81
N GLY D 341 21.91 28.83 12.67
CA GLY D 341 22.69 29.39 13.78
C GLY D 341 24.08 28.91 13.44
N TYR D 342 24.97 29.81 12.98
CA TYR D 342 26.33 29.41 12.57
C TYR D 342 27.41 29.98 13.47
N ASN D 343 27.06 30.69 14.52
CA ASN D 343 28.01 31.03 15.56
C ASN D 343 27.58 30.11 16.71
N PHE D 344 28.36 29.07 16.96
CA PHE D 344 27.73 27.99 17.72
C PHE D 344 27.64 28.37 19.20
N PRO D 345 28.65 29.03 19.79
CA PRO D 345 28.49 29.40 21.21
C PRO D 345 27.37 30.38 21.39
N ASP D 346 27.23 31.30 20.43
CA ASP D 346 26.16 32.29 20.54
C ASP D 346 24.77 31.68 20.32
N THR D 347 24.64 30.72 19.37
CA THR D 347 23.42 29.92 19.28
C THR D 347 23.11 29.27 20.64
N ALA D 348 24.10 28.68 21.26
CA ALA D 348 23.91 28.14 22.62
C ALA D 348 23.48 29.22 23.61
N ARG D 349 24.14 30.35 23.56
CA ARG D 349 23.76 31.43 24.47
C ARG D 349 22.31 31.79 24.29
N LEU D 350 21.88 31.92 23.05
CA LEU D 350 20.47 32.22 22.77
C LEU D 350 19.54 31.07 23.20
N TRP D 351 19.80 29.82 22.76
CA TRP D 351 18.84 28.76 23.06
C TRP D 351 18.80 28.42 24.56
N THR D 352 19.91 28.62 25.27
CA THR D 352 19.91 28.43 26.74
C THR D 352 18.99 29.44 27.42
N ARG D 353 18.98 30.67 26.94
CA ARG D 353 18.02 31.60 27.49
C ARG D 353 16.57 31.28 27.10
N VAL D 354 16.35 30.84 25.84
CA VAL D 354 15.01 30.39 25.45
C VAL D 354 14.53 29.22 26.31
N THR D 355 15.44 28.34 26.66
CA THR D 355 14.99 27.21 27.43
C THR D 355 14.56 27.63 28.81
N ALA D 356 15.35 28.54 29.41
CA ALA D 356 15.07 29.01 30.75
C ALA D 356 13.79 29.84 30.78
N LEU D 357 13.57 30.67 29.75
CA LEU D 357 12.33 31.44 29.62
C LEU D 357 11.11 30.52 29.58
N THR D 358 11.18 29.44 28.80
CA THR D 358 10.08 28.50 28.70
C THR D 358 9.80 27.86 30.06
N ILE D 359 10.84 27.49 30.79
CA ILE D 359 10.62 27.00 32.15
C ILE D 359 9.90 28.06 33.01
N GLU D 360 10.37 29.30 32.99
CA GLU D 360 9.73 30.31 33.82
C GLU D 360 8.25 30.49 33.44
N GLU D 361 7.96 30.62 32.15
CA GLU D 361 6.62 30.98 31.75
C GLU D 361 5.66 29.82 31.92
N VAL D 362 6.18 28.59 31.88
CA VAL D 362 5.30 27.43 31.91
C VAL D 362 5.08 26.96 33.32
N LYS D 363 6.17 26.77 34.07
CA LYS D 363 6.08 26.32 35.46
C LYS D 363 5.82 27.45 36.48
N GLY D 364 6.07 28.72 36.14
CA GLY D 364 5.84 29.79 37.09
C GLY D 364 6.98 29.91 38.08
N LYS D 365 8.19 29.60 37.64
CA LYS D 365 9.29 29.28 38.53
C LYS D 365 10.50 30.11 38.10
N LYS D 366 10.92 31.04 38.97
CA LYS D 366 12.05 31.92 38.71
C LYS D 366 13.30 31.15 38.28
N MET D 367 13.91 31.61 37.18
CA MET D 367 15.11 30.98 36.61
C MET D 367 16.22 32.02 36.67
N THR D 368 17.26 31.76 37.47
CA THR D 368 18.36 32.70 37.67
C THR D 368 19.55 32.17 36.89
N ILE D 369 19.94 32.86 35.84
CA ILE D 369 21.13 32.46 35.10
C ILE D 369 22.27 33.40 35.45
N SER D 370 23.36 32.83 35.99
CA SER D 370 24.57 33.61 36.16
C SER D 370 24.97 34.30 34.85
N PRO D 371 25.32 35.59 34.89
CA PRO D 371 25.79 36.27 33.67
C PRO D 371 27.12 35.74 33.12
N GLU D 372 27.96 35.12 33.94
CA GLU D 372 29.14 34.48 33.38
C GLU D 372 28.84 33.00 33.08
N ILE D 373 29.47 32.51 32.03
CA ILE D 373 29.29 31.11 31.59
C ILE D 373 29.86 30.18 32.66
N PRO D 374 29.13 29.16 33.11
CA PRO D 374 29.68 28.25 34.10
C PRO D 374 30.70 27.32 33.49
N GLU D 375 31.61 26.85 34.34
CA GLU D 375 32.57 25.86 33.89
C GLU D 375 31.84 24.61 33.44
N HIS D 376 32.25 24.08 32.28
CA HIS D 376 31.74 22.84 31.75
C HIS D 376 32.66 22.43 30.60
N SER D 377 32.35 21.28 29.99
CA SER D 377 33.21 20.70 28.94
C SER D 377 33.61 21.70 27.86
N TYR D 378 32.69 22.57 27.47
CA TYR D 378 32.85 23.48 26.34
C TYR D 378 33.20 24.90 26.78
N PHE D 379 33.49 25.08 28.07
CA PHE D 379 33.77 26.40 28.64
C PHE D 379 34.72 27.24 27.78
N SER D 380 35.67 26.59 27.10
CA SER D 380 36.69 27.33 26.38
C SER D 380 36.17 27.96 25.10
N ARG D 381 35.02 27.50 24.58
CA ARG D 381 34.46 28.02 23.35
C ARG D 381 33.78 29.38 23.51
N TYR D 382 33.55 29.84 24.73
CA TYR D 382 32.74 31.02 25.05
C TYR D 382 33.59 32.27 25.27
N GLY D 383 34.79 32.29 24.72
CA GLY D 383 35.67 33.44 24.80
C GLY D 383 35.32 34.67 23.98
N PRO D 384 36.04 35.77 24.25
CA PRO D 384 37.07 35.69 25.27
C PRO D 384 36.50 36.10 26.60
N ASP D 385 35.21 36.44 26.64
CA ASP D 385 34.61 37.07 27.81
C ASP D 385 33.94 36.09 28.78
N PHE D 386 33.49 34.92 28.31
CA PHE D 386 32.87 33.92 29.16
C PHE D 386 31.63 34.47 29.83
N GLU D 387 30.95 35.37 29.13
CA GLU D 387 29.67 35.95 29.49
C GLU D 387 28.51 35.32 28.67
N LEU D 388 27.32 35.29 29.29
CA LEU D 388 26.15 34.70 28.61
C LEU D 388 25.59 35.61 27.49
N ASP D 389 25.53 36.93 27.74
CA ASP D 389 25.22 37.88 26.67
C ASP D 389 26.18 37.72 25.50
N ILE D 390 25.65 37.82 24.26
CA ILE D 390 26.53 37.83 23.13
C ILE D 390 27.38 39.10 23.18
N ASP D 391 28.52 39.06 22.49
CA ASP D 391 29.45 40.20 22.44
C ASP D 391 29.04 41.18 21.31
N TYR D 392 28.04 42.00 21.59
CA TYR D 392 27.56 42.93 20.58
C TYR D 392 27.01 44.18 21.25
N PHE D 393 27.30 45.34 20.66
CA PHE D 393 26.89 46.63 21.21
C PHE D 393 25.85 47.30 20.32
N PRO D 394 24.56 47.22 20.65
CA PRO D 394 23.53 47.82 19.78
C PRO D 394 23.43 49.33 19.98
N SER D 404 7.11 51.33 5.51
CA SER D 404 7.37 50.00 4.95
C SER D 404 6.87 48.84 5.85
N ILE D 405 7.23 48.85 7.14
CA ILE D 405 6.67 47.88 8.07
C ILE D 405 5.18 48.14 8.28
N GLN D 406 4.78 49.42 8.33
CA GLN D 406 3.36 49.75 8.46
C GLN D 406 2.57 49.30 7.23
N LYS D 407 3.17 49.40 6.03
CA LYS D 407 2.54 48.88 4.82
C LYS D 407 2.42 47.36 4.84
N HIS D 408 3.41 46.64 5.39
CA HIS D 408 3.26 45.18 5.50
C HIS D 408 2.15 44.83 6.47
N HIS D 409 2.05 45.59 7.57
CA HIS D 409 1.00 45.33 8.55
C HIS D 409 -0.37 45.51 7.94
N ARG D 410 -0.56 46.60 7.21
CA ARG D 410 -1.78 46.82 6.42
C ARG D 410 -2.10 45.63 5.50
N ARG D 411 -1.09 45.17 4.75
CA ARG D 411 -1.24 44.05 3.83
C ARG D 411 -1.58 42.76 4.58
N ILE D 412 -0.85 42.44 5.66
CA ILE D 412 -1.08 41.19 6.40
C ILE D 412 -2.45 41.21 7.07
N LEU D 413 -2.86 42.35 7.62
CA LEU D 413 -4.17 42.39 8.28
C LEU D 413 -5.30 42.08 7.30
N GLU D 414 -5.25 42.66 6.09
CA GLU D 414 -6.21 42.34 5.04
C GLU D 414 -6.16 40.86 4.65
N GLN D 415 -4.95 40.30 4.50
CA GLN D 415 -4.79 38.85 4.33
C GLN D 415 -5.51 38.06 5.44
N LEU D 416 -5.27 38.41 6.69
CA LEU D 416 -5.94 37.76 7.80
C LEU D 416 -7.47 37.92 7.71
N ARG D 417 -7.92 39.11 7.29
CA ARG D 417 -9.35 39.31 7.07
C ARG D 417 -9.87 38.36 5.98
N ASN D 418 -9.15 38.26 4.84
CA ASN D 418 -9.54 37.35 3.76
C ASN D 418 -9.52 35.91 4.20
N TYR D 419 -8.54 35.54 5.01
CA TYR D 419 -8.47 34.16 5.51
C TYR D 419 -9.68 33.88 6.39
N ALA D 420 -9.96 34.80 7.32
CA ALA D 420 -11.05 34.64 8.28
C ALA D 420 -12.38 34.56 7.57
N ASP D 421 -12.62 35.46 6.60
CA ASP D 421 -13.82 35.33 5.76
C ASP D 421 -13.87 33.96 5.11
N LEU D 422 -12.76 33.58 4.44
CA LEU D 422 -12.75 32.37 3.63
C LEU D 422 -13.03 31.13 4.46
N ASN D 423 -12.59 31.11 5.71
CA ASN D 423 -12.77 29.92 6.52
C ASN D 423 -13.89 30.06 7.56
N LYS D 424 -14.74 31.08 7.44
CA LYS D 424 -15.91 31.29 8.31
C LYS D 424 -15.53 31.51 9.77
N LEU D 425 -14.38 32.11 10.04
CA LEU D 425 -14.01 32.32 11.45
C LEU D 425 -14.72 33.52 12.07
ZN ZN E . 2.54 -25.27 -25.97
K K F . 1.85 -29.47 -20.38
K K G . 2.67 -26.65 -5.64
C17 GQN H . 6.75 -22.86 -33.65
C16 GQN H . 5.92 -22.09 -32.82
C14 GQN H . 6.25 -21.72 -31.40
C12 GQN H . 6.44 -22.22 -29.12
C11 GQN H . 5.28 -22.61 -28.46
O15 GQN H . 6.16 -20.54 -31.14
N13 GQN H . 6.59 -22.60 -30.43
C06 GQN H . 5.04 -22.22 -27.14
C07 GQN H . 3.81 -22.70 -26.41
N09 GQN H . 3.98 -22.99 -25.12
O10 GQN H . 2.98 -23.41 -24.23
O08 GQN H . 2.74 -22.85 -27.00
C05 GQN H . 5.98 -21.45 -26.46
C04 GQN H . 7.14 -21.05 -27.12
C03 GQN H . 7.37 -21.43 -28.44
O02 GQN H . 8.55 -20.98 -29.00
C01 GQN H . 9.65 -21.90 -29.21
C27 GQN H . 4.75 -21.58 -33.35
C26 GQN H . 4.36 -21.84 -34.66
C19 GQN H . 5.18 -22.61 -35.49
C18 GQN H . 6.37 -23.12 -34.98
C20 GQN H . 4.71 -22.86 -36.90
C25 GQN H . 5.49 -23.63 -37.78
C24 GQN H . 5.03 -23.83 -39.09
C23 GQN H . 3.82 -23.28 -39.49
C22 GQN H . 3.04 -22.51 -38.62
C21 GQN H . 3.50 -22.30 -37.32
C1 GOL I . -4.59 -15.90 -28.72
O1 GOL I . -4.33 -14.84 -27.84
C2 GOL I . -6.05 -16.21 -28.62
O2 GOL I . -6.46 -16.24 -27.29
C3 GOL I . -6.35 -17.49 -29.38
O3 GOL I . -7.29 -18.31 -28.69
C1 GOL J . 19.34 -6.85 -16.75
O1 GOL J . 18.18 -7.39 -16.13
C2 GOL J . 19.23 -7.03 -18.26
O2 GOL J . 18.78 -5.84 -18.92
C3 GOL J . 18.35 -8.22 -18.64
O3 GOL J . 18.20 -7.98 -20.04
C1 GOL K . 11.58 -30.72 -12.53
O1 GOL K . 12.66 -31.56 -12.13
C2 GOL K . 12.09 -29.30 -12.89
O2 GOL K . 12.73 -29.33 -14.11
C3 GOL K . 11.04 -28.19 -12.99
O3 GOL K . 9.84 -28.77 -13.45
C1 GOL L . -24.87 -28.85 -37.71
O1 GOL L . -24.09 -28.62 -38.85
C2 GOL L . -24.87 -27.59 -36.86
O2 GOL L . -25.42 -27.85 -35.58
C3 GOL L . -25.64 -26.51 -37.59
O3 GOL L . -24.72 -25.52 -37.99
C1 DMF M . -19.55 -34.82 -27.14
C2 DMF M . -18.01 -34.40 -29.09
C DMF M . -20.27 -35.30 -29.39
O DMF M . -20.04 -35.71 -30.52
N DMF M . -19.31 -34.86 -28.58
ZN ZN N . -19.96 6.45 -14.30
K K O . -18.42 10.40 -19.94
K K P . -23.71 9.70 -34.08
C17 GQN Q . -19.31 1.12 -7.06
C16 GQN Q . -18.56 0.87 -8.21
C14 GQN Q . -19.26 0.67 -9.53
C12 GQN Q . -19.23 0.93 -11.92
C11 GQN Q . -19.68 2.22 -12.25
O15 GQN Q . -20.44 0.41 -9.48
N13 GQN Q . -18.60 0.73 -10.72
C06 GQN Q . -20.33 2.44 -13.45
C07 GQN Q . -20.80 3.83 -13.85
N09 GQN Q . -20.75 4.11 -15.16
O10 GQN Q . -21.36 5.21 -15.77
O08 GQN Q . -21.11 4.66 -13.02
C05 GQN Q . -20.50 1.40 -14.34
C04 GQN Q . -20.06 0.14 -14.03
C03 GQN Q . -19.43 -0.12 -12.83
O02 GQN Q . -18.99 -1.39 -12.62
C01 GQN Q . -17.63 -1.69 -12.98
C27 GQN Q . -17.16 0.79 -8.11
C26 GQN Q . -16.52 0.95 -6.88
C19 GQN Q . -17.26 1.20 -5.74
C18 GQN Q . -18.66 1.28 -5.83
C20 GQN Q . -16.57 1.38 -4.40
C25 GQN Q . -17.31 1.63 -3.25
C24 GQN Q . -16.67 1.80 -2.02
C23 GQN Q . -15.29 1.72 -1.94
C22 GQN Q . -14.54 1.46 -3.09
C21 GQN Q . -15.18 1.29 -4.32
C1 GOL R . -43.33 6.25 -12.61
O1 GOL R . -42.46 5.54 -11.78
C2 GOL R . -44.47 6.80 -11.78
O2 GOL R . -45.54 5.87 -11.76
C3 GOL R . -44.98 8.09 -12.41
O3 GOL R . -45.29 7.84 -13.77
C1 GOL S . -42.65 1.25 -13.45
O1 GOL S . -41.87 2.33 -13.81
C2 GOL S . -43.89 1.72 -12.73
O2 GOL S . -44.61 0.50 -12.65
C3 GOL S . -44.48 2.80 -13.66
O3 GOL S . -45.37 3.72 -13.05
C1 GOL T . -31.73 7.93 -9.41
O1 GOL T . -30.70 7.94 -8.42
C2 GOL T . -32.25 6.51 -9.59
O2 GOL T . -31.21 5.58 -9.37
C3 GOL T . -32.93 6.24 -10.93
O3 GOL T . -32.79 4.87 -11.24
C1 GOL U . -15.27 4.08 -29.77
O1 GOL U . -15.83 4.21 -28.47
C2 GOL U . -13.79 3.72 -29.77
O2 GOL U . -13.34 2.98 -28.64
C3 GOL U . -12.95 4.98 -30.02
O3 GOL U . -11.96 4.68 -30.96
C1 GOL V . -40.43 5.65 -28.11
O1 GOL V . -39.87 6.04 -26.87
C2 GOL V . -41.71 6.42 -28.42
O2 GOL V . -42.27 6.75 -27.18
C3 GOL V . -42.72 5.62 -29.24
O3 GOL V . -42.28 5.36 -30.57
C1 GOL W . -32.80 1.38 -33.09
O1 GOL W . -34.01 1.98 -33.51
C2 GOL W . -33.17 0.04 -32.47
O2 GOL W . -32.05 -0.81 -32.48
C3 GOL W . -34.38 -0.58 -33.17
O3 GOL W . -34.75 -1.78 -32.53
C1 DMF X . -33.36 28.69 -23.60
C2 DMF X . -32.28 29.56 -21.45
C DMF X . -31.64 27.46 -22.46
O DMF X . -30.69 27.47 -21.67
N DMF X . -32.42 28.54 -22.50
C1 DMF Y . -25.97 29.14 -8.50
C2 DMF Y . -24.19 27.34 -7.98
C DMF Y . -25.26 28.54 -6.25
O DMF Y . -24.50 27.82 -5.59
N DMF Y . -25.17 28.35 -7.55
C1 DMF Z . -34.47 29.65 -3.63
C2 DMF Z . -32.26 29.80 -2.39
C DMF Z . -33.15 31.71 -3.64
O DMF Z . -32.03 32.23 -3.62
N DMF Z . -33.28 30.44 -3.24
C1 DMF AA . -16.40 22.61 4.88
C2 DMF AA . -16.59 20.51 3.44
C DMF AA . -14.85 20.71 5.04
O DMF AA . -14.04 20.12 4.32
N DMF AA . -15.92 21.27 4.48
C1 DMF BA . -40.55 15.82 3.72
C2 DMF BA . -38.88 17.06 5.25
C DMF BA . -38.28 16.37 3.03
O DMF BA . -37.11 16.46 3.37
N DMF BA . -39.21 16.40 3.97
C1 DMF CA . -47.84 18.36 -7.79
C2 DMF CA . -46.28 19.61 -6.29
C DMF CA . -46.21 19.94 -8.76
O DMF CA . -45.40 20.89 -8.74
N DMF CA . -46.74 19.32 -7.67
C1 DMF DA . -6.25 16.79 -19.59
C2 DMF DA . -4.60 17.03 -17.67
C DMF DA . -4.77 18.70 -19.41
O DMF DA . -3.70 19.16 -19.00
N DMF DA . -5.20 17.55 -18.91
C1 DMF EA . -6.01 8.73 -20.98
C2 DMF EA . -5.47 9.14 -23.46
C DMF EA . -6.32 7.00 -22.58
O DMF EA . -6.16 6.49 -23.67
N DMF EA . -5.93 8.25 -22.35
C1 DMF FA . -22.71 3.89 1.28
C2 DMF FA . -23.18 4.30 -1.20
C DMF FA . -22.61 6.13 0.34
O DMF FA . -23.07 7.01 -0.38
N DMF FA . -22.83 4.82 0.14
ZN ZN GA . 12.82 -8.21 20.43
K K HA . 19.49 -10.16 19.24
K K IA . 32.01 -7.80 27.10
C17 GQN JA . 6.32 -3.81 17.70
C16 GQN JA . 5.80 -4.04 18.95
C14 GQN JA . 6.77 -3.96 20.10
C12 GQN JA . 9.05 -3.34 20.66
C11 GQN JA . 9.64 -4.58 20.93
O15 GQN JA . 6.52 -4.60 21.10
N13 GQN JA . 7.88 -3.21 19.95
C06 GQN JA . 10.83 -4.68 21.65
C07 GQN JA . 11.52 -6.01 21.97
N09 GQN JA . 12.83 -6.02 22.31
O10 GQN JA . 13.62 -7.17 22.55
O08 GQN JA . 10.90 -7.05 21.92
C05 GQN JA . 11.44 -3.51 22.08
C04 GQN JA . 10.88 -2.27 21.82
C03 GQN JA . 9.69 -2.18 21.11
O02 GQN JA . 9.18 -0.93 20.86
C01 GQN JA . 9.76 0.22 21.43
C27 GQN JA . 4.43 -4.32 19.07
C26 GQN JA . 3.61 -4.37 17.93
C19 GQN JA . 4.18 -4.14 16.67
C18 GQN JA . 5.53 -3.88 16.58
C20 GQN JA . 3.46 -4.16 15.35
C25 GQN JA . 4.24 -3.91 14.21
C24 GQN JA . 3.68 -3.90 12.94
C23 GQN JA . 2.31 -4.15 12.82
C22 GQN JA . 1.52 -4.41 13.95
C21 GQN JA . 2.10 -4.42 15.23
C1 GOL KA . 7.15 -11.22 31.44
O1 GOL KA . 7.92 -11.62 32.57
C2 GOL KA . 6.32 -12.40 30.97
O2 GOL KA . 6.89 -13.60 31.44
C3 GOL KA . 6.23 -12.50 29.45
O3 GOL KA . 6.24 -13.90 29.13
C1 GOL LA . 11.08 -6.06 33.22
O1 GOL LA . 12.27 -6.66 33.68
C2 GOL LA . 10.36 -7.21 32.57
O2 GOL LA . 9.85 -8.18 33.51
C3 GOL LA . 9.40 -6.69 31.52
O3 GOL LA . 9.51 -7.24 30.23
C1 DMF MA . 24.12 -31.54 28.25
C2 DMF MA . 26.06 -30.93 29.79
C DMF MA . 24.60 -29.27 28.85
O DMF MA . 25.24 -28.49 29.54
N DMF MA . 24.91 -30.53 28.96
C1 DMF NA . 12.40 -32.68 20.05
C2 DMF NA . 12.17 -30.29 19.31
C DMF NA . 10.38 -31.77 18.97
O DMF NA . 9.88 -30.74 18.49
N DMF NA . 11.60 -31.61 19.44
C1 DMF OA . 8.04 -38.64 26.32
C2 DMF OA . 7.75 -38.04 23.88
C DMF OA . 7.17 -36.48 25.55
O DMF OA . 6.60 -35.88 24.64
N DMF OA . 7.65 -37.69 25.27
C1 DMF PA . 2.87 -27.48 35.86
C2 DMF PA . 3.90 -25.48 34.64
C DMF PA . 1.50 -25.77 34.85
O DMF PA . 1.29 -25.11 33.83
N DMF PA . 2.73 -26.22 35.10
C1 DMF QA . 21.67 -11.84 5.04
C2 DMF QA . 20.81 -13.40 3.20
C DMF QA . 22.56 -14.04 4.75
O DMF QA . 22.96 -14.88 3.94
N DMF QA . 21.71 -13.12 4.33
ZN ZN RA . 18.54 30.19 8.45
K K SA . 12.01 32.73 8.97
K K TA . -1.29 26.95 4.75
C17 GQN UA . 27.35 29.58 6.64
C16 GQN UA . 26.34 30.07 5.80
C14 GQN UA . 25.14 29.20 5.49
C12 GQN UA . 22.95 28.95 4.55
C11 GQN UA . 22.14 28.91 5.70
O15 GQN UA . 25.09 28.17 6.12
N13 GQN UA . 24.19 29.55 4.61
C06 GQN UA . 20.87 28.30 5.67
C07 GQN UA . 19.97 28.26 6.90
N09 GQN UA . 18.70 27.88 6.74
O10 GQN UA . 17.72 28.20 7.67
O08 GQN UA . 20.37 28.60 8.01
C05 GQN UA . 20.40 27.78 4.47
C04 GQN UA . 21.19 27.83 3.32
C03 GQN UA . 22.44 28.42 3.36
O02 GQN UA . 23.18 28.44 2.21
C01 GQN UA . 22.60 28.06 0.95
C27 GQN UA . 26.49 31.35 5.28
C26 GQN UA . 27.61 32.11 5.59
C19 GQN UA . 28.61 31.62 6.43
C18 GQN UA . 28.47 30.33 6.95
C20 GQN UA . 29.81 32.44 6.76
C25 GQN UA . 30.80 31.94 7.60
C24 GQN UA . 31.93 32.71 7.91
C23 GQN UA . 32.06 34.00 7.38
C22 GQN UA . 31.06 34.51 6.54
C21 GQN UA . 29.95 33.73 6.23
C1 GOL VA . 5.68 33.45 -0.46
O1 GOL VA . 6.62 32.42 -0.72
C2 GOL VA . 5.99 34.54 -1.49
O2 GOL VA . 4.93 35.37 -1.90
C3 GOL VA . 6.60 33.81 -2.67
O3 GOL VA . 7.90 34.30 -2.71
C1 DMF WA . 1.05 26.17 29.90
C2 DMF WA . 2.63 27.89 28.84
C DMF WA . 1.24 26.41 27.52
O DMF WA . 1.99 26.65 26.58
N DMF WA . 1.62 26.81 28.72
C1 DMF XA . 17.59 34.16 31.96
C2 DMF XA . 15.95 34.22 29.99
C DMF XA . 15.21 33.78 32.19
O DMF XA . 14.09 33.83 31.69
N DMF XA . 16.23 34.03 31.41
C1 DMF YA . 18.69 16.87 10.39
C2 DMF YA . 16.49 16.52 9.07
C DMF YA . 18.35 17.60 8.10
O DMF YA . 17.53 17.60 7.19
N DMF YA . 17.87 17.01 9.17
C1 DMF ZA . 12.78 -0.24 0.88
C2 DMF ZA . 12.96 -1.47 3.13
C DMF ZA . 10.96 -0.26 2.48
O DMF ZA . 10.52 -0.48 3.60
N DMF ZA . 12.20 -0.65 2.17
#